data_8DYW
#
_entry.id   8DYW
#
_cell.length_a   1.00
_cell.length_b   1.00
_cell.length_c   1.00
_cell.angle_alpha   90.00
_cell.angle_beta   90.00
_cell.angle_gamma   90.00
#
_symmetry.space_group_name_H-M   'P 1'
#
loop_
_entity.id
_entity.type
_entity.pdbx_description
1 polymer 'Circumsporozoite protein'
2 polymer '239 Fab light chain'
3 polymer '239 Fab heavy chain'
#
loop_
_entity_poly.entity_id
_entity_poly.type
_entity_poly.pdbx_seq_one_letter_code
_entity_poly.pdbx_strand_id
1 'polypeptide(L)'
;YGSSSNTRVLNELNYDNAGTNLYNELEMNYYGKQENWYSLKKNSRSLGENDDGNNEDNEKLRKPKHKKLKQPADGNPDPN
ANPNVDPNANPNVDPNANPNVDPNANPNANPNANPNANPNANPNANPNANPNANPNANPNANPNANPNANPNANPNANPN
ANPNANPNKNNQGNGQGHNMPNDPNRNVDENANANSAVKNNNNEEPSDKHIKEYLNKIQNSLSTEWSPCSVTCGNGIQVR
IKPGSANKPKDELDYANDIEKKICKMEKCSSVFNVVNS
;
I
2 'polypeptide(L)'
;DIQMTQSPSTLSASVGDRVTITCRASQSVSTSLAWYQQKPGKAPNLLIYQASTLYRGVPSRFSGSGSGTEFTLTIGSLQP
DDFATYYCQHYNSYSRITFGQGTRLEIKRTVAAPSVFIFPPSDEQLKSGTASVVCLLNNFYPREAKVQWKVDNALQSGNS
QESVTEQDSKDSTYSLSSTLTLSKADYEKHKVYACEVTHQGLSSPVTKSFNRGEC
;
L,B,D,F,N,P,R,T,V,X
3 'polypeptide(L)'
;QVQLVESGGGVVQPGRSLRLSCAASRLTFRNFGMHWVRQTPGKGLEWVAVIWHDGSNKFYADSVEGRFTISRDNSKNTLY
LQMNSLRDEDTAIYYCAKDWGGASDRVFDYWGRGTLVIVSSASTKGPSVFPLAPSSKSTSGGTAALGCLVKDYFPEPVTV
SWNSGALTSGVHTFPAVLQSSGLYSLSSVVTVPSSSLGTQTYICNVNHKPSNTKVDKKVEPKSCDKTHTCPPCPAPELLG
GPSVFLFPPKPKDTLMISRTPEVTCVVVDVSHEDPEVKFNWYVDGVEVHNAKTKPREEQYNSTYRVVSVLTVLHQDWLNG
KEYKCKVSNKALPAPIEKTISKAKGQPREPQVYTLPPSRDELTKNQVSLTCLVKGFYPSDIAVEWESNGQPENNYKTTPP
VLDSDGSFFLYSKLTVDKSRWQQGNVFSCSVMHEALHNHYTQKSLSLSPG
;
H,A,C,E,M,O,Q,S,U,W
#
# COMPACT_ATOMS: atom_id res chain seq x y z
N ASP A 86 49.15 41.66 -5.18
CA ASP A 86 49.06 42.71 -4.17
C ASP A 86 48.52 42.14 -2.86
N PRO A 87 49.36 42.09 -1.83
CA PRO A 87 48.91 41.58 -0.52
C PRO A 87 47.84 42.43 0.14
N ASN A 88 47.67 43.68 -0.28
CA ASN A 88 46.74 44.61 0.36
C ASN A 88 45.36 44.60 -0.27
N ALA A 89 45.10 43.70 -1.21
CA ALA A 89 43.77 43.60 -1.79
C ALA A 89 42.76 43.21 -0.73
N ASN A 90 41.55 43.75 -0.83
CA ASN A 90 40.49 43.64 0.16
C ASN A 90 40.15 42.18 0.46
N PRO A 91 40.47 41.68 1.66
CA PRO A 91 40.13 40.30 2.04
C PRO A 91 38.78 40.21 2.74
N ASN A 92 37.71 40.43 2.00
CA ASN A 92 36.35 40.35 2.54
C ASN A 92 35.43 39.75 1.49
N VAL A 93 34.12 39.84 1.75
CA VAL A 93 33.13 39.16 0.92
C VAL A 93 32.15 40.13 0.26
N ASP A 94 32.47 41.43 0.26
CA ASP A 94 31.66 42.41 -0.46
C ASP A 94 30.21 42.38 0.03
N PRO A 95 29.93 42.92 1.22
CA PRO A 95 28.60 42.75 1.83
C PRO A 95 27.43 43.20 0.95
N ASN A 96 27.69 43.78 -0.22
CA ASN A 96 26.62 44.21 -1.11
C ASN A 96 26.30 43.19 -2.19
N ALA A 97 26.71 41.93 -2.00
CA ALA A 97 26.35 40.88 -2.95
C ALA A 97 24.85 40.66 -2.94
N ASN A 98 24.33 40.16 -4.05
CA ASN A 98 22.88 39.98 -4.23
C ASN A 98 22.37 38.97 -3.21
N PRO A 99 21.46 39.38 -2.32
CA PRO A 99 20.99 38.49 -1.25
C PRO A 99 19.70 37.73 -1.54
N ASN A 100 19.16 37.81 -2.76
CA ASN A 100 17.87 37.24 -3.07
C ASN A 100 18.04 35.92 -3.81
N VAL A 101 16.92 35.26 -4.07
CA VAL A 101 16.91 34.01 -4.82
C VAL A 101 16.81 34.34 -6.30
N ASP A 102 17.57 33.62 -7.12
CA ASP A 102 17.49 33.77 -8.56
C ASP A 102 16.08 33.40 -9.02
N PRO A 103 15.32 34.32 -9.62
CA PRO A 103 13.97 33.96 -10.08
C PRO A 103 13.96 33.23 -11.41
N ASN A 104 15.12 33.08 -12.06
CA ASN A 104 15.22 32.36 -13.31
C ASN A 104 15.85 30.98 -13.15
N ALA A 105 15.90 30.45 -11.92
CA ALA A 105 16.36 29.10 -11.73
C ALA A 105 15.39 28.12 -12.37
N ASN A 106 15.90 26.96 -12.78
CA ASN A 106 15.14 25.94 -13.49
C ASN A 106 13.86 25.59 -12.73
N PRO A 107 12.70 25.97 -13.26
CA PRO A 107 11.43 25.71 -12.58
C PRO A 107 10.75 24.41 -12.99
N ASN A 108 11.31 23.67 -13.94
CA ASN A 108 10.70 22.47 -14.47
C ASN A 108 10.87 21.32 -13.49
N ALA A 109 10.45 20.13 -13.92
CA ALA A 109 10.75 18.92 -13.18
C ALA A 109 12.02 18.29 -13.73
N ASN A 110 12.59 17.37 -12.94
CA ASN A 110 13.81 16.69 -13.35
C ASN A 110 13.43 15.43 -14.11
N PRO A 111 13.55 15.38 -15.44
CA PRO A 111 13.07 14.23 -16.19
C PRO A 111 13.94 12.99 -16.03
N ASN A 112 15.12 13.11 -15.44
CA ASN A 112 16.04 11.99 -15.28
C ASN A 112 16.00 11.41 -13.87
N ALA A 113 15.00 11.76 -13.07
CA ALA A 113 14.86 11.18 -11.75
C ALA A 113 14.60 9.68 -11.86
N ASN A 114 14.94 8.94 -10.79
CA ASN A 114 14.86 7.49 -10.76
C ASN A 114 13.45 7.03 -11.10
N PRO A 115 13.23 6.43 -12.27
CA PRO A 115 11.89 6.02 -12.69
C PRO A 115 11.51 4.61 -12.30
N ASN A 116 12.42 3.83 -11.74
CA ASN A 116 12.20 2.43 -11.46
C ASN A 116 11.56 2.25 -10.09
N ALA A 117 11.29 1.00 -9.75
CA ALA A 117 10.73 0.68 -8.45
C ALA A 117 11.84 0.64 -7.40
N ASN A 118 11.43 0.62 -6.13
CA ASN A 118 12.36 0.56 -5.03
C ASN A 118 12.59 -0.89 -4.65
N PRO A 119 13.74 -1.49 -5.00
CA PRO A 119 13.94 -2.92 -4.71
C PRO A 119 14.16 -3.22 -3.25
N ASN A 120 14.23 -2.22 -2.38
CA ASN A 120 14.40 -2.43 -0.95
C ASN A 120 13.17 -2.04 -0.16
N ALA A 121 12.01 -1.97 -0.80
CA ALA A 121 10.77 -1.71 -0.09
C ALA A 121 10.46 -2.86 0.86
N ASN A 122 9.76 -2.54 1.95
CA ASN A 122 9.45 -3.50 3.00
C ASN A 122 8.69 -4.69 2.42
N PRO A 123 9.32 -5.86 2.34
CA PRO A 123 8.68 -7.01 1.68
C PRO A 123 7.96 -7.95 2.63
N ASN A 124 8.04 -7.72 3.93
CA ASN A 124 7.47 -8.61 4.92
C ASN A 124 5.97 -8.39 5.04
N ALA A 125 5.32 -9.26 5.79
CA ALA A 125 3.90 -9.09 6.05
C ALA A 125 3.68 -7.94 7.02
N ASN A 126 2.41 -7.67 7.32
CA ASN A 126 2.06 -6.61 8.25
C ASN A 126 1.68 -7.25 9.58
N PRO A 127 2.51 -7.17 10.62
CA PRO A 127 2.16 -7.80 11.89
C PRO A 127 1.14 -7.00 12.70
N ASN A 128 0.62 -5.90 12.17
CA ASN A 128 -0.42 -5.13 12.83
C ASN A 128 -1.71 -5.08 12.02
N ALA A 129 -1.90 -6.03 11.11
CA ALA A 129 -3.19 -6.15 10.44
C ALA A 129 -4.26 -6.53 11.45
N ASN A 130 -5.50 -6.17 11.14
CA ASN A 130 -6.60 -6.29 12.08
C ASN A 130 -6.84 -7.76 12.45
N PRO A 131 -6.48 -8.20 13.66
CA PRO A 131 -6.62 -9.61 14.05
C PRO A 131 -7.97 -9.88 14.73
N ASN A 132 -9.06 -9.66 14.01
CA ASN A 132 -10.39 -9.84 14.59
C ASN A 132 -11.32 -10.37 13.51
N ALA A 133 -12.44 -10.93 13.95
CA ALA A 133 -13.53 -11.29 13.07
C ALA A 133 -14.33 -10.04 12.73
N ASN A 134 -15.00 -10.08 11.58
CA ASN A 134 -15.74 -8.91 11.11
C ASN A 134 -17.06 -8.84 11.87
N PRO A 135 -17.28 -7.82 12.70
CA PRO A 135 -18.56 -7.72 13.41
C PRO A 135 -19.73 -7.46 12.50
N ASN A 136 -19.51 -6.98 11.28
CA ASN A 136 -20.58 -6.79 10.30
C ASN A 136 -20.33 -7.75 9.15
N ALA A 137 -20.77 -8.99 9.34
CA ALA A 137 -20.85 -9.98 8.28
C ALA A 137 -22.24 -9.92 7.68
N ASN A 138 -22.64 -10.96 6.96
CA ASN A 138 -24.02 -11.09 6.49
C ASN A 138 -24.74 -12.07 7.40
N PRO A 139 -25.34 -11.58 8.49
CA PRO A 139 -25.98 -12.47 9.48
C PRO A 139 -27.40 -12.83 9.10
N ASN A 140 -27.54 -13.67 8.08
CA ASN A 140 -28.84 -14.09 7.59
C ASN A 140 -28.74 -15.51 7.09
N ALA A 141 -29.88 -16.16 6.93
CA ALA A 141 -29.90 -17.44 6.23
C ALA A 141 -29.73 -17.20 4.74
N ASN A 142 -29.37 -18.25 4.01
CA ASN A 142 -29.16 -18.13 2.58
C ASN A 142 -30.48 -18.37 1.87
N PRO A 143 -31.08 -17.36 1.23
CA PRO A 143 -32.37 -17.59 0.56
C PRO A 143 -32.25 -18.45 -0.69
N ASN A 144 -31.06 -18.62 -1.24
CA ASN A 144 -30.86 -19.39 -2.46
C ASN A 144 -30.26 -20.77 -2.20
N ALA A 145 -30.30 -21.24 -0.95
CA ALA A 145 -29.88 -22.59 -0.65
C ALA A 145 -30.81 -23.60 -1.32
N ASN A 146 -30.28 -24.77 -1.65
CA ASN A 146 -30.99 -25.81 -2.36
C ASN A 146 -32.30 -26.15 -1.64
N PRO A 147 -33.44 -25.80 -2.22
CA PRO A 147 -34.73 -26.05 -1.56
C PRO A 147 -35.37 -27.39 -1.87
N ASN A 148 -34.67 -28.26 -2.60
CA ASN A 148 -35.24 -29.50 -3.09
C ASN A 148 -34.87 -30.65 -2.17
N ALA A 149 -35.55 -31.77 -2.35
CA ALA A 149 -35.21 -32.98 -1.61
C ALA A 149 -34.00 -33.65 -2.25
N ASN A 150 -33.40 -34.58 -1.50
CA ASN A 150 -32.21 -35.28 -1.98
C ASN A 150 -32.65 -36.49 -2.81
N PRO A 151 -32.41 -36.50 -4.12
CA PRO A 151 -32.79 -37.69 -4.91
C PRO A 151 -31.96 -38.91 -4.60
N ASN A 152 -30.79 -38.75 -3.99
CA ASN A 152 -29.90 -39.86 -3.66
C ASN A 152 -30.10 -40.37 -2.25
N ALA A 153 -31.17 -39.96 -1.57
CA ALA A 153 -31.49 -40.54 -0.28
C ALA A 153 -31.75 -42.03 -0.42
N ASN A 154 -31.30 -42.80 0.58
CA ASN A 154 -31.35 -44.25 0.53
C ASN A 154 -32.79 -44.74 0.35
N PRO A 155 -33.11 -45.34 -0.80
CA PRO A 155 -34.48 -45.81 -1.04
C PRO A 155 -34.75 -47.24 -0.58
N ASN A 156 -33.78 -47.88 0.08
CA ASN A 156 -33.92 -49.26 0.53
C ASN A 156 -34.52 -49.30 1.93
N ALA A 157 -35.16 -50.42 2.24
CA ALA A 157 -35.72 -50.62 3.57
C ALA A 157 -34.61 -50.88 4.58
N ASN A 158 -34.95 -50.74 5.87
CA ASN A 158 -34.00 -50.95 6.94
C ASN A 158 -33.99 -52.41 7.33
N PRO A 159 -32.88 -53.14 7.17
CA PRO A 159 -32.83 -54.53 7.63
C PRO A 159 -32.65 -54.68 9.13
N ASN A 160 -32.50 -53.57 9.85
CA ASN A 160 -32.18 -53.61 11.27
C ASN A 160 -33.37 -53.27 12.16
N ALA A 161 -34.59 -53.23 11.60
CA ALA A 161 -35.76 -53.03 12.44
C ALA A 161 -36.05 -54.28 13.25
N ASN A 162 -36.89 -54.13 14.27
CA ASN A 162 -37.11 -55.20 15.24
C ASN A 162 -37.79 -56.39 14.59
N PRO A 163 -37.18 -57.59 14.61
CA PRO A 163 -37.81 -58.78 14.03
C PRO A 163 -38.71 -59.56 14.98
N ASN A 164 -39.08 -59.00 16.12
CA ASN A 164 -39.83 -59.73 17.13
C ASN A 164 -41.23 -59.17 17.27
N ALA A 165 -42.15 -60.03 17.71
CA ALA A 165 -43.54 -59.62 17.91
C ALA A 165 -43.74 -59.03 19.30
N ASP B 1 12.71 -3.37 14.24
CA ASP B 1 11.83 -2.85 15.29
C ASP B 1 12.04 -1.36 15.51
N ILE B 2 11.13 -0.76 16.27
CA ILE B 2 11.19 0.66 16.62
C ILE B 2 11.32 0.76 18.13
N GLN B 3 12.40 1.38 18.60
CA GLN B 3 12.62 1.48 20.03
C GLN B 3 11.83 2.67 20.56
N MET B 4 11.28 2.54 21.76
CA MET B 4 10.52 3.62 22.37
C MET B 4 11.25 4.16 23.58
N THR B 5 11.54 5.46 23.56
CA THR B 5 12.19 6.15 24.65
C THR B 5 11.21 7.13 25.27
N GLN B 6 10.99 7.00 26.57
CA GLN B 6 10.10 7.90 27.30
C GLN B 6 10.89 8.61 28.39
N SER B 7 10.66 9.91 28.51
CA SER B 7 11.39 10.75 29.44
C SER B 7 10.41 11.57 30.29
N PRO B 8 10.75 11.83 31.55
CA PRO B 8 11.92 11.37 32.29
C PRO B 8 11.77 9.93 32.80
N SER B 9 12.87 9.30 33.21
CA SER B 9 12.78 7.96 33.79
C SER B 9 11.96 7.96 35.07
N THR B 10 12.15 8.96 35.92
CA THR B 10 11.40 9.12 37.15
C THR B 10 11.07 10.60 37.33
N LEU B 11 9.83 10.88 37.74
CA LEU B 11 9.35 12.25 37.93
C LEU B 11 8.45 12.27 39.16
N SER B 12 8.89 12.98 40.20
CA SER B 12 8.14 13.04 41.44
C SER B 12 7.29 14.30 41.51
N ALA B 13 6.08 14.15 42.04
CA ALA B 13 5.17 15.28 42.21
C ALA B 13 4.16 14.93 43.29
N SER B 14 3.49 15.96 43.80
CA SER B 14 2.52 15.81 44.87
C SER B 14 1.09 16.03 44.35
N VAL B 15 0.13 15.77 45.24
CA VAL B 15 -1.28 15.84 44.86
C VAL B 15 -1.63 17.26 44.43
N GLY B 16 -2.44 17.36 43.37
CA GLY B 16 -2.87 18.63 42.85
C GLY B 16 -1.97 19.24 41.80
N ASP B 17 -0.83 18.61 41.52
CA ASP B 17 0.12 19.13 40.55
C ASP B 17 -0.25 18.67 39.14
N ARG B 18 0.44 19.23 38.15
CA ARG B 18 0.28 18.85 36.75
C ARG B 18 1.63 18.36 36.23
N VAL B 19 1.64 17.17 35.63
CA VAL B 19 2.85 16.56 35.12
C VAL B 19 2.63 16.15 33.68
N THR B 20 3.72 16.11 32.91
CA THR B 20 3.71 15.67 31.52
C THR B 20 4.78 14.62 31.32
N ILE B 21 4.42 13.51 30.70
CA ILE B 21 5.36 12.43 30.39
C ILE B 21 5.42 12.29 28.87
N THR B 22 6.63 12.25 28.33
CA THR B 22 6.85 12.21 26.90
C THR B 22 7.26 10.82 26.45
N CYS B 23 7.15 10.57 25.14
CA CYS B 23 7.59 9.33 24.54
C CYS B 23 8.17 9.66 23.17
N ARG B 24 9.42 9.26 22.95
CA ARG B 24 10.17 9.62 21.75
C ARG B 24 10.44 8.37 20.92
N ALA B 25 10.05 8.42 19.65
CA ALA B 25 10.21 7.27 18.77
C ALA B 25 11.45 7.40 17.91
N SER B 26 12.01 6.24 17.51
CA SER B 26 13.16 6.25 16.61
C SER B 26 12.79 6.76 15.23
N GLN B 27 11.55 6.58 14.81
CA GLN B 27 11.09 7.00 13.49
C GLN B 27 9.59 7.20 13.55
N SER B 28 9.04 7.88 12.54
CA SER B 28 7.65 8.28 12.55
C SER B 28 6.71 7.10 12.74
N VAL B 29 5.83 7.21 13.72
CA VAL B 29 4.79 6.21 13.98
C VAL B 29 3.40 6.78 13.76
N SER B 30 3.34 7.94 13.09
CA SER B 30 2.09 8.66 12.81
C SER B 30 1.39 8.92 14.14
N THR B 31 0.17 8.43 14.37
CA THR B 31 -0.53 8.62 15.63
C THR B 31 -0.82 7.28 16.32
N SER B 32 -0.08 6.23 15.96
CA SER B 32 -0.33 4.89 16.48
C SER B 32 0.47 4.66 17.77
N LEU B 33 0.02 5.32 18.83
CA LEU B 33 0.62 5.17 20.16
C LEU B 33 -0.44 4.92 21.21
N ALA B 34 -0.02 4.32 22.31
CA ALA B 34 -0.91 4.02 23.42
C ALA B 34 -0.15 4.20 24.72
N TRP B 35 -0.86 4.61 25.76
CA TRP B 35 -0.29 4.83 27.08
C TRP B 35 -0.92 3.88 28.07
N TYR B 36 -0.07 3.24 28.88
CA TYR B 36 -0.52 2.25 29.86
C TYR B 36 -0.08 2.68 31.25
N GLN B 37 -0.94 2.40 32.23
CA GLN B 37 -0.64 2.67 33.64
C GLN B 37 -0.62 1.33 34.37
N GLN B 38 0.52 1.02 35.00
CA GLN B 38 0.70 -0.22 35.73
C GLN B 38 0.89 0.09 37.21
N LYS B 39 -0.07 -0.32 38.03
CA LYS B 39 0.18 -0.22 39.46
C LYS B 39 0.89 -1.46 39.97
N PRO B 40 1.68 -1.35 41.03
CA PRO B 40 2.47 -2.51 41.48
C PRO B 40 1.59 -3.71 41.81
N GLY B 41 2.03 -4.88 41.37
CA GLY B 41 1.32 -6.11 41.58
C GLY B 41 0.20 -6.39 40.61
N LYS B 42 -0.08 -5.49 39.68
CA LYS B 42 -1.18 -5.63 38.74
C LYS B 42 -0.70 -5.45 37.31
N ALA B 43 -1.46 -6.03 36.38
CA ALA B 43 -1.17 -5.84 34.97
C ALA B 43 -1.55 -4.42 34.54
N PRO B 44 -0.79 -3.83 33.62
CA PRO B 44 -1.08 -2.46 33.19
C PRO B 44 -2.45 -2.36 32.54
N ASN B 45 -3.05 -1.17 32.65
CA ASN B 45 -4.37 -0.90 32.10
C ASN B 45 -4.27 0.17 31.02
N LEU B 46 -5.19 0.12 30.06
CA LEU B 46 -5.16 1.03 28.93
C LEU B 46 -5.63 2.42 29.36
N LEU B 47 -4.91 3.45 28.91
CA LEU B 47 -5.26 4.83 29.18
C LEU B 47 -5.64 5.61 27.92
N ILE B 48 -4.76 5.62 26.93
CA ILE B 48 -4.94 6.38 25.69
C ILE B 48 -4.69 5.46 24.51
N TYR B 49 -5.51 5.59 23.47
CA TYR B 49 -5.25 4.96 22.19
C TYR B 49 -5.36 6.00 21.08
N GLN B 50 -4.72 5.71 19.96
CA GLN B 50 -4.63 6.64 18.83
C GLN B 50 -3.90 7.91 19.25
N ALA B 51 -3.19 7.84 20.39
CA ALA B 51 -2.27 8.86 20.88
C ALA B 51 -2.98 10.11 21.38
N SER B 52 -4.30 10.20 21.19
CA SER B 52 -5.06 11.34 21.70
C SER B 52 -6.42 10.97 22.27
N THR B 53 -6.93 9.77 21.99
CA THR B 53 -8.31 9.44 22.33
C THR B 53 -8.37 8.82 23.71
N LEU B 54 -9.41 9.17 24.47
CA LEU B 54 -9.60 8.66 25.82
C LEU B 54 -10.30 7.32 25.77
N TYR B 55 -9.71 6.31 26.41
CA TYR B 55 -10.35 5.00 26.48
C TYR B 55 -11.57 5.06 27.41
N ARG B 56 -12.49 4.13 27.19
CA ARG B 56 -13.73 4.10 27.95
C ARG B 56 -13.44 3.87 29.44
N GLY B 57 -14.16 4.60 30.28
CA GLY B 57 -14.11 4.38 31.72
C GLY B 57 -12.93 4.99 32.42
N VAL B 58 -12.04 5.67 31.71
CA VAL B 58 -10.86 6.30 32.29
C VAL B 58 -11.23 7.74 32.65
N PRO B 59 -10.87 8.21 33.86
CA PRO B 59 -11.19 9.59 34.23
C PRO B 59 -10.59 10.59 33.24
N SER B 60 -11.36 11.62 32.95
CA SER B 60 -11.01 12.57 31.89
C SER B 60 -9.82 13.46 32.25
N ARG B 61 -9.24 13.30 33.44
CA ARG B 61 -8.12 14.14 33.84
C ARG B 61 -6.84 13.82 33.08
N PHE B 62 -6.80 12.71 32.33
CA PHE B 62 -5.67 12.38 31.48
C PHE B 62 -5.89 12.96 30.10
N SER B 63 -4.82 13.44 29.47
CA SER B 63 -4.89 13.98 28.12
C SER B 63 -3.62 13.61 27.37
N GLY B 64 -3.79 13.24 26.11
CA GLY B 64 -2.65 12.89 25.27
C GLY B 64 -2.50 13.83 24.09
N SER B 65 -1.29 13.93 23.55
CA SER B 65 -1.03 14.83 22.44
C SER B 65 0.24 14.39 21.73
N GLY B 66 0.45 14.94 20.55
CA GLY B 66 1.66 14.72 19.79
C GLY B 66 1.39 13.93 18.51
N SER B 67 2.36 14.04 17.59
CA SER B 67 2.32 13.32 16.33
C SER B 67 3.75 13.15 15.85
N GLY B 68 3.95 12.19 14.95
CA GLY B 68 5.27 11.91 14.45
C GLY B 68 6.08 11.06 15.42
N THR B 69 7.03 11.68 16.12
CA THR B 69 7.85 10.98 17.10
C THR B 69 7.78 11.59 18.50
N GLU B 70 7.20 12.78 18.65
CA GLU B 70 7.14 13.48 19.92
C GLU B 70 5.69 13.47 20.42
N PHE B 71 5.47 12.81 21.54
CA PHE B 71 4.13 12.62 22.10
C PHE B 71 4.15 12.92 23.59
N THR B 72 3.03 13.43 24.10
CA THR B 72 2.94 13.87 25.49
C THR B 72 1.66 13.36 26.12
N LEU B 73 1.79 12.80 27.32
CA LEU B 73 0.65 12.43 28.16
C LEU B 73 0.63 13.37 29.36
N THR B 74 -0.49 14.06 29.55
CA THR B 74 -0.62 15.08 30.58
C THR B 74 -1.74 14.72 31.54
N ILE B 75 -1.43 14.72 32.83
CA ILE B 75 -2.43 14.56 33.88
C ILE B 75 -2.76 15.96 34.39
N GLY B 76 -4.02 16.36 34.23
CA GLY B 76 -4.40 17.73 34.54
C GLY B 76 -4.21 18.09 36.00
N SER B 77 -4.61 17.19 36.90
CA SER B 77 -4.49 17.43 38.35
C SER B 77 -4.20 16.08 39.00
N LEU B 78 -3.01 15.94 39.57
CA LEU B 78 -2.60 14.67 40.16
C LEU B 78 -3.51 14.31 41.32
N GLN B 79 -3.79 13.02 41.45
CA GLN B 79 -4.63 12.46 42.48
C GLN B 79 -3.89 11.36 43.23
N PRO B 80 -4.28 11.06 44.47
CA PRO B 80 -3.53 10.05 45.25
C PRO B 80 -3.54 8.67 44.61
N ASP B 81 -4.50 8.38 43.75
CA ASP B 81 -4.65 7.08 43.14
C ASP B 81 -3.87 6.97 41.82
N ASP B 82 -3.34 8.10 41.33
CA ASP B 82 -2.67 8.14 40.04
C ASP B 82 -1.15 8.00 40.15
N PHE B 83 -0.65 7.35 41.19
CA PHE B 83 0.78 7.17 41.37
C PHE B 83 1.16 5.76 40.95
N ALA B 84 1.76 5.63 39.76
CA ALA B 84 2.09 4.31 39.22
C ALA B 84 3.12 4.42 38.10
N THR B 85 3.37 3.31 37.40
CA THR B 85 4.33 3.27 36.31
C THR B 85 3.61 3.40 34.98
N TYR B 86 4.12 4.27 34.11
CA TYR B 86 3.46 4.61 32.85
C TYR B 86 4.32 4.14 31.69
N TYR B 87 3.71 3.43 30.75
CA TYR B 87 4.38 2.92 29.57
C TYR B 87 3.74 3.46 28.30
N CYS B 88 4.57 3.78 27.31
CA CYS B 88 4.10 4.17 25.99
C CYS B 88 4.35 3.05 25.00
N GLN B 89 3.31 2.66 24.26
CA GLN B 89 3.36 1.52 23.36
C GLN B 89 2.86 1.92 21.99
N HIS B 90 3.62 1.54 20.96
CA HIS B 90 3.31 1.90 19.59
C HIS B 90 2.84 0.67 18.83
N TYR B 91 2.01 0.91 17.82
CA TYR B 91 1.50 -0.14 16.94
C TYR B 91 1.54 0.34 15.49
N ASN B 92 2.67 0.92 15.10
CA ASN B 92 2.84 1.40 13.73
C ASN B 92 2.74 0.22 12.75
N SER B 93 2.12 0.48 11.61
CA SER B 93 1.92 -0.58 10.62
C SER B 93 3.26 -1.07 10.09
N TYR B 94 3.31 -2.38 9.81
CA TYR B 94 4.49 -3.09 9.31
C TYR B 94 5.62 -3.13 10.32
N SER B 95 5.43 -2.62 11.53
CA SER B 95 6.42 -2.67 12.59
C SER B 95 5.84 -3.38 13.79
N ARG B 96 6.70 -4.11 14.51
CA ARG B 96 6.27 -4.95 15.61
C ARG B 96 6.03 -4.13 16.87
N ILE B 97 5.31 -4.72 17.81
CA ILE B 97 4.86 -4.01 19.01
C ILE B 97 6.01 -3.91 20.00
N THR B 98 6.32 -2.69 20.44
CA THR B 98 7.33 -2.44 21.45
C THR B 98 6.77 -1.52 22.51
N PHE B 99 7.43 -1.50 23.66
CA PHE B 99 7.04 -0.67 24.80
C PHE B 99 8.19 0.21 25.24
N GLY B 100 7.87 1.24 26.02
CA GLY B 100 8.86 2.11 26.59
C GLY B 100 9.44 1.55 27.87
N GLN B 101 10.36 2.32 28.46
CA GLN B 101 11.03 1.88 29.68
C GLN B 101 10.08 1.89 30.88
N GLY B 102 9.28 2.94 31.02
CA GLY B 102 8.34 3.04 32.12
C GLY B 102 8.65 4.17 33.09
N THR B 103 7.93 5.27 32.96
CA THR B 103 8.08 6.40 33.87
C THR B 103 7.39 6.11 35.20
N ARG B 104 8.02 6.54 36.29
CA ARG B 104 7.50 6.31 37.64
C ARG B 104 7.14 7.65 38.26
N LEU B 105 5.96 7.72 38.86
CA LEU B 105 5.53 8.88 39.62
C LEU B 105 5.66 8.58 41.11
N GLU B 106 6.49 9.36 41.80
CA GLU B 106 6.77 9.14 43.22
C GLU B 106 6.18 10.29 44.02
N ILE B 107 5.54 9.95 45.15
CA ILE B 107 4.92 10.96 45.99
C ILE B 107 5.98 11.88 46.58
N LYS B 108 5.70 13.18 46.53
CA LYS B 108 6.56 14.23 47.09
C LYS B 108 8.03 14.08 46.66
N GLN C 1 -17.41 -10.46 33.43
CA GLN C 1 -16.98 -9.09 33.22
C GLN C 1 -15.78 -9.24 32.29
N VAL C 2 -15.43 -10.51 32.08
CA VAL C 2 -14.27 -10.99 31.32
C VAL C 2 -13.01 -10.92 32.18
N GLN C 3 -12.53 -12.09 32.62
CA GLN C 3 -11.28 -12.26 33.33
C GLN C 3 -10.44 -13.30 32.61
N LEU C 4 -9.13 -13.05 32.54
CA LEU C 4 -8.19 -13.95 31.89
C LEU C 4 -7.24 -14.53 32.96
N VAL C 5 -7.19 -15.84 33.05
CA VAL C 5 -6.36 -16.54 34.04
C VAL C 5 -5.37 -17.42 33.29
N GLU C 6 -4.10 -17.31 33.64
CA GLU C 6 -3.06 -18.10 33.01
C GLU C 6 -2.62 -19.23 33.94
N SER C 7 -1.89 -20.19 33.39
CA SER C 7 -1.40 -21.32 34.15
C SER C 7 -0.28 -22.00 33.37
N GLY C 8 0.39 -22.93 34.03
CA GLY C 8 1.43 -23.72 33.39
C GLY C 8 2.85 -23.25 33.61
N GLY C 9 3.08 -22.31 34.52
CA GLY C 9 4.41 -21.84 34.81
C GLY C 9 5.16 -22.76 35.77
N GLY C 10 6.38 -22.36 36.09
CA GLY C 10 7.22 -23.11 36.99
C GLY C 10 8.67 -22.87 36.68
N VAL C 11 9.49 -23.87 36.97
CA VAL C 11 10.94 -23.81 36.78
C VAL C 11 11.33 -24.86 35.74
N VAL C 12 12.11 -24.44 34.74
CA VAL C 12 12.60 -25.34 33.71
C VAL C 12 14.07 -25.02 33.43
N GLN C 13 14.85 -26.07 33.24
CA GLN C 13 16.23 -25.92 32.82
C GLN C 13 16.26 -25.35 31.40
N PRO C 14 17.32 -24.61 31.05
CA PRO C 14 17.44 -24.12 29.67
C PRO C 14 17.43 -25.28 28.69
N GLY C 15 16.71 -25.09 27.58
CA GLY C 15 16.61 -26.11 26.55
C GLY C 15 15.42 -27.04 26.67
N ARG C 16 14.68 -27.00 27.76
CA ARG C 16 13.47 -27.81 27.87
C ARG C 16 12.26 -27.06 27.35
N SER C 17 11.15 -27.78 27.21
CA SER C 17 9.92 -27.24 26.67
C SER C 17 8.96 -26.84 27.79
N LEU C 18 7.95 -26.05 27.44
CA LEU C 18 6.96 -25.59 28.41
C LEU C 18 5.70 -25.11 27.69
N ARG C 19 4.53 -25.36 28.28
CA ARG C 19 3.25 -24.99 27.70
C ARG C 19 2.53 -24.02 28.62
N LEU C 20 1.95 -22.97 28.04
CA LEU C 20 1.24 -21.94 28.79
C LEU C 20 -0.17 -21.81 28.25
N SER C 21 -1.14 -21.66 29.17
CA SER C 21 -2.55 -21.59 28.82
C SER C 21 -3.16 -20.27 29.25
N CYS C 22 -4.17 -19.82 28.51
CA CYS C 22 -4.86 -18.56 28.78
C CYS C 22 -6.38 -18.81 28.70
N ALA C 23 -6.84 -19.81 29.46
CA ALA C 23 -8.27 -20.10 29.50
C ALA C 23 -9.05 -18.86 29.91
N ALA C 24 -9.96 -18.44 29.05
CA ALA C 24 -10.74 -17.23 29.24
C ALA C 24 -12.13 -17.56 29.75
N SER C 25 -12.80 -16.55 30.31
CA SER C 25 -14.12 -16.71 30.91
C SER C 25 -14.98 -15.52 30.53
N ARG C 26 -16.20 -15.80 30.05
CA ARG C 26 -17.24 -14.84 29.70
C ARG C 26 -16.82 -13.93 28.55
N LEU C 27 -15.75 -14.24 27.82
CA LEU C 27 -15.32 -13.45 26.69
C LEU C 27 -15.72 -14.17 25.41
N THR C 28 -16.21 -13.42 24.42
CA THR C 28 -16.51 -14.03 23.14
C THR C 28 -15.17 -14.31 22.45
N PHE C 29 -14.58 -15.45 22.81
CA PHE C 29 -13.18 -15.72 22.49
C PHE C 29 -12.93 -15.80 21.00
N ARG C 30 -13.84 -16.43 20.26
CA ARG C 30 -13.64 -16.69 18.84
C ARG C 30 -13.55 -15.42 18.01
N ASN C 31 -14.20 -14.34 18.40
CA ASN C 31 -14.21 -13.10 17.62
C ASN C 31 -12.97 -12.26 17.81
N PHE C 32 -12.17 -12.51 18.84
CA PHE C 32 -11.08 -11.62 19.22
C PHE C 32 -9.74 -12.30 19.06
N GLY C 33 -8.80 -11.60 18.44
CA GLY C 33 -7.42 -12.05 18.41
C GLY C 33 -6.78 -11.84 19.76
N MET C 34 -5.74 -12.61 20.07
CA MET C 34 -5.14 -12.54 21.40
C MET C 34 -3.63 -12.37 21.27
N HIS C 35 -3.06 -11.60 22.18
CA HIS C 35 -1.62 -11.37 22.23
C HIS C 35 -1.05 -11.98 23.50
N TRP C 36 0.26 -12.20 23.49
CA TRP C 36 1.01 -12.52 24.70
C TRP C 36 2.03 -11.41 24.96
N VAL C 37 2.10 -10.95 26.20
CA VAL C 37 2.99 -9.87 26.60
C VAL C 37 3.88 -10.38 27.72
N ARG C 38 5.18 -10.13 27.58
CA ARG C 38 6.19 -10.61 28.52
C ARG C 38 6.80 -9.42 29.25
N GLN C 39 6.80 -9.47 30.58
CA GLN C 39 7.41 -8.44 31.40
C GLN C 39 8.62 -9.02 32.11
N THR C 40 9.80 -8.56 31.74
CA THR C 40 11.04 -9.00 32.35
C THR C 40 11.12 -8.47 33.79
N PRO C 41 11.92 -9.10 34.65
CA PRO C 41 12.05 -8.59 36.02
C PRO C 41 12.57 -7.17 36.09
N GLY C 42 13.31 -6.71 35.08
CA GLY C 42 13.75 -5.33 35.00
C GLY C 42 12.64 -4.34 34.67
N LYS C 43 11.38 -4.74 34.79
CA LYS C 43 10.21 -3.90 34.55
C LYS C 43 10.11 -3.43 33.10
N GLY C 44 10.81 -4.11 32.17
CA GLY C 44 10.58 -3.86 30.77
C GLY C 44 9.41 -4.67 30.24
N LEU C 45 8.76 -4.14 29.22
CA LEU C 45 7.61 -4.78 28.60
C LEU C 45 7.97 -5.16 27.17
N GLU C 46 7.78 -6.44 26.83
CA GLU C 46 8.04 -6.95 25.50
C GLU C 46 6.81 -7.68 24.99
N TRP C 47 6.49 -7.47 23.72
CA TRP C 47 5.41 -8.23 23.09
C TRP C 47 5.96 -9.52 22.50
N VAL C 48 5.19 -10.59 22.61
CA VAL C 48 5.64 -11.93 22.24
C VAL C 48 5.04 -12.37 20.91
N ALA C 49 3.71 -12.46 20.84
CA ALA C 49 3.07 -13.04 19.65
C ALA C 49 1.63 -12.59 19.56
N VAL C 50 1.01 -12.89 18.43
CA VAL C 50 -0.40 -12.60 18.18
C VAL C 50 -0.97 -13.67 17.26
N ILE C 51 -2.18 -14.13 17.56
CA ILE C 51 -2.89 -15.08 16.72
C ILE C 51 -4.24 -14.48 16.35
N TRP C 52 -4.65 -14.69 15.10
CA TRP C 52 -5.88 -14.08 14.60
C TRP C 52 -7.09 -14.80 15.18
N HIS C 53 -8.29 -14.41 14.74
CA HIS C 53 -9.51 -14.95 15.32
C HIS C 53 -9.65 -16.45 15.05
N ASP C 54 -9.37 -16.86 13.82
CA ASP C 54 -9.48 -18.26 13.44
C ASP C 54 -8.16 -19.00 13.49
N GLY C 55 -7.07 -18.33 13.87
CA GLY C 55 -5.75 -18.93 13.83
C GLY C 55 -5.11 -18.97 12.45
N SER C 56 -5.65 -18.22 11.50
CA SER C 56 -5.12 -18.26 10.13
C SER C 56 -3.68 -17.76 10.07
N ASN C 57 -3.40 -16.65 10.77
CA ASN C 57 -2.09 -16.03 10.71
C ASN C 57 -1.54 -15.86 12.11
N LYS C 58 -0.21 -15.92 12.23
CA LYS C 58 0.50 -15.68 13.47
C LYS C 58 1.63 -14.71 13.20
N PHE C 59 1.99 -13.91 14.20
CA PHE C 59 3.16 -13.05 14.13
C PHE C 59 3.91 -13.11 15.44
N TYR C 60 5.23 -13.24 15.37
CA TYR C 60 6.08 -13.32 16.54
C TYR C 60 7.10 -12.20 16.53
N ALA C 61 7.45 -11.73 17.72
CA ALA C 61 8.60 -10.84 17.84
C ALA C 61 9.87 -11.61 17.49
N ASP C 62 10.83 -10.90 16.90
CA ASP C 62 12.01 -11.58 16.37
C ASP C 62 12.81 -12.29 17.45
N SER C 63 12.68 -11.86 18.71
CA SER C 63 13.44 -12.49 19.79
C SER C 63 12.96 -13.89 20.09
N VAL C 64 11.76 -14.27 19.64
CA VAL C 64 11.21 -15.59 19.86
C VAL C 64 10.81 -16.28 18.57
N GLU C 65 11.35 -15.82 17.44
CA GLU C 65 10.99 -16.41 16.15
C GLU C 65 11.58 -17.80 16.01
N GLY C 66 10.71 -18.78 15.78
CA GLY C 66 11.12 -20.16 15.62
C GLY C 66 11.20 -20.96 16.91
N ARG C 67 11.22 -20.30 18.06
CA ARG C 67 11.26 -20.99 19.34
C ARG C 67 9.90 -21.05 20.01
N PHE C 68 9.03 -20.08 19.75
CA PHE C 68 7.72 -19.99 20.37
C PHE C 68 6.64 -20.37 19.36
N THR C 69 5.73 -21.24 19.78
CA THR C 69 4.58 -21.63 18.98
C THR C 69 3.32 -21.32 19.77
N ILE C 70 2.45 -20.47 19.21
CA ILE C 70 1.20 -20.13 19.86
C ILE C 70 0.06 -20.72 19.04
N SER C 71 -0.90 -21.30 19.74
CA SER C 71 -2.05 -21.92 19.09
C SER C 71 -3.30 -21.57 19.88
N ARG C 72 -4.39 -21.34 19.15
CA ARG C 72 -5.66 -20.98 19.74
C ARG C 72 -6.66 -22.09 19.44
N ASP C 73 -7.40 -22.49 20.47
CA ASP C 73 -8.45 -23.50 20.33
C ASP C 73 -9.76 -22.84 20.74
N ASN C 74 -10.61 -22.55 19.75
CA ASN C 74 -11.84 -21.83 20.02
C ASN C 74 -12.83 -22.68 20.81
N SER C 75 -12.84 -24.00 20.58
CA SER C 75 -13.87 -24.85 21.16
C SER C 75 -13.80 -24.87 22.68
N LYS C 76 -12.60 -25.02 23.25
CA LYS C 76 -12.44 -25.06 24.69
C LYS C 76 -12.25 -23.68 25.30
N ASN C 77 -12.37 -22.62 24.51
CA ASN C 77 -12.35 -21.24 25.02
C ASN C 77 -11.02 -20.94 25.71
N THR C 78 -9.92 -21.28 25.05
CA THR C 78 -8.61 -21.15 25.67
C THR C 78 -7.55 -20.92 24.60
N LEU C 79 -6.40 -20.39 25.05
CA LEU C 79 -5.27 -20.08 24.18
C LEU C 79 -4.02 -20.77 24.70
N TYR C 80 -3.14 -21.20 23.80
CA TYR C 80 -1.94 -21.91 24.16
C TYR C 80 -0.71 -21.26 23.53
N LEU C 81 0.36 -21.18 24.32
CA LEU C 81 1.68 -20.78 23.84
C LEU C 81 2.68 -21.81 24.33
N GLN C 82 3.35 -22.48 23.40
CA GLN C 82 4.32 -23.51 23.73
C GLN C 82 5.72 -22.96 23.51
N MET C 83 6.60 -23.18 24.48
CA MET C 83 7.93 -22.60 24.49
C MET C 83 8.95 -23.71 24.29
N ASN C 84 9.87 -23.50 23.35
CA ASN C 84 10.92 -24.46 23.04
C ASN C 84 12.27 -23.75 23.05
N SER C 85 13.29 -24.46 23.56
CA SER C 85 14.66 -23.94 23.61
C SER C 85 14.74 -22.63 24.38
N LEU C 86 14.33 -22.66 25.65
CA LEU C 86 14.38 -21.46 26.47
C LEU C 86 15.80 -21.18 26.93
N ARG C 87 16.02 -19.96 27.43
CA ARG C 87 17.30 -19.57 27.97
C ARG C 87 17.07 -18.53 29.05
N ASP C 88 18.16 -17.89 29.49
CA ASP C 88 18.09 -16.98 30.63
C ASP C 88 17.24 -15.75 30.33
N GLU C 89 17.07 -15.41 29.06
CA GLU C 89 16.31 -14.21 28.70
C GLU C 89 14.81 -14.42 28.76
N ASP C 90 14.34 -15.67 28.86
CA ASP C 90 12.92 -15.97 28.85
C ASP C 90 12.34 -16.13 30.25
N THR C 91 13.09 -15.78 31.29
CA THR C 91 12.58 -15.78 32.64
C THR C 91 11.86 -14.46 32.91
N ALA C 92 10.54 -14.51 33.04
CA ALA C 92 9.74 -13.30 33.19
C ALA C 92 8.33 -13.68 33.61
N ILE C 93 7.54 -12.66 33.89
CA ILE C 93 6.12 -12.82 34.18
C ILE C 93 5.34 -12.63 32.88
N TYR C 94 4.50 -13.60 32.55
CA TYR C 94 3.80 -13.63 31.27
C TYR C 94 2.34 -13.26 31.46
N TYR C 95 1.91 -12.22 30.74
CA TYR C 95 0.50 -11.82 30.73
C TYR C 95 -0.14 -12.20 29.40
N CYS C 96 -1.37 -12.66 29.47
CA CYS C 96 -2.20 -12.81 28.29
C CYS C 96 -2.68 -11.42 27.86
N ALA C 97 -3.47 -11.37 26.79
CA ALA C 97 -3.98 -10.07 26.33
C ALA C 97 -5.24 -10.33 25.53
N LYS C 98 -5.83 -9.24 25.04
CA LYS C 98 -6.99 -9.31 24.16
C LYS C 98 -7.05 -8.03 23.36
N ASP C 99 -6.85 -8.12 22.05
CA ASP C 99 -6.87 -6.95 21.21
C ASP C 99 -8.22 -6.25 21.32
N TRP C 100 -8.19 -4.92 21.35
CA TRP C 100 -9.40 -4.15 21.62
C TRP C 100 -10.48 -4.37 20.56
N GLY C 101 -10.09 -4.75 19.35
CA GLY C 101 -11.05 -5.04 18.31
C GLY C 101 -11.31 -3.90 17.34
N GLY C 102 -10.55 -2.81 17.43
CA GLY C 102 -10.77 -1.69 16.54
C GLY C 102 -10.27 -1.98 15.14
N ALA C 103 -10.50 -1.03 14.23
CA ALA C 103 -10.15 -1.21 12.84
C ALA C 103 -8.64 -1.32 12.64
N SER C 104 -7.88 -0.43 13.26
CA SER C 104 -6.45 -0.35 13.00
C SER C 104 -5.60 -0.11 14.25
N ASP C 105 -6.17 -0.19 15.44
CA ASP C 105 -5.42 0.07 16.67
C ASP C 105 -5.13 -1.24 17.38
N ARG C 106 -3.84 -1.55 17.56
CA ARG C 106 -3.41 -2.75 18.27
C ARG C 106 -3.10 -2.38 19.72
N VAL C 107 -4.14 -2.32 20.53
CA VAL C 107 -4.00 -2.03 21.95
C VAL C 107 -4.70 -3.13 22.75
N PHE C 108 -4.26 -3.30 23.99
CA PHE C 108 -4.76 -4.36 24.85
C PHE C 108 -5.64 -3.77 25.94
N ASP C 109 -6.78 -4.42 26.19
CA ASP C 109 -7.74 -3.88 27.15
C ASP C 109 -7.95 -4.79 28.37
N TYR C 110 -8.21 -6.08 28.15
CA TYR C 110 -8.44 -7.01 29.26
C TYR C 110 -7.22 -7.90 29.43
N TRP C 111 -6.28 -7.41 30.24
CA TRP C 111 -5.08 -8.18 30.56
C TRP C 111 -5.41 -9.30 31.54
N GLY C 112 -4.57 -10.33 31.54
CA GLY C 112 -4.70 -11.40 32.51
C GLY C 112 -3.92 -11.11 33.78
N ARG C 113 -4.02 -12.05 34.73
CA ARG C 113 -3.29 -11.89 35.99
C ARG C 113 -1.79 -12.05 35.77
N GLY C 114 -1.39 -13.11 35.07
CA GLY C 114 0.02 -13.37 34.83
C GLY C 114 0.50 -14.64 35.47
N THR C 115 1.34 -15.39 34.75
CA THR C 115 1.96 -16.61 35.25
C THR C 115 3.47 -16.50 35.12
N LEU C 116 4.18 -16.89 36.16
CA LEU C 116 5.62 -16.68 36.24
C LEU C 116 6.36 -17.91 35.71
N VAL C 117 7.31 -17.67 34.82
CA VAL C 117 8.15 -18.72 34.24
C VAL C 117 9.59 -18.43 34.62
N ILE C 118 10.26 -19.40 35.21
CA ILE C 118 11.63 -19.26 35.69
C ILE C 118 12.53 -20.22 34.93
N VAL C 119 13.59 -19.70 34.32
CA VAL C 119 14.61 -20.51 33.67
C VAL C 119 15.90 -20.33 34.45
N SER C 120 16.35 -21.40 35.10
CA SER C 120 17.55 -21.35 35.93
C SER C 120 18.04 -22.77 36.16
N SER C 121 18.99 -22.91 37.08
CA SER C 121 19.53 -24.22 37.41
C SER C 121 20.06 -24.24 38.85
N ASP D 1 59.95 45.81 0.83
CA ASP D 1 59.21 46.45 1.91
C ASP D 1 59.55 47.94 2.00
N ILE D 2 58.68 48.69 2.68
CA ILE D 2 58.87 50.12 2.89
C ILE D 2 59.22 50.33 4.36
N GLN D 3 60.43 50.80 4.62
CA GLN D 3 60.87 51.07 5.98
C GLN D 3 60.05 52.25 6.50
N MET D 4 59.65 52.19 7.76
CA MET D 4 58.80 53.22 8.34
C MET D 4 59.45 53.78 9.60
N THR D 5 59.82 55.07 9.55
CA THR D 5 60.51 55.74 10.63
C THR D 5 59.59 56.79 11.25
N GLN D 6 59.47 56.77 12.56
CA GLN D 6 58.67 57.72 13.30
C GLN D 6 59.53 58.45 14.32
N SER D 7 59.26 59.74 14.49
CA SER D 7 60.03 60.59 15.38
C SER D 7 59.10 61.45 16.22
N PRO D 8 59.47 61.76 17.47
CA PRO D 8 60.65 61.29 18.21
C PRO D 8 60.45 59.90 18.82
N SER D 9 61.54 59.23 19.20
CA SER D 9 61.41 57.93 19.86
C SER D 9 60.71 58.06 21.20
N THR D 10 61.04 59.10 21.97
CA THR D 10 60.41 59.36 23.25
C THR D 10 60.20 60.85 23.40
N LEU D 11 59.03 61.25 23.89
CA LEU D 11 58.68 62.65 24.10
C LEU D 11 57.86 62.71 25.38
N SER D 12 58.44 63.28 26.44
CA SER D 12 57.73 63.42 27.70
C SER D 12 56.89 64.69 27.71
N ALA D 13 55.74 64.63 28.39
CA ALA D 13 54.85 65.76 28.48
C ALA D 13 53.96 65.58 29.70
N SER D 14 53.21 66.63 30.02
CA SER D 14 52.35 66.65 31.20
C SER D 14 50.88 66.67 30.78
N VAL D 15 50.00 66.52 31.77
CA VAL D 15 48.57 66.52 31.53
C VAL D 15 48.13 67.90 31.07
N GLY D 16 47.28 67.95 30.05
CA GLY D 16 46.78 69.19 29.51
C GLY D 16 47.64 69.78 28.41
N ASP D 17 48.79 69.19 28.12
CA ASP D 17 49.65 69.70 27.07
C ASP D 17 49.16 69.23 25.70
N ARG D 18 49.77 69.77 24.66
CA ARG D 18 49.46 69.45 23.27
C ARG D 18 50.72 68.92 22.61
N VAL D 19 50.64 67.72 22.03
CA VAL D 19 51.81 66.99 21.55
C VAL D 19 51.60 66.56 20.11
N THR D 20 52.69 66.55 19.33
CA THR D 20 52.73 65.92 18.01
C THR D 20 53.69 64.75 18.03
N ILE D 21 53.28 63.64 17.42
CA ILE D 21 54.19 62.54 17.09
C ILE D 21 54.16 62.33 15.59
N THR D 22 55.32 62.39 14.97
CA THR D 22 55.43 62.34 13.52
C THR D 22 55.99 60.99 13.07
N CYS D 23 55.70 60.64 11.83
CA CYS D 23 56.19 59.40 11.25
C CYS D 23 56.52 59.65 9.78
N ARG D 24 57.70 59.22 9.35
CA ARG D 24 58.21 59.47 8.02
C ARG D 24 58.33 58.15 7.27
N ALA D 25 57.86 58.13 6.02
CA ALA D 25 57.98 56.94 5.19
C ALA D 25 59.17 57.09 4.24
N SER D 26 59.85 55.96 3.99
CA SER D 26 60.98 55.96 3.08
C SER D 26 60.58 56.29 1.64
N GLN D 27 59.32 56.06 1.28
CA GLN D 27 58.83 56.36 -0.05
C GLN D 27 57.35 56.66 0.04
N SER D 28 56.81 57.30 -1.00
CA SER D 28 55.43 57.76 -0.99
C SER D 28 54.46 56.60 -0.77
N VAL D 29 53.53 56.79 0.16
CA VAL D 29 52.50 55.81 0.46
C VAL D 29 51.10 56.42 0.33
N SER D 30 51.01 57.58 -0.32
CA SER D 30 49.75 58.31 -0.51
C SER D 30 49.18 58.63 0.87
N THR D 31 47.97 58.19 1.21
CA THR D 31 47.39 58.41 2.54
C THR D 31 47.06 57.10 3.23
N SER D 32 47.65 55.99 2.79
CA SER D 32 47.37 54.67 3.35
C SER D 32 48.17 54.46 4.63
N LEU D 33 47.82 55.23 5.66
CA LEU D 33 48.48 55.18 6.95
C LEU D 33 47.48 54.87 8.05
N ALA D 34 47.96 54.11 9.05
CA ALA D 34 47.17 53.79 10.23
C ALA D 34 48.03 54.02 11.46
N TRP D 35 47.37 54.27 12.59
CA TRP D 35 48.04 54.57 13.84
C TRP D 35 47.48 53.73 14.97
N TYR D 36 48.36 53.26 15.85
CA TYR D 36 47.97 52.43 16.98
C TYR D 36 48.63 52.93 18.25
N GLN D 37 47.87 52.86 19.35
CA GLN D 37 48.36 53.17 20.68
C GLN D 37 48.36 51.90 21.52
N GLN D 38 49.51 51.57 22.10
CA GLN D 38 49.65 50.37 22.90
C GLN D 38 49.90 50.73 24.35
N LYS D 39 48.89 50.53 25.19
CA LYS D 39 49.02 50.61 26.63
C LYS D 39 49.71 49.35 27.16
N PRO D 40 50.67 49.49 28.08
CA PRO D 40 51.44 48.33 28.53
C PRO D 40 50.55 47.20 29.04
N GLY D 41 50.88 45.99 28.64
CA GLY D 41 50.09 44.82 28.97
C GLY D 41 48.86 44.60 28.11
N LYS D 42 48.63 45.46 27.12
CA LYS D 42 47.46 45.37 26.27
C LYS D 42 47.86 45.43 24.80
N ALA D 43 46.99 44.88 23.96
CA ALA D 43 47.20 44.92 22.52
C ALA D 43 47.05 46.34 22.00
N PRO D 44 47.77 46.70 20.93
CA PRO D 44 47.59 48.02 20.33
C PRO D 44 46.17 48.17 19.78
N ASN D 45 45.66 49.40 19.85
CA ASN D 45 44.30 49.71 19.42
C ASN D 45 44.33 50.75 18.31
N LEU D 46 43.32 50.70 17.46
CA LEU D 46 43.24 51.61 16.32
C LEU D 46 42.78 53.00 16.78
N LEU D 47 43.49 54.03 16.33
CA LEU D 47 43.07 55.42 16.53
C LEU D 47 42.75 56.13 15.22
N ILE D 48 43.66 56.10 14.26
CA ILE D 48 43.51 56.80 12.99
C ILE D 48 43.72 55.82 11.85
N TYR D 49 42.85 55.90 10.85
CA TYR D 49 43.03 55.19 9.59
C TYR D 49 42.91 56.19 8.44
N GLN D 50 43.50 55.84 7.30
CA GLN D 50 43.59 56.72 6.14
C GLN D 50 44.36 57.99 6.46
N ALA D 51 45.08 57.96 7.60
CA ALA D 51 46.03 58.99 8.01
C ALA D 51 45.35 60.28 8.46
N SER D 52 44.04 60.38 8.28
CA SER D 52 43.30 61.55 8.71
C SER D 52 41.94 61.24 9.31
N THR D 53 41.42 60.03 9.11
CA THR D 53 40.06 59.73 9.53
C THR D 53 40.05 59.10 10.92
N LEU D 54 39.09 59.52 11.74
CA LEU D 54 38.99 59.04 13.12
C LEU D 54 38.20 57.73 13.16
N TYR D 55 38.77 56.71 13.78
CA TYR D 55 38.07 55.45 13.92
C TYR D 55 36.92 55.60 14.93
N ARG D 56 35.94 54.70 14.80
CA ARG D 56 34.76 54.75 15.66
C ARG D 56 35.16 54.60 17.12
N GLY D 57 34.52 55.37 17.99
CA GLY D 57 34.75 55.29 19.41
C GLY D 57 35.99 55.99 19.91
N VAL D 58 36.74 56.63 19.03
CA VAL D 58 37.96 57.35 19.40
C VAL D 58 37.58 58.78 19.77
N PRO D 59 38.03 59.31 20.91
CA PRO D 59 37.71 60.70 21.26
C PRO D 59 38.24 61.67 20.21
N SER D 60 37.51 62.78 20.06
CA SER D 60 37.84 63.77 19.04
C SER D 60 39.16 64.48 19.29
N ARG D 61 39.73 64.35 20.48
CA ARG D 61 40.96 65.08 20.80
C ARG D 61 42.16 64.63 19.98
N PHE D 62 42.14 63.42 19.43
CA PHE D 62 43.19 62.94 18.55
C PHE D 62 42.91 63.43 17.13
N SER D 63 43.97 63.81 16.42
CA SER D 63 43.85 64.28 15.05
C SER D 63 45.11 63.90 14.27
N GLY D 64 44.93 63.55 13.01
CA GLY D 64 46.04 63.20 12.16
C GLY D 64 46.12 64.05 10.90
N SER D 65 47.31 64.18 10.33
CA SER D 65 47.50 65.00 9.15
C SER D 65 48.75 64.54 8.41
N GLY D 66 48.85 64.95 7.16
CA GLY D 66 50.00 64.65 6.33
C GLY D 66 49.63 63.80 5.13
N SER D 67 50.51 63.85 4.13
CA SER D 67 50.35 63.08 2.90
C SER D 67 51.72 62.77 2.34
N GLY D 68 51.78 61.74 1.50
CA GLY D 68 53.03 61.35 0.89
C GLY D 68 53.91 60.55 1.82
N THR D 69 54.97 61.18 2.33
CA THR D 69 55.88 60.55 3.26
C THR D 69 55.88 61.18 4.64
N GLU D 70 55.35 62.39 4.79
CA GLU D 70 55.35 63.13 6.06
C GLU D 70 53.94 63.09 6.64
N PHE D 71 53.83 62.60 7.87
CA PHE D 71 52.56 62.49 8.57
C PHE D 71 52.75 62.82 10.04
N THR D 72 51.67 63.24 10.69
CA THR D 72 51.71 63.68 12.08
C THR D 72 50.39 63.39 12.77
N LEU D 73 50.49 62.99 14.05
CA LEU D 73 49.33 62.90 14.93
C LEU D 73 49.36 64.08 15.90
N THR D 74 48.23 64.76 16.03
CA THR D 74 48.09 65.88 16.95
C THR D 74 47.01 65.57 17.97
N ILE D 75 47.37 65.61 19.24
CA ILE D 75 46.42 65.47 20.34
C ILE D 75 46.21 66.86 20.92
N GLY D 76 44.96 67.35 20.84
CA GLY D 76 44.70 68.72 21.23
C GLY D 76 44.99 68.99 22.70
N SER D 77 44.56 68.09 23.57
CA SER D 77 44.78 68.24 25.01
C SER D 77 45.14 66.86 25.57
N LEU D 78 46.40 66.69 25.93
CA LEU D 78 46.87 65.41 26.47
C LEU D 78 46.15 65.11 27.78
N GLN D 79 45.62 63.90 27.88
CA GLN D 79 44.87 63.43 29.04
C GLN D 79 45.65 62.36 29.78
N PRO D 80 45.36 62.15 31.07
CA PRO D 80 46.13 61.16 31.84
C PRO D 80 46.04 59.75 31.27
N ASP D 81 44.94 59.40 30.62
CA ASP D 81 44.76 58.08 30.05
C ASP D 81 45.39 57.93 28.67
N ASP D 82 45.86 59.02 28.06
CA ASP D 82 46.48 58.99 26.75
C ASP D 82 47.95 58.61 26.79
N PHE D 83 48.42 58.01 27.88
CA PHE D 83 49.84 57.78 28.10
C PHE D 83 50.16 56.34 27.74
N ALA D 84 50.75 56.15 26.55
CA ALA D 84 51.08 54.81 26.06
C ALA D 84 52.06 54.89 24.90
N THR D 85 52.31 53.76 24.25
CA THR D 85 53.21 53.70 23.09
C THR D 85 52.39 53.80 21.81
N TYR D 86 52.83 54.65 20.89
CA TYR D 86 52.10 54.94 19.66
C TYR D 86 52.89 54.44 18.46
N TYR D 87 52.23 53.71 17.57
CA TYR D 87 52.84 53.15 16.38
C TYR D 87 52.22 53.75 15.13
N CYS D 88 53.03 53.86 14.08
CA CYS D 88 52.58 54.24 12.75
C CYS D 88 52.73 53.08 11.78
N GLN D 89 51.62 52.68 11.15
CA GLN D 89 51.58 51.51 10.28
C GLN D 89 50.88 51.86 8.97
N HIS D 90 51.53 51.49 7.86
CA HIS D 90 51.02 51.78 6.53
C HIS D 90 50.58 50.50 5.85
N TYR D 91 49.70 50.65 4.87
CA TYR D 91 49.15 49.55 4.10
C TYR D 91 49.11 49.92 2.63
N ASN D 92 50.19 50.54 2.15
CA ASN D 92 50.25 51.01 0.78
C ASN D 92 50.16 49.82 -0.19
N SER D 93 49.44 50.02 -1.29
CA SER D 93 49.25 48.95 -2.26
C SER D 93 50.57 48.53 -2.88
N TYR D 94 50.66 47.25 -3.25
CA TYR D 94 51.85 46.63 -3.82
C TYR D 94 53.03 46.66 -2.86
N SER D 95 52.79 46.81 -1.56
CA SER D 95 53.81 46.73 -0.54
C SER D 95 53.27 45.95 0.65
N ARG D 96 54.19 45.36 1.41
CA ARG D 96 53.82 44.58 2.57
C ARG D 96 53.66 45.49 3.79
N ILE D 97 52.82 45.06 4.72
CA ILE D 97 52.49 45.90 5.88
C ILE D 97 53.69 45.97 6.81
N THR D 98 54.12 47.20 7.11
CA THR D 98 55.23 47.45 8.02
C THR D 98 54.77 48.40 9.12
N PHE D 99 55.54 48.45 10.20
CA PHE D 99 55.24 49.27 11.36
C PHE D 99 56.40 50.19 11.67
N GLY D 100 56.14 51.16 12.54
CA GLY D 100 57.18 52.02 13.07
C GLY D 100 57.82 51.42 14.30
N GLN D 101 58.69 52.20 14.93
CA GLN D 101 59.37 51.73 16.14
C GLN D 101 58.51 51.95 17.39
N GLY D 102 57.81 53.08 17.47
CA GLY D 102 56.90 53.31 18.57
C GLY D 102 57.31 54.40 19.54
N THR D 103 56.66 55.56 19.45
CA THR D 103 56.94 56.64 20.37
C THR D 103 56.36 56.35 21.75
N ARG D 104 57.17 56.57 22.77
CA ARG D 104 56.76 56.42 24.16
C ARG D 104 56.53 57.81 24.74
N LEU D 105 55.33 58.03 25.28
CA LEU D 105 55.00 59.30 25.93
C LEU D 105 55.04 59.10 27.43
N GLU D 106 55.92 59.84 28.10
CA GLU D 106 56.24 59.62 29.52
C GLU D 106 55.75 60.81 30.34
N ILE D 107 55.24 60.50 31.54
CA ILE D 107 54.75 61.56 32.42
C ILE D 107 55.92 62.45 32.87
N LYS D 108 55.66 63.76 32.91
CA LYS D 108 56.60 64.79 33.34
C LYS D 108 58.03 64.55 32.85
N GLN E 1 31.73 40.41 23.21
CA GLN E 1 31.63 41.41 22.15
C GLN E 1 32.75 41.24 21.15
N VAL E 2 32.90 40.00 20.68
CA VAL E 2 33.90 39.61 19.70
C VAL E 2 35.28 39.70 20.35
N GLN E 3 35.78 38.55 20.80
CA GLN E 3 37.11 38.46 21.38
C GLN E 3 37.86 37.33 20.68
N LEU E 4 39.15 37.56 20.41
CA LEU E 4 39.99 36.55 19.79
C LEU E 4 40.96 36.03 20.84
N VAL E 5 40.87 34.73 21.13
CA VAL E 5 41.72 34.08 22.11
C VAL E 5 42.69 33.17 21.35
N GLU E 6 43.97 33.49 21.42
CA GLU E 6 44.98 32.65 20.82
C GLU E 6 45.41 31.56 21.80
N SER E 7 45.92 30.47 21.25
CA SER E 7 46.36 29.33 22.05
C SER E 7 47.36 28.52 21.27
N GLY E 8 48.11 27.68 21.99
CA GLY E 8 49.09 26.81 21.37
C GLY E 8 50.53 27.24 21.51
N GLY E 9 50.84 28.12 22.47
CA GLY E 9 52.19 28.60 22.64
C GLY E 9 53.00 27.73 23.60
N GLY E 10 54.19 28.24 23.92
CA GLY E 10 55.11 27.55 24.80
C GLY E 10 56.54 27.84 24.39
N VAL E 11 57.43 26.90 24.70
CA VAL E 11 58.84 27.01 24.39
C VAL E 11 59.21 25.90 23.43
N VAL E 12 59.95 26.24 22.37
CA VAL E 12 60.33 25.29 21.34
C VAL E 12 61.82 25.41 21.05
N GLN E 13 62.39 24.31 20.56
CA GLN E 13 63.76 24.32 20.09
C GLN E 13 63.81 24.83 18.66
N PRO E 14 64.93 25.45 18.25
CA PRO E 14 65.05 25.89 16.86
C PRO E 14 64.93 24.73 15.90
N GLY E 15 64.22 24.95 14.80
CA GLY E 15 64.02 23.94 13.78
C GLY E 15 62.81 23.06 13.98
N ARG E 16 62.12 23.16 15.11
CA ARG E 16 60.93 22.34 15.33
C ARG E 16 59.67 23.15 15.03
N SER E 17 58.66 22.46 14.51
CA SER E 17 57.40 23.06 14.11
C SER E 17 56.50 23.27 15.33
N LEU E 18 55.47 24.10 15.14
CA LEU E 18 54.53 24.39 16.21
C LEU E 18 53.22 24.92 15.63
N ARG E 19 52.10 24.61 16.28
CA ARG E 19 50.78 25.00 15.79
C ARG E 19 50.17 26.03 16.74
N LEU E 20 49.59 27.08 16.16
CA LEU E 20 48.90 28.13 16.91
C LEU E 20 47.47 28.23 16.41
N SER E 21 46.55 28.56 17.32
CA SER E 21 45.14 28.71 16.99
C SER E 21 44.65 30.10 17.41
N CYS E 22 43.63 30.59 16.70
CA CYS E 22 43.06 31.90 16.96
C CYS E 22 41.53 31.76 16.97
N ALA E 23 41.03 30.80 17.75
CA ALA E 23 39.59 30.60 17.87
C ALA E 23 38.91 31.89 18.33
N ALA E 24 37.93 32.33 17.55
CA ALA E 24 37.22 33.57 17.80
C ALA E 24 35.81 33.28 18.30
N SER E 25 35.20 34.30 18.91
CA SER E 25 33.87 34.18 19.48
C SER E 25 33.04 35.37 19.05
N ARG E 26 31.79 35.12 18.67
CA ARG E 26 30.75 36.10 18.34
C ARG E 26 31.12 36.95 17.12
N LEU E 27 32.24 36.70 16.46
CA LEU E 27 32.60 37.38 15.22
C LEU E 27 32.00 36.58 14.07
N THR E 28 31.49 37.27 13.06
CA THR E 28 31.06 36.59 11.84
C THR E 28 32.29 36.18 11.06
N PHE E 29 32.90 35.05 11.46
CA PHE E 29 34.26 34.73 11.05
C PHE E 29 34.38 34.53 9.55
N ARG E 30 33.36 33.92 8.94
CA ARG E 30 33.43 33.58 7.52
C ARG E 30 33.58 34.80 6.62
N ASN E 31 33.11 35.98 7.04
CA ASN E 31 33.11 37.16 6.19
C ASN E 31 34.35 38.02 6.33
N PHE E 32 35.24 37.73 7.27
CA PHE E 32 36.33 38.63 7.59
C PHE E 32 37.68 37.96 7.35
N GLY E 33 38.52 38.61 6.55
CA GLY E 33 39.90 38.18 6.42
C GLY E 33 40.67 38.47 7.69
N MET E 34 41.60 37.60 8.06
CA MET E 34 42.27 37.71 9.34
C MET E 34 43.77 37.83 9.14
N HIS E 35 44.45 38.41 10.13
CA HIS E 35 45.87 38.69 10.06
C HIS E 35 46.58 38.21 11.31
N TRP E 36 47.87 37.95 11.17
CA TRP E 36 48.76 37.72 12.30
C TRP E 36 49.79 38.84 12.36
N VAL E 37 49.91 39.48 13.52
CA VAL E 37 50.88 40.53 13.75
C VAL E 37 51.80 40.06 14.87
N ARG E 38 53.10 40.23 14.67
CA ARG E 38 54.12 39.70 15.58
C ARG E 38 54.79 40.85 16.31
N GLN E 39 54.86 40.73 17.63
CA GLN E 39 55.45 41.74 18.50
C GLN E 39 56.66 41.15 19.19
N THR E 40 57.84 41.60 18.79
CA THR E 40 59.09 41.13 19.40
C THR E 40 59.25 41.71 20.79
N PRO E 41 60.07 41.07 21.65
CA PRO E 41 60.38 41.67 23.00
C PRO E 41 60.99 43.04 22.93
N GLY E 42 61.69 43.37 21.83
CA GLY E 42 62.13 44.71 21.52
C GLY E 42 61.05 45.65 21.07
N LYS E 43 59.78 45.38 21.43
CA LYS E 43 58.60 46.18 21.11
C LYS E 43 58.47 46.51 19.63
N GLY E 44 59.10 45.72 18.76
CA GLY E 44 58.90 45.89 17.33
C GLY E 44 57.70 45.10 16.83
N LEU E 45 56.97 45.70 15.90
CA LEU E 45 55.74 45.11 15.36
C LEU E 45 55.98 44.70 13.92
N GLU E 46 55.76 43.42 13.62
CA GLU E 46 55.93 42.88 12.29
C GLU E 46 54.66 42.13 11.89
N TRP E 47 54.09 42.51 10.74
CA TRP E 47 52.99 41.75 10.19
C TRP E 47 53.50 40.43 9.63
N VAL E 48 52.75 39.36 9.88
CA VAL E 48 53.16 38.01 9.52
C VAL E 48 52.52 37.57 8.21
N ALA E 49 51.20 37.50 8.17
CA ALA E 49 50.53 36.96 6.99
C ALA E 49 49.08 37.43 6.98
N VAL E 50 48.38 37.11 5.89
CA VAL E 50 46.96 37.39 5.74
C VAL E 50 46.34 36.24 4.96
N ILE E 51 45.16 35.80 5.40
CA ILE E 51 44.37 34.82 4.67
C ILE E 51 43.02 35.45 4.35
N TRP E 52 42.55 35.23 3.14
CA TRP E 52 41.33 35.87 2.66
C TRP E 52 40.11 35.25 3.35
N HIS E 53 38.92 35.66 2.93
CA HIS E 53 37.72 35.29 3.65
C HIS E 53 37.49 33.78 3.63
N ASP E 54 37.82 33.12 2.52
CA ASP E 54 37.66 31.69 2.40
C ASP E 54 38.97 30.93 2.19
N GLY E 55 40.11 31.63 2.25
CA GLY E 55 41.39 30.99 2.02
C GLY E 55 41.82 30.92 0.57
N SER E 56 41.16 31.65 -0.32
CA SER E 56 41.50 31.58 -1.75
C SER E 56 42.92 32.04 -2.00
N ASN E 57 43.33 33.14 -1.36
CA ASN E 57 44.66 33.69 -1.52
C ASN E 57 45.29 33.96 -0.17
N LYS E 58 46.57 33.61 -0.05
CA LYS E 58 47.34 33.85 1.16
C LYS E 58 48.60 34.61 0.80
N PHE E 59 48.95 35.60 1.64
CA PHE E 59 50.17 36.37 1.46
C PHE E 59 50.97 36.36 2.75
N TYR E 60 52.30 36.34 2.62
CA TYR E 60 53.20 36.30 3.75
C TYR E 60 54.21 37.42 3.66
N ALA E 61 54.71 37.85 4.82
CA ALA E 61 55.85 38.75 4.87
C ALA E 61 57.10 38.01 4.41
N ASP E 62 58.10 38.77 3.97
CA ASP E 62 59.30 38.16 3.40
C ASP E 62 60.06 37.33 4.43
N SER E 63 59.91 37.64 5.72
CA SER E 63 60.70 36.97 6.74
C SER E 63 60.24 35.54 7.00
N VAL E 64 59.04 35.17 6.58
CA VAL E 64 58.48 33.86 6.91
C VAL E 64 58.03 33.09 5.67
N GLU E 65 58.52 33.45 4.50
CA GLU E 65 58.15 32.71 3.29
C GLU E 65 58.70 31.29 3.35
N GLY E 66 57.84 30.32 3.04
CA GLY E 66 58.23 28.93 2.99
C GLY E 66 58.41 28.27 4.34
N ARG E 67 58.31 29.00 5.44
CA ARG E 67 58.44 28.45 6.78
C ARG E 67 57.12 28.44 7.53
N PHE E 68 56.34 29.52 7.44
CA PHE E 68 55.07 29.63 8.12
C PHE E 68 53.94 29.38 7.13
N THR E 69 52.94 28.61 7.55
CA THR E 69 51.74 28.39 6.77
C THR E 69 50.54 28.78 7.61
N ILE E 70 49.54 29.37 6.97
CA ILE E 70 48.34 29.83 7.66
C ILE E 70 47.12 29.23 6.99
N SER E 71 46.25 28.63 7.80
CA SER E 71 45.05 28.00 7.29
C SER E 71 43.85 28.56 8.05
N ARG E 72 42.71 28.61 7.35
CA ARG E 72 41.49 29.19 7.89
C ARG E 72 40.37 28.19 7.73
N ASP E 73 39.70 27.88 8.84
CA ASP E 73 38.62 26.89 8.86
C ASP E 73 37.38 27.64 9.29
N ASN E 74 36.56 28.05 8.32
CA ASN E 74 35.35 28.80 8.63
C ASN E 74 34.33 27.93 9.36
N SER E 75 34.37 26.62 9.13
CA SER E 75 33.37 25.74 9.72
C SER E 75 33.46 25.73 11.24
N LYS E 76 34.67 25.69 11.79
CA LYS E 76 34.87 25.61 13.23
C LYS E 76 35.19 26.96 13.86
N ASN E 77 35.00 28.06 13.12
CA ASN E 77 35.09 29.41 13.68
C ASN E 77 36.47 29.68 14.27
N THR E 78 37.52 29.27 13.57
CA THR E 78 38.86 29.35 14.12
C THR E 78 39.89 29.56 13.00
N LEU E 79 41.07 29.99 13.40
CA LEU E 79 42.18 30.26 12.49
C LEU E 79 43.40 29.48 12.93
N TYR E 80 44.25 29.10 11.98
CA TYR E 80 45.46 28.34 12.26
C TYR E 80 46.64 28.93 11.50
N LEU E 81 47.80 28.95 12.17
CA LEU E 81 49.07 29.29 11.53
C LEU E 81 50.14 28.38 12.09
N GLN E 82 50.74 27.57 11.23
CA GLN E 82 51.77 26.61 11.62
C GLN E 82 53.13 27.09 11.16
N MET E 83 54.13 26.99 12.04
CA MET E 83 55.47 27.48 11.76
C MET E 83 56.38 26.28 11.53
N ASN E 84 57.23 26.36 10.50
CA ASN E 84 58.25 25.36 10.24
C ASN E 84 59.61 26.04 10.18
N SER E 85 60.67 25.26 10.34
CA SER E 85 62.04 25.76 10.31
C SER E 85 62.22 26.92 11.29
N LEU E 86 61.66 26.77 12.48
CA LEU E 86 61.62 27.85 13.47
C LEU E 86 63.03 28.14 13.99
N ARG E 87 63.26 29.41 14.31
CA ARG E 87 64.58 29.85 14.76
C ARG E 87 64.42 30.99 15.76
N ASP E 88 65.56 31.55 16.17
CA ASP E 88 65.59 32.47 17.31
C ASP E 88 64.84 33.77 17.05
N GLU E 89 64.98 34.35 15.85
CA GLU E 89 64.42 35.67 15.62
C GLU E 89 62.90 35.68 15.48
N ASP E 90 62.24 34.56 15.74
CA ASP E 90 60.78 34.53 15.88
C ASP E 90 60.35 34.49 17.35
N THR E 91 61.27 34.74 18.27
CA THR E 91 60.94 34.85 19.68
C THR E 91 60.14 36.12 19.91
N ALA E 92 58.83 35.97 20.11
CA ALA E 92 57.95 37.14 20.18
C ALA E 92 56.61 36.71 20.73
N ILE E 93 55.80 37.70 21.09
CA ILE E 93 54.40 37.49 21.44
C ILE E 93 53.56 37.64 20.18
N TYR E 94 52.79 36.59 19.85
CA TYR E 94 52.06 36.52 18.60
C TYR E 94 50.66 37.07 18.78
N TYR E 95 50.29 38.01 17.92
CA TYR E 95 48.99 38.68 18.01
C TYR E 95 48.13 38.34 16.80
N CYS E 96 46.90 37.93 17.07
CA CYS E 96 45.90 37.77 16.01
C CYS E 96 45.33 39.14 15.65
N ALA E 97 44.69 39.22 14.49
CA ALA E 97 44.12 40.47 14.03
C ALA E 97 42.94 40.17 13.12
N LYS E 98 42.05 41.15 12.99
CA LYS E 98 40.88 41.04 12.13
C LYS E 98 40.83 42.28 11.25
N ASP E 99 40.99 42.08 9.94
CA ASP E 99 40.97 43.21 9.03
C ASP E 99 39.63 43.93 9.11
N TRP E 100 39.68 45.26 9.07
CA TRP E 100 38.50 46.08 9.35
C TRP E 100 37.34 45.78 8.39
N GLY E 101 37.64 45.50 7.12
CA GLY E 101 36.60 45.30 6.14
C GLY E 101 36.35 46.46 5.21
N GLY E 102 37.18 47.51 5.27
CA GLY E 102 37.00 48.63 4.37
C GLY E 102 37.35 48.28 2.94
N ALA E 103 36.99 49.19 2.03
CA ALA E 103 37.21 48.95 0.61
C ALA E 103 38.69 48.80 0.29
N SER E 104 39.52 49.73 0.79
CA SER E 104 40.95 49.71 0.54
C SER E 104 41.76 50.01 1.80
N ASP E 105 41.15 49.94 2.98
CA ASP E 105 41.83 50.24 4.22
C ASP E 105 42.24 48.93 4.90
N ARG E 106 43.55 48.65 4.90
CA ARG E 106 44.07 47.45 5.55
C ARG E 106 44.56 47.82 6.93
N VAL E 107 43.62 47.86 7.87
CA VAL E 107 43.88 48.18 9.26
C VAL E 107 43.21 47.13 10.13
N PHE E 108 43.67 47.02 11.37
CA PHE E 108 43.15 46.04 12.31
C PHE E 108 42.40 46.74 13.44
N ASP E 109 41.25 46.18 13.80
CA ASP E 109 40.41 46.80 14.80
C ASP E 109 40.31 45.97 16.08
N TYR E 110 40.01 44.69 15.94
CA TYR E 110 39.81 43.81 17.10
C TYR E 110 41.00 42.87 17.22
N TRP E 111 41.97 43.27 18.04
CA TRP E 111 43.15 42.45 18.26
C TRP E 111 42.85 41.38 19.31
N GLY E 112 43.67 40.33 19.31
CA GLY E 112 43.55 39.29 20.30
C GLY E 112 44.36 39.60 21.55
N ARG E 113 44.32 38.65 22.50
CA ARG E 113 45.09 38.82 23.73
C ARG E 113 46.57 38.52 23.50
N GLY E 114 46.86 37.55 22.63
CA GLY E 114 48.24 37.19 22.34
C GLY E 114 48.68 35.92 23.05
N THR E 115 49.45 35.09 22.36
CA THR E 115 50.02 33.87 22.93
C THR E 115 51.51 33.83 22.65
N LEU E 116 52.29 33.57 23.69
CA LEU E 116 53.74 33.72 23.64
C LEU E 116 54.39 32.46 23.10
N VAL E 117 55.36 32.64 22.21
CA VAL E 117 56.16 31.54 21.67
C VAL E 117 57.63 31.86 21.92
N ILE E 118 58.35 30.90 22.50
CA ILE E 118 59.76 31.06 22.85
C ILE E 118 60.57 30.03 22.08
N VAL E 119 61.62 30.48 21.40
CA VAL E 119 62.56 29.62 20.70
C VAL E 119 63.88 29.69 21.45
N SER E 120 64.28 28.59 22.06
CA SER E 120 65.50 28.55 22.86
C SER E 120 65.95 27.10 22.97
N SER E 121 66.94 26.87 23.84
CA SER E 121 67.48 25.53 24.06
C SER E 121 67.85 25.33 25.53
N ASP F 1 33.60 51.57 6.17
CA ASP F 1 32.49 52.50 6.10
C ASP F 1 32.94 53.80 5.45
N ILE F 2 32.02 54.47 4.75
CA ILE F 2 32.35 55.61 3.90
C ILE F 2 31.40 56.75 4.23
N GLN F 3 31.94 57.98 4.22
CA GLN F 3 31.21 59.16 4.63
C GLN F 3 30.56 59.82 3.42
N MET F 4 29.23 59.89 3.42
CA MET F 4 28.49 60.60 2.38
C MET F 4 28.06 61.97 2.88
N THR F 5 28.55 63.00 2.22
CA THR F 5 28.24 64.39 2.56
C THR F 5 27.40 65.00 1.45
N GLN F 6 26.19 65.42 1.79
CA GLN F 6 25.28 66.04 0.83
C GLN F 6 25.03 67.48 1.24
N SER F 7 25.07 68.38 0.26
CA SER F 7 25.00 69.81 0.50
C SER F 7 23.92 70.43 -0.37
N PRO F 8 23.24 71.48 0.12
CA PRO F 8 23.36 72.10 1.44
C PRO F 8 22.61 71.31 2.51
N SER F 9 22.85 71.59 3.78
CA SER F 9 22.12 70.91 4.85
C SER F 9 20.64 71.28 4.82
N THR F 10 20.34 72.55 4.58
CA THR F 10 18.96 73.03 4.46
C THR F 10 18.89 74.04 3.33
N LEU F 11 17.87 73.91 2.47
CA LEU F 11 17.68 74.77 1.33
C LEU F 11 16.19 75.08 1.25
N SER F 12 15.83 76.34 1.50
CA SER F 12 14.45 76.77 1.37
C SER F 12 14.16 77.15 -0.07
N ALA F 13 12.96 76.78 -0.54
CA ALA F 13 12.55 77.09 -1.90
C ALA F 13 11.03 77.16 -1.94
N SER F 14 10.52 77.82 -2.97
CA SER F 14 9.09 78.00 -3.16
C SER F 14 8.56 77.00 -4.17
N VAL F 15 7.26 77.09 -4.45
CA VAL F 15 6.62 76.18 -5.37
C VAL F 15 7.01 76.52 -6.80
N GLY F 16 7.46 75.51 -7.56
CA GLY F 16 7.69 75.65 -8.97
C GLY F 16 9.12 75.95 -9.40
N ASP F 17 10.02 76.22 -8.46
CA ASP F 17 11.38 76.59 -8.82
C ASP F 17 12.23 75.35 -9.09
N ARG F 18 13.50 75.59 -9.40
CA ARG F 18 14.46 74.55 -9.76
C ARG F 18 15.44 74.37 -8.61
N VAL F 19 15.36 73.23 -7.94
CA VAL F 19 16.22 72.94 -6.79
C VAL F 19 17.04 71.70 -7.11
N THR F 20 18.36 71.82 -6.97
CA THR F 20 19.28 70.72 -7.21
C THR F 20 20.00 70.38 -5.91
N ILE F 21 20.06 69.09 -5.59
CA ILE F 21 20.66 68.62 -4.35
C ILE F 21 21.87 67.76 -4.70
N THR F 22 23.02 68.10 -4.11
CA THR F 22 24.26 67.41 -4.36
C THR F 22 24.60 66.47 -3.22
N CYS F 23 25.40 65.44 -3.54
CA CYS F 23 25.85 64.48 -2.56
C CYS F 23 27.27 64.07 -2.92
N ARG F 24 28.19 64.17 -1.96
CA ARG F 24 29.61 63.96 -2.19
C ARG F 24 30.08 62.74 -1.41
N ALA F 25 30.76 61.83 -2.12
CA ALA F 25 31.34 60.65 -1.49
C ALA F 25 32.82 60.85 -1.21
N SER F 26 33.33 60.13 -0.20
CA SER F 26 34.72 60.27 0.17
C SER F 26 35.68 59.72 -0.90
N GLN F 27 35.26 58.74 -1.69
CA GLN F 27 36.05 58.37 -2.85
C GLN F 27 35.07 58.04 -3.97
N SER F 28 35.61 57.62 -5.10
CA SER F 28 34.76 57.15 -6.19
C SER F 28 33.94 55.95 -5.73
N VAL F 29 32.62 56.04 -5.92
CA VAL F 29 31.73 54.93 -5.68
C VAL F 29 31.04 54.47 -6.96
N SER F 30 31.67 54.77 -8.11
CA SER F 30 31.14 54.47 -9.44
C SER F 30 29.77 55.16 -9.56
N THR F 31 28.69 54.42 -9.83
CA THR F 31 27.35 55.00 -9.92
C THR F 31 26.34 54.22 -9.11
N SER F 32 26.78 53.57 -8.04
CA SER F 32 25.89 52.75 -7.21
C SER F 32 25.30 53.58 -6.06
N LEU F 33 24.53 54.59 -6.43
CA LEU F 33 23.88 55.47 -5.47
C LEU F 33 22.39 55.27 -5.46
N ALA F 34 21.75 55.88 -4.47
CA ALA F 34 20.30 55.91 -4.35
C ALA F 34 19.91 57.18 -3.62
N TRP F 35 18.65 57.58 -3.80
CA TRP F 35 18.11 58.77 -3.13
C TRP F 35 16.82 58.40 -2.43
N TYR F 36 16.58 59.00 -1.28
CA TYR F 36 15.40 58.73 -0.48
C TYR F 36 14.76 60.04 -0.03
N GLN F 37 13.44 60.09 -0.12
CA GLN F 37 12.66 61.24 0.34
C GLN F 37 11.81 60.80 1.52
N GLN F 38 12.09 61.37 2.69
CA GLN F 38 11.40 61.02 3.92
C GLN F 38 10.49 62.16 4.33
N LYS F 39 9.19 61.89 4.40
CA LYS F 39 8.34 62.89 5.00
C LYS F 39 8.29 62.68 6.51
N PRO F 40 8.09 63.75 7.28
CA PRO F 40 8.10 63.63 8.73
C PRO F 40 7.05 62.63 9.21
N GLY F 41 7.46 61.75 10.11
CA GLY F 41 6.59 60.73 10.66
C GLY F 41 6.45 59.47 9.84
N LYS F 42 7.06 59.42 8.65
CA LYS F 42 6.93 58.28 7.75
C LYS F 42 8.31 57.76 7.38
N ALA F 43 8.35 56.49 6.98
CA ALA F 43 9.58 55.90 6.49
C ALA F 43 9.96 56.49 5.14
N PRO F 44 11.24 56.70 4.88
CA PRO F 44 11.66 57.28 3.60
C PRO F 44 11.29 56.38 2.42
N ASN F 45 11.06 57.01 1.27
CA ASN F 45 10.67 56.32 0.05
C ASN F 45 11.79 56.39 -0.97
N LEU F 46 11.97 55.32 -1.72
CA LEU F 46 13.01 55.28 -2.74
C LEU F 46 12.61 56.14 -3.92
N LEU F 47 13.55 56.96 -4.40
CA LEU F 47 13.33 57.83 -5.55
C LEU F 47 14.18 57.45 -6.76
N ILE F 48 15.50 57.38 -6.60
CA ILE F 48 16.42 57.10 -7.67
C ILE F 48 17.32 55.95 -7.25
N TYR F 49 17.65 55.06 -8.19
CA TYR F 49 18.67 54.05 -7.98
C TYR F 49 19.61 54.07 -9.18
N GLN F 50 20.84 53.60 -8.96
CA GLN F 50 21.91 53.68 -9.96
C GLN F 50 22.21 55.14 -10.33
N ALA F 51 21.72 56.06 -9.49
CA ALA F 51 22.04 57.49 -9.52
C ALA F 51 21.42 58.21 -10.70
N SER F 52 20.77 57.49 -11.63
CA SER F 52 20.12 58.11 -12.77
C SER F 52 18.78 57.52 -13.12
N THR F 53 18.45 56.32 -12.63
CA THR F 53 17.24 55.64 -13.07
C THR F 53 16.08 55.97 -12.15
N LEU F 54 14.93 56.29 -12.73
CA LEU F 54 13.75 56.66 -11.96
C LEU F 54 13.07 55.38 -11.47
N TYR F 55 12.77 55.33 -10.18
CA TYR F 55 12.09 54.18 -9.63
C TYR F 55 10.62 54.17 -10.08
N ARG F 56 10.05 52.97 -10.12
CA ARG F 56 8.68 52.79 -10.58
C ARG F 56 7.72 53.62 -9.72
N GLY F 57 6.77 54.28 -10.39
CA GLY F 57 5.74 55.03 -9.71
C GLY F 57 6.18 56.37 -9.14
N VAL F 58 7.36 56.85 -9.48
CA VAL F 58 7.88 58.11 -8.98
C VAL F 58 7.65 59.18 -10.05
N PRO F 59 7.18 60.37 -9.68
CA PRO F 59 6.92 61.41 -10.70
C PRO F 59 8.17 61.75 -11.50
N SER F 60 7.95 62.05 -12.78
CA SER F 60 9.06 62.27 -13.70
C SER F 60 9.79 63.58 -13.45
N ARG F 61 9.27 64.45 -12.59
CA ARG F 61 9.96 65.70 -12.29
C ARG F 61 11.27 65.48 -11.55
N PHE F 62 11.48 64.30 -10.98
CA PHE F 62 12.73 63.96 -10.31
C PHE F 62 13.74 63.48 -11.34
N SER F 63 15.00 63.87 -11.15
CA SER F 63 16.07 63.46 -12.04
C SER F 63 17.37 63.33 -11.26
N GLY F 64 18.16 62.32 -11.62
CA GLY F 64 19.45 62.12 -10.99
C GLY F 64 20.59 62.25 -11.98
N SER F 65 21.75 62.67 -11.51
CA SER F 65 22.90 62.88 -12.38
C SER F 65 24.18 62.82 -11.55
N GLY F 66 25.30 62.69 -12.25
CA GLY F 66 26.60 62.65 -11.62
C GLY F 66 27.17 61.24 -11.54
N SER F 67 28.48 61.19 -11.39
CA SER F 67 29.19 59.92 -11.28
C SER F 67 30.48 60.15 -10.51
N GLY F 68 31.08 59.05 -10.05
CA GLY F 68 32.29 59.15 -9.27
C GLY F 68 32.04 59.61 -7.85
N THR F 69 32.44 60.85 -7.55
CA THR F 69 32.22 61.43 -6.23
C THR F 69 31.22 62.58 -6.25
N GLU F 70 30.87 63.09 -7.43
CA GLU F 70 29.94 64.20 -7.58
C GLU F 70 28.61 63.64 -8.09
N PHE F 71 27.53 63.96 -7.39
CA PHE F 71 26.19 63.54 -7.77
C PHE F 71 25.22 64.68 -7.53
N THR F 72 24.10 64.65 -8.24
CA THR F 72 23.11 65.71 -8.17
C THR F 72 21.71 65.14 -8.31
N LEU F 73 20.82 65.54 -7.41
CA LEU F 73 19.39 65.24 -7.49
C LEU F 73 18.67 66.50 -7.92
N THR F 74 18.00 66.44 -9.07
CA THR F 74 17.41 67.61 -9.70
C THR F 74 15.89 67.47 -9.70
N ILE F 75 15.20 68.54 -9.29
CA ILE F 75 13.74 68.56 -9.23
C ILE F 75 13.25 69.48 -10.34
N GLY F 76 12.56 68.89 -11.31
CA GLY F 76 12.13 69.66 -12.48
C GLY F 76 11.14 70.76 -12.15
N SER F 77 10.19 70.47 -11.26
CA SER F 77 9.17 71.45 -10.88
C SER F 77 8.75 71.13 -9.45
N LEU F 78 9.22 71.93 -8.50
CA LEU F 78 8.90 71.69 -7.10
C LEU F 78 7.40 71.87 -6.87
N GLN F 79 6.80 70.95 -6.13
CA GLN F 79 5.37 70.93 -5.85
C GLN F 79 5.10 70.95 -4.36
N PRO F 80 3.91 71.39 -3.95
CA PRO F 80 3.58 71.43 -2.52
C PRO F 80 3.91 70.15 -1.77
N ASP F 81 3.68 69.00 -2.39
CA ASP F 81 3.85 67.69 -1.76
C ASP F 81 5.30 67.23 -1.81
N ASP F 82 6.17 67.99 -2.48
CA ASP F 82 7.57 67.61 -2.67
C ASP F 82 8.43 67.93 -1.44
N PHE F 83 7.96 68.81 -0.56
CA PHE F 83 8.75 69.28 0.58
C PHE F 83 8.95 68.13 1.56
N ALA F 84 10.19 67.71 1.74
CA ALA F 84 10.54 66.63 2.66
C ALA F 84 12.04 66.61 2.92
N THR F 85 12.52 65.56 3.59
CA THR F 85 13.94 65.38 3.84
C THR F 85 14.53 64.41 2.81
N TYR F 86 15.67 64.77 2.25
CA TYR F 86 16.30 64.00 1.18
C TYR F 86 17.59 63.38 1.68
N TYR F 87 17.70 62.06 1.57
CA TYR F 87 18.91 61.32 1.93
C TYR F 87 19.52 60.70 0.69
N CYS F 88 20.84 60.77 0.59
CA CYS F 88 21.59 60.10 -0.47
C CYS F 88 22.32 58.89 0.10
N GLN F 89 22.18 57.75 -0.56
CA GLN F 89 22.69 56.49 -0.07
C GLN F 89 23.53 55.83 -1.15
N HIS F 90 24.55 55.09 -0.72
CA HIS F 90 25.44 54.40 -1.63
C HIS F 90 25.54 52.93 -1.22
N TYR F 91 25.75 52.07 -2.20
CA TYR F 91 25.88 50.63 -1.98
C TYR F 91 27.04 50.09 -2.82
N ASN F 92 28.16 50.80 -2.80
CA ASN F 92 29.31 50.41 -3.59
C ASN F 92 29.85 49.06 -3.13
N SER F 93 30.39 48.30 -4.07
CA SER F 93 30.89 46.96 -3.76
C SER F 93 32.07 47.05 -2.81
N TYR F 94 32.19 46.03 -1.95
CA TYR F 94 33.23 45.91 -0.92
C TYR F 94 33.19 47.03 0.09
N SER F 95 32.07 47.73 0.22
CA SER F 95 31.88 48.75 1.23
C SER F 95 30.50 48.58 1.86
N ARG F 96 30.36 49.05 3.09
CA ARG F 96 29.10 48.92 3.81
C ARG F 96 28.19 50.09 3.52
N ILE F 97 26.89 49.83 3.60
CA ILE F 97 25.89 50.81 3.19
C ILE F 97 25.81 51.94 4.23
N THR F 98 26.03 53.17 3.77
CA THR F 98 25.93 54.35 4.62
C THR F 98 25.00 55.36 3.96
N PHE F 99 24.57 56.33 4.75
CA PHE F 99 23.65 57.37 4.28
C PHE F 99 24.26 58.75 4.51
N GLY F 100 23.58 59.76 4.00
CA GLY F 100 23.93 61.14 4.29
C GLY F 100 23.19 61.65 5.51
N GLN F 101 23.46 62.92 5.84
CA GLN F 101 22.80 63.54 6.98
C GLN F 101 21.35 63.88 6.68
N GLY F 102 21.05 64.30 5.46
CA GLY F 102 19.68 64.58 5.07
C GLY F 102 19.33 66.04 4.92
N THR F 103 19.10 66.48 3.68
CA THR F 103 18.72 67.86 3.42
C THR F 103 17.21 68.05 3.56
N ARG F 104 16.82 69.20 4.11
CA ARG F 104 15.42 69.57 4.26
C ARG F 104 15.08 70.63 3.22
N LEU F 105 13.87 70.54 2.68
CA LEU F 105 13.34 71.57 1.78
C LEU F 105 12.23 72.33 2.49
N GLU F 106 12.35 73.64 2.56
CA GLU F 106 11.44 74.49 3.32
C GLU F 106 10.71 75.44 2.37
N ILE F 107 9.40 75.59 2.58
CA ILE F 107 8.62 76.51 1.77
C ILE F 107 9.07 77.94 2.02
N LYS F 108 9.16 78.72 0.93
CA LYS F 108 9.52 80.14 0.99
C LYS F 108 10.88 80.36 1.63
N GLN G 1 -0.53 44.18 -0.61
CA GLN G 1 0.10 45.33 -1.23
C GLN G 1 1.53 45.31 -0.70
N VAL G 2 1.73 44.46 0.31
CA VAL G 2 2.96 44.28 1.06
C VAL G 2 3.15 45.38 2.09
N GLN G 3 2.91 45.06 3.35
CA GLN G 3 3.22 45.90 4.49
C GLN G 3 4.15 45.14 5.43
N LEU G 4 5.17 45.82 5.93
CA LEU G 4 6.09 45.25 6.90
C LEU G 4 5.78 45.81 8.28
N VAL G 5 5.51 44.92 9.24
CA VAL G 5 5.11 45.29 10.59
C VAL G 5 6.22 44.91 11.54
N GLU G 6 6.79 45.90 12.22
CA GLU G 6 7.77 45.63 13.27
C GLU G 6 7.09 45.63 14.64
N SER G 7 7.78 45.04 15.61
CA SER G 7 7.25 44.93 16.96
C SER G 7 8.40 44.58 17.91
N GLY G 8 8.07 44.55 19.20
CA GLY G 8 9.04 44.17 20.21
C GLY G 8 9.82 45.30 20.84
N GLY G 9 9.32 46.53 20.76
CA GLY G 9 10.03 47.67 21.29
C GLY G 9 9.79 47.88 22.78
N GLY G 10 10.28 49.00 23.26
CA GLY G 10 10.18 49.37 24.66
C GLY G 10 11.40 50.14 25.08
N VAL G 11 11.66 50.15 26.38
CA VAL G 11 12.81 50.84 26.97
C VAL G 11 13.61 49.85 27.78
N VAL G 12 14.93 49.85 27.59
CA VAL G 12 15.82 48.93 28.29
C VAL G 12 16.99 49.71 28.88
N GLN G 13 17.56 49.16 29.93
CA GLN G 13 18.77 49.69 30.52
C GLN G 13 19.98 49.29 29.67
N PRO G 14 21.11 49.98 29.80
CA PRO G 14 22.33 49.51 29.13
C PRO G 14 22.71 48.11 29.62
N GLY G 15 23.14 47.27 28.68
CA GLY G 15 23.68 45.97 29.00
C GLY G 15 22.72 44.80 28.96
N ARG G 16 21.43 45.03 28.75
CA ARG G 16 20.50 43.91 28.65
C ARG G 16 20.17 43.61 27.18
N SER G 17 19.42 42.53 26.96
CA SER G 17 19.08 42.08 25.62
C SER G 17 17.67 42.54 25.25
N LEU G 18 17.37 42.48 23.95
CA LEU G 18 16.06 42.87 23.43
C LEU G 18 15.81 42.20 22.09
N ARG G 19 14.59 41.72 21.86
CA ARG G 19 14.22 41.00 20.64
C ARG G 19 13.30 41.87 19.79
N LEU G 20 13.60 41.94 18.49
CA LEU G 20 12.77 42.65 17.53
C LEU G 20 12.24 41.65 16.49
N SER G 21 11.06 41.94 15.95
CA SER G 21 10.44 41.12 14.93
C SER G 21 9.95 41.98 13.78
N CYS G 22 9.89 41.37 12.58
CA CYS G 22 9.47 42.07 11.37
C CYS G 22 8.49 41.17 10.61
N ALA G 23 7.45 40.72 11.30
CA ALA G 23 6.41 39.91 10.67
C ALA G 23 5.88 40.61 9.43
N ALA G 24 6.08 39.98 8.28
CA ALA G 24 5.73 40.54 6.99
C ALA G 24 4.34 40.07 6.57
N SER G 25 3.77 40.78 5.59
CA SER G 25 2.41 40.51 5.14
C SER G 25 2.38 40.57 3.62
N ARG G 26 1.91 39.50 3.00
CA ARG G 26 1.62 39.35 1.57
C ARG G 26 2.89 39.37 0.71
N LEU G 27 4.07 39.56 1.29
CA LEU G 27 5.32 39.55 0.55
C LEU G 27 5.78 38.10 0.41
N THR G 28 6.37 37.78 -0.74
CA THR G 28 6.99 36.47 -0.90
C THR G 28 8.29 36.47 -0.12
N PHE G 29 8.19 36.26 1.20
CA PHE G 29 9.31 36.51 2.10
C PHE G 29 10.49 35.61 1.81
N ARG G 30 10.24 34.35 1.47
CA ARG G 30 11.31 33.39 1.25
C ARG G 30 12.26 33.78 0.11
N ASN G 31 11.76 34.50 -0.90
CA ASN G 31 12.56 34.84 -2.06
C ASN G 31 13.34 36.13 -1.91
N PHE G 32 13.23 36.82 -0.78
CA PHE G 32 13.80 38.16 -0.64
C PHE G 32 14.72 38.23 0.58
N GLY G 33 15.85 38.91 0.40
CA GLY G 33 16.69 39.27 1.53
C GLY G 33 16.14 40.50 2.21
N MET G 34 16.41 40.66 3.50
CA MET G 34 15.84 41.75 4.26
C MET G 34 16.94 42.49 5.01
N HIS G 35 16.67 43.75 5.35
CA HIS G 35 17.62 44.61 6.03
C HIS G 35 16.99 45.21 7.28
N TRP G 36 17.85 45.66 8.19
CA TRP G 36 17.45 46.53 9.28
C TRP G 36 18.18 47.86 9.14
N VAL G 37 17.44 48.95 9.23
CA VAL G 37 18.00 50.29 9.06
C VAL G 37 17.63 51.12 10.29
N ARG G 38 18.62 51.79 10.85
CA ARG G 38 18.45 52.56 12.08
C ARG G 38 18.50 54.05 11.77
N GLN G 39 17.52 54.79 12.31
CA GLN G 39 17.48 56.24 12.20
C GLN G 39 17.65 56.85 13.58
N THR G 40 18.80 57.46 13.83
CA THR G 40 19.07 58.12 15.10
C THR G 40 18.20 59.36 15.24
N PRO G 41 17.94 59.79 16.47
CA PRO G 41 17.13 61.01 16.67
C PRO G 41 17.76 62.24 16.05
N GLY G 42 19.07 62.25 15.82
CA GLY G 42 19.72 63.30 15.07
C GLY G 42 19.40 63.33 13.60
N LYS G 43 18.37 62.60 13.17
CA LYS G 43 17.89 62.55 11.79
C LYS G 43 18.92 61.95 10.83
N GLY G 44 19.88 61.19 11.35
CA GLY G 44 20.78 60.44 10.49
C GLY G 44 20.29 59.02 10.28
N LEU G 45 20.65 58.46 9.12
CA LEU G 45 20.26 57.10 8.76
C LEU G 45 21.50 56.23 8.76
N GLU G 46 21.42 55.09 9.45
CA GLU G 46 22.55 54.19 9.63
C GLU G 46 22.10 52.75 9.44
N TRP G 47 22.78 52.04 8.54
CA TRP G 47 22.42 50.67 8.24
C TRP G 47 22.98 49.73 9.31
N VAL G 48 22.28 48.61 9.54
CA VAL G 48 22.57 47.72 10.65
C VAL G 48 23.01 46.34 10.18
N ALA G 49 22.13 45.63 9.47
CA ALA G 49 22.42 44.25 9.13
C ALA G 49 21.59 43.83 7.92
N VAL G 50 22.00 42.71 7.31
CA VAL G 50 21.29 42.12 6.18
C VAL G 50 21.43 40.61 6.28
N ILE G 51 20.34 39.89 5.98
CA ILE G 51 20.35 38.44 5.92
C ILE G 51 19.90 38.01 4.53
N TRP G 52 20.55 36.97 4.00
CA TRP G 52 20.26 36.52 2.65
C TRP G 52 18.92 35.78 2.62
N HIS G 53 18.58 35.20 1.47
CA HIS G 53 17.26 34.62 1.29
C HIS G 53 17.03 33.44 2.23
N ASP G 54 18.03 32.57 2.37
CA ASP G 54 17.91 31.40 3.24
C ASP G 54 18.73 31.53 4.51
N GLY G 55 19.44 32.63 4.70
CA GLY G 55 20.30 32.81 5.85
C GLY G 55 21.70 32.30 5.68
N SER G 56 22.16 32.08 4.45
CA SER G 56 23.50 31.56 4.23
C SER G 56 24.56 32.52 4.75
N ASN G 57 24.40 33.82 4.49
CA ASN G 57 25.36 34.82 4.90
C ASN G 57 24.64 35.98 5.56
N LYS G 58 25.33 36.62 6.51
CA LYS G 58 24.84 37.80 7.19
C LYS G 58 25.95 38.83 7.24
N PHE G 59 25.64 40.09 6.99
CA PHE G 59 26.62 41.16 7.05
C PHE G 59 26.14 42.24 8.01
N TYR G 60 27.06 42.69 8.87
CA TYR G 60 26.75 43.70 9.88
C TYR G 60 27.63 44.92 9.68
N ALA G 61 27.09 46.08 10.04
CA ALA G 61 27.93 47.27 10.18
C ALA G 61 28.81 47.11 11.42
N ASP G 62 29.97 47.75 11.38
CA ASP G 62 30.95 47.56 12.45
C ASP G 62 30.42 48.04 13.79
N SER G 63 29.45 48.96 13.78
CA SER G 63 28.90 49.48 15.03
C SER G 63 28.16 48.41 15.82
N VAL G 64 27.59 47.42 15.16
CA VAL G 64 26.83 46.35 15.80
C VAL G 64 27.50 44.99 15.65
N GLU G 65 28.78 44.96 15.33
CA GLU G 65 29.47 43.71 15.12
C GLU G 65 29.65 42.95 16.44
N GLY G 66 29.05 41.77 16.52
CA GLY G 66 29.10 40.96 17.72
C GLY G 66 28.09 41.32 18.78
N ARG G 67 27.42 42.46 18.64
CA ARG G 67 26.36 42.87 19.56
C ARG G 67 24.98 42.44 19.08
N PHE G 68 24.78 42.39 17.77
CA PHE G 68 23.47 42.14 17.17
C PHE G 68 23.50 40.79 16.47
N THR G 69 22.37 40.08 16.52
CA THR G 69 22.19 38.84 15.78
C THR G 69 20.92 38.94 14.97
N ILE G 70 21.04 38.77 13.65
CA ILE G 70 19.89 38.83 12.76
C ILE G 70 19.59 37.42 12.25
N SER G 71 18.35 37.00 12.48
CA SER G 71 17.92 35.66 12.10
C SER G 71 16.58 35.75 11.39
N ARG G 72 16.38 34.84 10.44
CA ARG G 72 15.20 34.83 9.59
C ARG G 72 14.51 33.49 9.71
N ASP G 73 13.18 33.52 9.82
CA ASP G 73 12.37 32.31 9.89
C ASP G 73 11.38 32.42 8.74
N ASN G 74 11.70 31.74 7.62
CA ASN G 74 10.85 31.83 6.43
C ASN G 74 9.50 31.15 6.65
N SER G 75 9.46 30.12 7.50
CA SER G 75 8.23 29.36 7.68
C SER G 75 7.13 30.24 8.28
N LYS G 76 7.46 31.06 9.26
CA LYS G 76 6.49 31.90 9.95
C LYS G 76 6.36 33.28 9.30
N ASN G 77 7.13 33.53 8.23
CA ASN G 77 7.01 34.76 7.45
C ASN G 77 7.40 35.99 8.27
N THR G 78 8.57 35.93 8.90
CA THR G 78 8.99 37.00 9.80
C THR G 78 10.51 37.07 9.86
N LEU G 79 11.01 38.20 10.36
CA LEU G 79 12.43 38.46 10.53
C LEU G 79 12.72 38.77 11.99
N TYR G 80 13.85 38.30 12.49
CA TYR G 80 14.24 38.52 13.88
C TYR G 80 15.63 39.15 13.95
N LEU G 81 15.76 40.13 14.84
CA LEU G 81 17.06 40.68 15.19
C LEU G 81 17.14 40.78 16.71
N GLN G 82 18.07 40.06 17.31
CA GLN G 82 18.23 40.01 18.76
C GLN G 82 19.41 40.89 19.16
N MET G 83 19.18 41.80 20.10
CA MET G 83 20.16 42.77 20.52
C MET G 83 20.81 42.31 21.81
N ASN G 84 22.12 42.52 21.94
CA ASN G 84 22.86 42.21 23.15
C ASN G 84 23.78 43.37 23.51
N SER G 85 23.94 43.60 24.81
CA SER G 85 24.87 44.60 25.35
C SER G 85 24.67 45.98 24.75
N LEU G 86 23.46 46.51 24.85
CA LEU G 86 23.14 47.81 24.29
C LEU G 86 23.86 48.93 25.05
N ARG G 87 23.78 50.13 24.48
CA ARG G 87 24.33 51.31 25.12
C ARG G 87 23.56 52.54 24.62
N ASP G 88 24.02 53.72 25.03
CA ASP G 88 23.28 54.95 24.75
C ASP G 88 23.20 55.24 23.25
N GLU G 89 24.21 54.83 22.47
CA GLU G 89 24.22 55.13 21.05
C GLU G 89 23.11 54.42 20.29
N ASP G 90 22.66 53.26 20.76
CA ASP G 90 21.63 52.48 20.07
C ASP G 90 20.23 53.01 20.34
N THR G 91 20.10 54.23 20.85
CA THR G 91 18.80 54.85 21.09
C THR G 91 18.29 55.43 19.79
N ALA G 92 17.36 54.74 19.13
CA ALA G 92 16.88 55.20 17.83
C ALA G 92 15.65 54.38 17.42
N ILE G 93 15.05 54.81 16.32
CA ILE G 93 13.95 54.09 15.68
C ILE G 93 14.53 53.06 14.73
N TYR G 94 13.98 51.84 14.77
CA TYR G 94 14.47 50.74 13.96
C TYR G 94 13.49 50.43 12.84
N TYR G 95 13.95 50.51 11.60
CA TYR G 95 13.14 50.24 10.42
C TYR G 95 13.47 48.86 9.85
N CYS G 96 12.44 48.13 9.47
CA CYS G 96 12.63 46.95 8.64
C CYS G 96 12.75 47.38 7.18
N ALA G 97 13.21 46.49 6.31
CA ALA G 97 13.43 46.83 4.92
C ALA G 97 13.36 45.57 4.08
N LYS G 98 13.27 45.76 2.76
CA LYS G 98 13.25 44.66 1.81
C LYS G 98 14.09 45.08 0.62
N ASP G 99 15.13 44.30 0.31
CA ASP G 99 16.00 44.64 -0.80
C ASP G 99 15.23 44.56 -2.12
N TRP G 100 15.51 45.51 -3.02
CA TRP G 100 14.69 45.66 -4.21
C TRP G 100 14.71 44.43 -5.11
N GLY G 101 15.81 43.69 -5.13
CA GLY G 101 15.91 42.51 -5.97
C GLY G 101 16.71 42.69 -7.23
N GLY G 102 17.36 43.83 -7.42
CA GLY G 102 18.17 44.02 -8.61
C GLY G 102 19.42 43.16 -8.58
N ALA G 103 20.06 43.05 -9.74
CA ALA G 103 21.28 42.24 -9.85
C ALA G 103 22.40 42.81 -8.99
N SER G 104 22.55 44.14 -9.00
CA SER G 104 23.59 44.81 -8.24
C SER G 104 23.09 46.04 -7.50
N ASP G 105 21.79 46.13 -7.21
CA ASP G 105 21.22 47.30 -6.53
C ASP G 105 20.81 46.90 -5.13
N ARG G 106 21.49 47.46 -4.13
CA ARG G 106 21.11 47.27 -2.73
C ARG G 106 20.34 48.50 -2.26
N VAL G 107 19.08 48.57 -2.70
CA VAL G 107 18.19 49.66 -2.32
C VAL G 107 16.91 49.05 -1.76
N PHE G 108 16.31 49.75 -0.80
CA PHE G 108 15.12 49.28 -0.10
C PHE G 108 13.88 49.96 -0.67
N ASP G 109 12.83 49.16 -0.87
CA ASP G 109 11.60 49.70 -1.44
C ASP G 109 10.45 49.69 -0.43
N TYR G 110 10.13 48.52 0.11
CA TYR G 110 9.01 48.37 1.04
C TYR G 110 9.54 48.47 2.47
N TRP G 111 9.56 49.70 2.98
CA TRP G 111 9.95 49.94 4.36
C TRP G 111 8.82 49.57 5.31
N GLY G 112 9.18 49.26 6.55
CA GLY G 112 8.21 49.09 7.61
C GLY G 112 7.93 50.40 8.33
N ARG G 113 6.99 50.35 9.27
CA ARG G 113 6.61 51.54 10.01
C ARG G 113 7.71 51.98 10.97
N GLY G 114 8.39 51.02 11.61
CA GLY G 114 9.43 51.34 12.57
C GLY G 114 9.02 51.05 14.00
N THR G 115 9.96 50.53 14.79
CA THR G 115 9.73 50.22 16.19
C THR G 115 10.81 50.88 17.04
N LEU G 116 10.41 51.48 18.16
CA LEU G 116 11.27 52.36 18.93
C LEU G 116 11.95 51.58 20.05
N VAL G 117 13.27 51.77 20.18
CA VAL G 117 14.06 51.17 21.25
C VAL G 117 14.83 52.27 21.93
N ILE G 118 14.73 52.34 23.26
CA ILE G 118 15.41 53.34 24.08
C ILE G 118 16.29 52.64 25.09
N VAL G 119 17.55 53.08 25.15
CA VAL G 119 18.51 52.60 26.14
C VAL G 119 18.86 53.77 27.05
N SER G 120 18.37 53.73 28.28
CA SER G 120 18.57 54.82 29.22
C SER G 120 18.35 54.29 30.63
N SER G 121 18.41 55.20 31.61
CA SER G 121 18.21 54.83 33.00
C SER G 121 16.99 55.54 33.59
N ASP H 1 15.94 45.01 -12.07
CA ASP H 1 15.46 44.75 -13.42
C ASP H 1 16.33 45.48 -14.45
N ILE H 2 16.56 44.82 -15.59
CA ILE H 2 17.35 45.37 -16.68
C ILE H 2 16.40 45.78 -17.80
N GLN H 3 16.42 47.07 -18.14
CA GLN H 3 15.60 47.56 -19.24
C GLN H 3 16.22 47.10 -20.54
N MET H 4 15.39 46.80 -21.54
CA MET H 4 15.88 46.28 -22.80
C MET H 4 15.55 47.27 -23.91
N THR H 5 16.58 47.81 -24.53
CA THR H 5 16.43 48.81 -25.59
C THR H 5 16.90 48.23 -26.91
N GLN H 6 16.00 48.20 -27.89
CA GLN H 6 16.30 47.65 -29.20
C GLN H 6 16.08 48.71 -30.27
N SER H 7 16.93 48.67 -31.30
CA SER H 7 16.94 49.67 -32.35
C SER H 7 17.08 48.99 -33.71
N PRO H 8 16.49 49.58 -34.76
CA PRO H 8 15.62 50.76 -34.78
C PRO H 8 14.19 50.43 -34.36
N SER H 9 13.40 51.42 -33.97
CA SER H 9 12.02 51.16 -33.58
C SER H 9 11.20 50.63 -34.75
N THR H 10 11.38 51.22 -35.93
CA THR H 10 10.69 50.80 -37.13
C THR H 10 11.68 50.79 -38.29
N LEU H 11 11.78 49.65 -38.97
CA LEU H 11 12.71 49.49 -40.10
C LEU H 11 11.92 48.91 -41.26
N SER H 12 11.82 49.66 -42.34
CA SER H 12 11.05 49.23 -43.49
C SER H 12 11.95 48.54 -44.52
N ALA H 13 11.42 47.50 -45.15
CA ALA H 13 12.17 46.74 -46.14
C ALA H 13 11.19 46.01 -47.05
N SER H 14 11.69 45.58 -48.19
CA SER H 14 10.92 44.85 -49.18
C SER H 14 11.25 43.37 -49.12
N VAL H 15 10.58 42.59 -49.97
CA VAL H 15 10.82 41.16 -50.02
C VAL H 15 12.17 40.88 -50.68
N GLY H 16 12.98 40.06 -50.02
CA GLY H 16 14.23 39.60 -50.58
C GLY H 16 15.48 40.26 -50.05
N ASP H 17 15.35 41.40 -49.35
CA ASP H 17 16.52 42.07 -48.80
C ASP H 17 16.95 41.44 -47.48
N ARG H 18 18.10 41.88 -46.98
CA ARG H 18 18.64 41.42 -45.71
C ARG H 18 18.60 42.59 -44.74
N VAL H 19 18.03 42.36 -43.56
CA VAL H 19 17.88 43.40 -42.53
C VAL H 19 18.42 42.86 -41.22
N THR H 20 18.83 43.77 -40.34
CA THR H 20 19.36 43.41 -39.03
C THR H 20 18.62 44.18 -37.96
N ILE H 21 18.28 43.50 -36.87
CA ILE H 21 17.62 44.11 -35.72
C ILE H 21 18.54 43.95 -34.52
N THR H 22 18.86 45.07 -33.88
CA THR H 22 19.77 45.08 -32.74
C THR H 22 19.00 45.23 -31.44
N CYS H 23 19.54 44.63 -30.39
CA CYS H 23 18.95 44.70 -29.07
C CYS H 23 20.06 45.00 -28.07
N ARG H 24 19.89 46.06 -27.28
CA ARG H 24 20.94 46.59 -26.42
C ARG H 24 20.46 46.61 -24.97
N ALA H 25 21.28 46.08 -24.07
CA ALA H 25 20.94 46.07 -22.65
C ALA H 25 21.78 47.09 -21.89
N SER H 26 21.28 47.48 -20.71
CA SER H 26 22.02 48.41 -19.87
C SER H 26 23.22 47.77 -19.20
N GLN H 27 23.14 46.47 -18.89
CA GLN H 27 24.25 45.76 -18.25
C GLN H 27 24.33 44.37 -18.84
N SER H 28 25.51 43.76 -18.76
CA SER H 28 25.78 42.49 -19.42
C SER H 28 24.82 41.42 -18.94
N VAL H 29 24.27 40.67 -19.91
CA VAL H 29 23.40 39.54 -19.64
C VAL H 29 24.03 38.24 -20.14
N SER H 30 25.36 38.23 -20.28
CA SER H 30 26.12 37.08 -20.79
C SER H 30 25.57 36.73 -22.16
N THR H 31 25.04 35.53 -22.39
CA THR H 31 24.41 35.16 -23.65
C THR H 31 22.96 34.74 -23.44
N SER H 32 22.33 35.21 -22.36
CA SER H 32 21.00 34.76 -21.97
C SER H 32 19.92 35.68 -22.56
N LEU H 33 19.60 35.42 -23.82
CA LEU H 33 18.57 36.15 -24.53
C LEU H 33 17.66 35.22 -25.32
N ALA H 34 16.64 35.83 -25.93
CA ALA H 34 15.72 35.14 -26.82
C ALA H 34 15.10 36.18 -27.74
N TRP H 35 14.47 35.71 -28.81
CA TRP H 35 13.80 36.58 -29.76
C TRP H 35 12.40 36.07 -30.04
N TYR H 36 11.46 36.99 -30.21
CA TYR H 36 10.06 36.65 -30.41
C TYR H 36 9.51 37.40 -31.62
N GLN H 37 8.69 36.72 -32.39
CA GLN H 37 8.00 37.31 -33.54
C GLN H 37 6.51 37.33 -33.24
N GLN H 38 5.90 38.51 -33.34
CA GLN H 38 4.47 38.66 -33.13
C GLN H 38 3.83 39.20 -34.40
N LYS H 39 3.27 38.30 -35.21
CA LYS H 39 2.45 38.90 -36.25
C LYS H 39 1.18 39.45 -35.62
N PRO H 40 0.62 40.53 -36.16
CA PRO H 40 -0.54 41.15 -35.52
C PRO H 40 -1.70 40.18 -35.36
N GLY H 41 -2.32 40.22 -34.18
CA GLY H 41 -3.50 39.43 -33.91
C GLY H 41 -3.29 38.16 -33.11
N LYS H 42 -2.06 37.65 -33.01
CA LYS H 42 -1.81 36.42 -32.27
C LYS H 42 -0.69 36.62 -31.27
N ALA H 43 -0.48 35.59 -30.45
CA ALA H 43 0.58 35.62 -29.46
C ALA H 43 1.95 35.50 -30.14
N PRO H 44 3.00 36.05 -29.52
CA PRO H 44 4.34 35.92 -30.09
C PRO H 44 4.83 34.48 -30.09
N ASN H 45 5.76 34.18 -30.99
CA ASN H 45 6.32 32.84 -31.14
C ASN H 45 7.83 32.87 -30.87
N LEU H 46 8.37 31.74 -30.43
CA LEU H 46 9.79 31.64 -30.18
C LEU H 46 10.57 31.51 -31.49
N LEU H 47 11.66 32.26 -31.61
CA LEU H 47 12.56 32.18 -32.75
C LEU H 47 13.97 31.76 -32.38
N ILE H 48 14.60 32.44 -31.44
CA ILE H 48 15.98 32.18 -31.03
C ILE H 48 16.00 32.05 -29.52
N TYR H 49 16.82 31.13 -29.01
CA TYR H 49 17.11 31.04 -27.59
C TYR H 49 18.61 30.90 -27.40
N GLN H 50 19.07 31.36 -26.23
CA GLN H 50 20.50 31.43 -25.90
C GLN H 50 21.24 32.35 -26.86
N ALA H 51 20.47 33.19 -27.57
CA ALA H 51 20.96 34.30 -28.37
C ALA H 51 21.67 33.87 -29.65
N SER H 52 21.88 32.57 -29.83
CA SER H 52 22.49 32.07 -31.05
C SER H 52 21.87 30.79 -31.59
N THR H 53 21.09 30.07 -30.79
CA THR H 53 20.57 28.78 -31.20
C THR H 53 19.20 28.93 -31.83
N LEU H 54 18.98 28.27 -32.95
CA LEU H 54 17.72 28.35 -33.67
C LEU H 54 16.72 27.37 -33.06
N TYR H 55 15.55 27.89 -32.66
CA TYR H 55 14.53 27.06 -32.05
C TYR H 55 13.98 26.08 -33.07
N ARG H 56 13.41 24.98 -32.55
CA ARG H 56 12.88 23.92 -33.40
C ARG H 56 11.77 24.46 -34.30
N GLY H 57 11.77 24.00 -35.55
CA GLY H 57 10.70 24.31 -36.49
C GLY H 57 10.72 25.71 -37.06
N VAL H 58 11.78 26.47 -36.85
CA VAL H 58 11.89 27.84 -37.35
C VAL H 58 12.69 27.81 -38.65
N PRO H 59 12.28 28.55 -39.68
CA PRO H 59 13.05 28.59 -40.92
C PRO H 59 14.47 29.10 -40.67
N SER H 60 15.42 28.55 -41.42
CA SER H 60 16.83 28.78 -41.15
C SER H 60 17.32 30.15 -41.63
N ARG H 61 16.48 30.93 -42.29
CA ARG H 61 16.89 32.25 -42.75
C ARG H 61 17.11 33.23 -41.60
N PHE H 62 16.70 32.86 -40.39
CA PHE H 62 16.85 33.71 -39.21
C PHE H 62 18.14 33.34 -38.49
N SER H 63 18.90 34.34 -38.08
CA SER H 63 20.19 34.12 -37.43
C SER H 63 20.38 35.11 -36.29
N GLY H 64 20.93 34.62 -35.18
CA GLY H 64 21.22 35.46 -34.04
C GLY H 64 22.66 35.39 -33.60
N SER H 65 23.22 36.50 -33.16
CA SER H 65 24.62 36.55 -32.76
C SER H 65 24.83 37.71 -31.80
N GLY H 66 25.97 37.69 -31.14
CA GLY H 66 26.33 38.72 -30.18
C GLY H 66 26.36 38.19 -28.75
N SER H 67 27.09 38.91 -27.91
CA SER H 67 27.22 38.55 -26.51
C SER H 67 27.46 39.81 -25.70
N GLY H 68 27.09 39.75 -24.42
CA GLY H 68 27.28 40.87 -23.52
C GLY H 68 26.12 41.83 -23.50
N THR H 69 26.27 42.96 -24.21
CA THR H 69 25.23 43.98 -24.27
C THR H 69 24.79 44.30 -25.69
N GLU H 70 25.55 43.89 -26.70
CA GLU H 70 25.21 44.15 -28.11
C GLU H 70 24.81 42.83 -28.75
N PHE H 71 23.59 42.78 -29.28
CA PHE H 71 23.04 41.57 -29.89
C PHE H 71 22.34 41.94 -31.19
N THR H 72 22.21 40.95 -32.08
CA THR H 72 21.67 41.18 -33.41
C THR H 72 20.89 39.97 -33.89
N LEU H 73 19.68 40.22 -34.38
CA LEU H 73 18.88 39.22 -35.09
C LEU H 73 18.84 39.61 -36.57
N THR H 74 19.39 38.77 -37.42
CA THR H 74 19.54 39.05 -38.84
C THR H 74 18.72 38.07 -39.66
N ILE H 75 17.88 38.59 -40.54
CA ILE H 75 17.11 37.79 -41.47
C ILE H 75 17.91 37.71 -42.77
N GLY H 76 18.29 36.50 -43.16
CA GLY H 76 19.16 36.33 -44.32
C GLY H 76 18.52 36.81 -45.60
N SER H 77 17.25 36.45 -45.82
CA SER H 77 16.52 36.84 -47.02
C SER H 77 15.07 37.07 -46.62
N LEU H 78 14.64 38.34 -46.63
CA LEU H 78 13.29 38.68 -46.19
C LEU H 78 12.25 38.01 -47.07
N GLN H 79 11.21 37.49 -46.45
CA GLN H 79 10.13 36.77 -47.09
C GLN H 79 8.80 37.45 -46.79
N PRO H 80 7.77 37.20 -47.62
CA PRO H 80 6.49 37.88 -47.39
C PRO H 80 5.85 37.56 -46.05
N ASP H 81 6.17 36.42 -45.46
CA ASP H 81 5.52 35.99 -44.23
C ASP H 81 6.32 36.39 -42.98
N ASP H 82 7.44 37.09 -43.14
CA ASP H 82 8.25 37.51 -42.01
C ASP H 82 8.07 38.98 -41.66
N PHE H 83 6.94 39.58 -41.99
CA PHE H 83 6.65 40.98 -41.69
C PHE H 83 5.86 41.01 -40.38
N ALA H 84 6.51 41.42 -39.30
CA ALA H 84 5.89 41.40 -37.98
C ALA H 84 6.65 42.25 -36.98
N THR H 85 6.28 42.15 -35.71
CA THR H 85 6.95 42.85 -34.63
C THR H 85 7.85 41.88 -33.88
N TYR H 86 9.09 42.29 -33.64
CA TYR H 86 10.11 41.43 -33.05
C TYR H 86 10.47 41.96 -31.66
N TYR H 87 10.41 41.08 -30.66
CA TYR H 87 10.76 41.41 -29.28
C TYR H 87 11.97 40.59 -28.85
N CYS H 88 12.94 41.26 -28.23
CA CYS H 88 14.09 40.60 -27.64
C CYS H 88 13.90 40.51 -26.13
N GLN H 89 14.10 39.30 -25.59
CA GLN H 89 13.82 39.03 -24.19
C GLN H 89 15.00 38.32 -23.54
N HIS H 90 15.41 38.84 -22.39
CA HIS H 90 16.52 38.28 -21.63
C HIS H 90 15.97 37.51 -20.43
N TYR H 91 16.76 36.55 -19.97
CA TYR H 91 16.43 35.79 -18.76
C TYR H 91 17.69 35.59 -17.92
N ASN H 92 18.47 36.67 -17.75
CA ASN H 92 19.73 36.57 -17.04
C ASN H 92 19.50 36.19 -15.58
N SER H 93 20.49 35.54 -14.99
CA SER H 93 20.37 35.05 -13.61
C SER H 93 20.25 36.21 -12.64
N TYR H 94 19.45 36.01 -11.59
CA TYR H 94 19.21 36.94 -10.50
C TYR H 94 18.53 38.23 -10.95
N SER H 95 18.06 38.29 -12.19
CA SER H 95 17.33 39.45 -12.71
C SER H 95 16.02 38.97 -13.33
N ARG H 96 14.98 39.79 -13.15
CA ARG H 96 13.65 39.45 -13.64
C ARG H 96 13.56 39.65 -15.14
N ILE H 97 12.66 38.89 -15.76
CA ILE H 97 12.56 38.86 -17.22
C ILE H 97 11.87 40.13 -17.71
N THR H 98 12.52 40.86 -18.61
CA THR H 98 11.96 42.04 -19.23
C THR H 98 12.09 41.93 -20.75
N PHE H 99 11.08 42.43 -21.45
CA PHE H 99 11.04 42.40 -22.90
C PHE H 99 11.41 43.76 -23.47
N GLY H 100 11.72 43.78 -24.77
CA GLY H 100 12.02 45.00 -25.47
C GLY H 100 10.76 45.75 -25.87
N GLN H 101 10.97 46.93 -26.45
CA GLN H 101 9.84 47.78 -26.82
C GLN H 101 9.11 47.24 -28.05
N GLY H 102 9.83 46.61 -28.98
CA GLY H 102 9.20 46.04 -30.15
C GLY H 102 9.58 46.70 -31.45
N THR H 103 10.36 46.01 -32.28
CA THR H 103 10.71 46.51 -33.60
C THR H 103 9.74 45.97 -34.64
N ARG H 104 9.26 46.86 -35.50
CA ARG H 104 8.27 46.52 -36.52
C ARG H 104 8.92 46.59 -37.89
N LEU H 105 8.51 45.69 -38.78
CA LEU H 105 8.96 45.68 -40.16
C LEU H 105 7.79 46.04 -41.07
N GLU H 106 7.97 47.03 -41.92
CA GLU H 106 6.92 47.51 -42.81
C GLU H 106 7.35 47.30 -44.26
N ILE H 107 6.41 46.86 -45.10
CA ILE H 107 6.74 46.52 -46.48
C ILE H 107 7.05 47.80 -47.27
N LYS H 108 8.14 47.75 -48.03
CA LYS H 108 8.54 48.82 -48.96
C LYS H 108 8.89 50.13 -48.25
N GLN I 1 -2.45 19.51 -29.90
CA GLN I 1 -1.00 19.64 -30.04
C GLN I 1 -0.50 20.72 -29.10
N VAL I 2 -0.98 20.67 -27.85
CA VAL I 2 -0.64 21.62 -26.80
C VAL I 2 -1.23 22.98 -27.14
N GLN I 3 -2.40 23.27 -26.58
CA GLN I 3 -3.04 24.58 -26.70
C GLN I 3 -3.37 25.08 -25.31
N LEU I 4 -3.20 26.38 -25.09
CA LEU I 4 -3.50 27.00 -23.80
C LEU I 4 -4.70 27.93 -23.96
N VAL I 5 -5.75 27.67 -23.20
CA VAL I 5 -6.99 28.44 -23.25
C VAL I 5 -7.17 29.11 -21.90
N GLU I 6 -7.25 30.45 -21.92
CA GLU I 6 -7.47 31.20 -20.69
C GLU I 6 -8.89 31.74 -20.66
N SER I 7 -9.32 32.13 -19.46
CA SER I 7 -10.66 32.65 -19.24
C SER I 7 -10.68 33.45 -17.95
N GLY I 8 -11.80 34.11 -17.70
CA GLY I 8 -11.97 34.89 -16.49
C GLY I 8 -11.80 36.38 -16.66
N GLY I 9 -11.69 36.87 -17.89
CA GLY I 9 -11.50 38.29 -18.14
C GLY I 9 -12.79 39.08 -17.97
N GLY I 10 -12.72 40.33 -18.37
CA GLY I 10 -13.83 41.25 -18.29
C GLY I 10 -13.35 42.63 -17.89
N VAL I 11 -14.26 43.39 -17.29
CA VAL I 11 -13.99 44.74 -16.83
C VAL I 11 -14.35 44.83 -15.35
N VAL I 12 -13.42 45.36 -14.54
CA VAL I 12 -13.63 45.51 -13.11
C VAL I 12 -13.14 46.89 -12.67
N GLN I 13 -13.76 47.39 -11.61
CA GLN I 13 -13.40 48.66 -11.02
C GLN I 13 -12.04 48.56 -10.32
N PRO I 14 -11.29 49.67 -10.25
CA PRO I 14 -10.04 49.65 -9.48
C PRO I 14 -10.30 49.32 -8.02
N GLY I 15 -9.38 48.55 -7.44
CA GLY I 15 -9.50 48.12 -6.06
C GLY I 15 -10.26 46.83 -5.86
N ARG I 16 -10.88 46.29 -6.91
CA ARG I 16 -11.60 45.03 -6.81
C ARG I 16 -10.67 43.87 -7.14
N SER I 17 -11.21 42.66 -7.02
CA SER I 17 -10.46 41.44 -7.28
C SER I 17 -10.90 40.81 -8.60
N LEU I 18 -10.09 39.89 -9.10
CA LEU I 18 -10.38 39.19 -10.34
C LEU I 18 -9.56 37.90 -10.41
N ARG I 19 -10.16 36.83 -10.91
CA ARG I 19 -9.50 35.52 -11.00
C ARG I 19 -9.31 35.16 -12.46
N LEU I 20 -8.11 34.68 -12.80
CA LEU I 20 -7.77 34.27 -14.15
C LEU I 20 -7.37 32.80 -14.15
N SER I 21 -7.70 32.09 -15.23
CA SER I 21 -7.42 30.67 -15.36
C SER I 21 -6.66 30.38 -16.65
N CYS I 22 -5.89 29.29 -16.65
CA CYS I 22 -5.09 28.89 -17.80
C CYS I 22 -5.26 27.38 -18.01
N ALA I 23 -6.52 26.94 -18.09
CA ALA I 23 -6.79 25.53 -18.32
C ALA I 23 -6.08 25.04 -19.59
N ALA I 24 -5.20 24.07 -19.41
CA ALA I 24 -4.39 23.54 -20.49
C ALA I 24 -4.94 22.19 -20.94
N SER I 25 -4.50 21.76 -22.13
CA SER I 25 -4.99 20.53 -22.74
C SER I 25 -3.82 19.83 -23.43
N ARG I 26 -3.73 18.52 -23.25
CA ARG I 26 -2.79 17.61 -23.90
C ARG I 26 -1.34 17.87 -23.52
N LEU I 27 -1.06 18.81 -22.61
CA LEU I 27 0.29 19.04 -22.12
C LEU I 27 0.49 18.26 -20.84
N THR I 28 1.70 17.75 -20.64
CA THR I 28 2.04 17.13 -19.36
C THR I 28 2.25 18.24 -18.36
N PHE I 29 1.14 18.76 -17.81
CA PHE I 29 1.18 20.04 -17.09
C PHE I 29 2.02 19.97 -15.83
N ARG I 30 1.95 18.86 -15.10
CA ARG I 30 2.62 18.73 -13.81
C ARG I 30 4.14 18.85 -13.92
N ASN I 31 4.73 18.47 -15.05
CA ASN I 31 6.18 18.45 -15.19
C ASN I 31 6.76 19.78 -15.65
N PHE I 32 5.94 20.81 -15.83
CA PHE I 32 6.38 22.08 -16.41
C PHE I 32 6.00 23.24 -15.51
N GLY I 33 6.92 24.19 -15.37
CA GLY I 33 6.60 25.46 -14.75
C GLY I 33 5.86 26.34 -15.74
N MET I 34 5.12 27.33 -15.24
CA MET I 34 4.29 28.16 -16.10
C MET I 34 4.56 29.62 -15.80
N HIS I 35 4.33 30.47 -16.79
CA HIS I 35 4.54 31.90 -16.68
C HIS I 35 3.29 32.65 -17.13
N TRP I 36 3.12 33.86 -16.59
CA TRP I 36 2.11 34.78 -17.07
C TRP I 36 2.80 36.00 -17.68
N VAL I 37 2.39 36.34 -18.89
CA VAL I 37 2.99 37.46 -19.62
C VAL I 37 1.89 38.45 -19.97
N ARG I 38 2.16 39.73 -19.71
CA ARG I 38 1.20 40.81 -19.91
C ARG I 38 1.61 41.65 -21.10
N GLN I 39 0.68 41.88 -22.02
CA GLN I 39 0.92 42.73 -23.19
C GLN I 39 0.06 43.97 -23.08
N THR I 40 0.69 45.12 -22.84
CA THR I 40 -0.01 46.38 -22.70
C THR I 40 -0.52 46.86 -24.04
N PRO I 41 -1.53 47.74 -24.04
CA PRO I 41 -1.99 48.33 -25.31
C PRO I 41 -0.89 49.06 -26.06
N GLY I 42 0.14 49.54 -25.37
CA GLY I 42 1.32 50.07 -26.02
C GLY I 42 2.18 49.04 -26.71
N LYS I 43 1.70 47.81 -26.83
CA LYS I 43 2.37 46.71 -27.51
C LYS I 43 3.67 46.29 -26.83
N GLY I 44 3.85 46.67 -25.57
CA GLY I 44 4.98 46.16 -24.82
C GLY I 44 4.61 44.92 -24.02
N LEU I 45 5.61 44.07 -23.79
CA LEU I 45 5.43 42.81 -23.07
C LEU I 45 6.10 42.93 -21.71
N GLU I 46 5.39 42.54 -20.67
CA GLU I 46 5.93 42.48 -19.31
C GLU I 46 5.73 41.10 -18.75
N TRP I 47 6.73 40.61 -18.02
CA TRP I 47 6.59 39.36 -17.29
C TRP I 47 5.89 39.62 -15.96
N VAL I 48 5.02 38.69 -15.56
CA VAL I 48 4.16 38.87 -14.40
C VAL I 48 4.55 37.94 -13.26
N ALA I 49 4.48 36.64 -13.49
CA ALA I 49 4.75 35.69 -12.42
C ALA I 49 5.17 34.35 -13.00
N VAL I 50 5.79 33.53 -12.16
CA VAL I 50 6.18 32.17 -12.52
C VAL I 50 5.97 31.28 -11.29
N ILE I 51 5.58 30.04 -11.52
CA ILE I 51 5.41 29.05 -10.47
C ILE I 51 6.11 27.77 -10.90
N TRP I 52 6.83 27.15 -9.98
CA TRP I 52 7.61 25.95 -10.28
C TRP I 52 6.65 24.78 -10.52
N HIS I 53 7.21 23.60 -10.78
CA HIS I 53 6.41 22.46 -11.20
C HIS I 53 5.44 22.01 -10.10
N ASP I 54 5.90 22.00 -8.85
CA ASP I 54 5.08 21.57 -7.74
C ASP I 54 4.51 22.74 -6.94
N GLY I 55 4.75 23.98 -7.36
CA GLY I 55 4.33 25.12 -6.60
C GLY I 55 5.20 25.47 -5.42
N SER I 56 6.41 24.91 -5.34
CA SER I 56 7.28 25.16 -4.20
C SER I 56 7.68 26.63 -4.11
N ASN I 57 8.00 27.24 -5.25
CA ASN I 57 8.47 28.62 -5.26
C ASN I 57 7.70 29.41 -6.30
N LYS I 58 7.53 30.70 -6.02
CA LYS I 58 6.88 31.63 -6.93
C LYS I 58 7.73 32.88 -7.02
N PHE I 59 7.70 33.55 -8.17
CA PHE I 59 8.44 34.79 -8.36
C PHE I 59 7.59 35.77 -9.14
N TYR I 60 7.57 37.02 -8.69
CA TYR I 60 6.73 38.06 -9.28
C TYR I 60 7.59 39.23 -9.70
N ALA I 61 7.15 39.93 -10.75
CA ALA I 61 7.75 41.21 -11.09
C ALA I 61 7.43 42.24 -10.01
N ASP I 62 8.31 43.23 -9.89
CA ASP I 62 8.15 44.22 -8.82
C ASP I 62 6.87 45.02 -8.98
N SER I 63 6.37 45.17 -10.21
CA SER I 63 5.14 45.91 -10.42
C SER I 63 3.91 45.17 -9.94
N VAL I 64 4.02 43.86 -9.68
CA VAL I 64 2.90 43.06 -9.19
C VAL I 64 3.23 42.38 -7.87
N GLU I 65 4.23 42.89 -7.14
CA GLU I 65 4.62 42.28 -5.88
C GLU I 65 3.54 42.49 -4.82
N GLY I 66 3.14 41.42 -4.16
CA GLY I 66 2.16 41.47 -3.10
C GLY I 66 0.72 41.65 -3.55
N ARG I 67 0.49 42.14 -4.76
CA ARG I 67 -0.86 42.32 -5.29
C ARG I 67 -1.37 41.10 -6.03
N PHE I 68 -0.47 40.33 -6.64
CA PHE I 68 -0.83 39.18 -7.46
C PHE I 68 -0.40 37.90 -6.77
N THR I 69 -1.27 36.89 -6.81
CA THR I 69 -0.99 35.59 -6.22
C THR I 69 -1.40 34.50 -7.21
N ILE I 70 -0.42 33.72 -7.65
CA ILE I 70 -0.68 32.65 -8.62
C ILE I 70 -0.58 31.31 -7.89
N SER I 71 -1.36 30.36 -8.37
CA SER I 71 -1.36 29.01 -7.83
C SER I 71 -1.65 28.03 -8.97
N ARG I 72 -1.23 26.79 -8.76
CA ARG I 72 -1.29 25.78 -9.80
C ARG I 72 -2.07 24.57 -9.30
N ASP I 73 -2.99 24.08 -10.13
CA ASP I 73 -3.83 22.94 -9.80
C ASP I 73 -3.44 21.80 -10.75
N ASN I 74 -2.48 20.97 -10.33
CA ASN I 74 -2.00 19.89 -11.17
C ASN I 74 -3.09 18.88 -11.46
N SER I 75 -3.91 18.54 -10.45
CA SER I 75 -4.93 17.52 -10.63
C SER I 75 -5.98 17.96 -11.65
N LYS I 76 -6.40 19.22 -11.58
CA LYS I 76 -7.40 19.75 -12.51
C LYS I 76 -6.79 20.19 -13.83
N ASN I 77 -5.45 20.18 -13.93
CA ASN I 77 -4.74 20.51 -15.17
C ASN I 77 -4.98 21.95 -15.58
N THR I 78 -4.90 22.86 -14.61
CA THR I 78 -5.16 24.27 -14.87
C THR I 78 -4.31 25.13 -13.93
N LEU I 79 -4.16 26.40 -14.30
CA LEU I 79 -3.34 27.34 -13.57
C LEU I 79 -4.14 28.62 -13.29
N TYR I 80 -3.99 29.15 -12.06
CA TYR I 80 -4.73 30.32 -11.64
C TYR I 80 -3.79 31.47 -11.32
N LEU I 81 -4.28 32.68 -11.58
CA LEU I 81 -3.61 33.92 -11.14
C LEU I 81 -4.70 34.82 -10.58
N GLN I 82 -4.63 35.11 -9.28
CA GLN I 82 -5.64 35.90 -8.60
C GLN I 82 -5.17 37.34 -8.50
N MET I 83 -6.07 38.27 -8.82
CA MET I 83 -5.77 39.69 -8.90
C MET I 83 -6.33 40.39 -7.68
N ASN I 84 -5.50 41.18 -7.00
CA ASN I 84 -5.92 41.99 -5.87
C ASN I 84 -5.43 43.42 -6.04
N SER I 85 -6.27 44.37 -5.63
CA SER I 85 -5.91 45.79 -5.64
C SER I 85 -5.47 46.27 -7.01
N LEU I 86 -6.31 46.06 -8.03
CA LEU I 86 -5.96 46.46 -9.38
C LEU I 86 -5.92 47.98 -9.51
N ARG I 87 -5.40 48.44 -10.65
CA ARG I 87 -5.40 49.85 -10.99
C ARG I 87 -5.26 50.00 -12.49
N ASP I 88 -5.21 51.25 -12.96
CA ASP I 88 -5.29 51.52 -14.39
C ASP I 88 -4.07 51.01 -15.15
N GLU I 89 -2.95 50.77 -14.46
CA GLU I 89 -1.76 50.27 -15.13
C GLU I 89 -1.87 48.80 -15.51
N ASP I 90 -2.84 48.07 -14.97
CA ASP I 90 -2.96 46.64 -15.21
C ASP I 90 -3.94 46.31 -16.34
N THR I 91 -4.42 47.31 -17.07
CA THR I 91 -5.32 47.08 -18.18
C THR I 91 -4.52 46.61 -19.39
N ALA I 92 -4.57 45.32 -19.68
CA ALA I 92 -3.80 44.74 -20.77
C ALA I 92 -4.29 43.32 -21.03
N ILE I 93 -3.88 42.78 -22.16
CA ILE I 93 -4.17 41.39 -22.51
C ILE I 93 -3.19 40.49 -21.78
N TYR I 94 -3.72 39.47 -21.09
CA TYR I 94 -2.90 38.57 -20.30
C TYR I 94 -2.75 37.23 -21.02
N TYR I 95 -1.51 36.86 -21.30
CA TYR I 95 -1.18 35.59 -21.93
C TYR I 95 -0.72 34.59 -20.90
N CYS I 96 -0.97 33.31 -21.18
CA CYS I 96 -0.30 32.25 -20.45
C CYS I 96 1.03 31.96 -21.13
N ALA I 97 1.81 31.05 -20.54
CA ALA I 97 3.09 30.68 -21.12
C ALA I 97 3.49 29.32 -20.56
N LYS I 98 4.47 28.71 -21.21
CA LYS I 98 5.01 27.43 -20.76
C LYS I 98 6.52 27.50 -20.92
N ASP I 99 7.24 27.36 -19.81
CA ASP I 99 8.69 27.43 -19.87
C ASP I 99 9.22 26.30 -20.74
N TRP I 100 10.20 26.62 -21.58
CA TRP I 100 10.65 25.68 -22.61
C TRP I 100 11.13 24.36 -22.03
N GLY I 101 11.61 24.35 -20.78
CA GLY I 101 12.08 23.13 -20.17
C GLY I 101 13.57 22.93 -20.23
N GLY I 102 14.33 23.90 -20.74
CA GLY I 102 15.77 23.75 -20.79
C GLY I 102 16.41 23.83 -19.43
N ALA I 103 17.71 23.52 -19.39
CA ALA I 103 18.43 23.53 -18.12
C ALA I 103 18.50 24.93 -17.53
N SER I 104 18.77 25.94 -18.36
CA SER I 104 18.95 27.31 -17.87
C SER I 104 18.32 28.35 -18.77
N ASP I 105 17.37 27.97 -19.63
CA ASP I 105 16.73 28.92 -20.54
C ASP I 105 15.29 29.14 -20.09
N ARG I 106 14.99 30.33 -19.60
CA ARG I 106 13.63 30.70 -19.19
C ARG I 106 12.95 31.39 -20.36
N VAL I 107 12.57 30.59 -21.34
CA VAL I 107 11.99 31.08 -22.58
C VAL I 107 10.69 30.33 -22.84
N PHE I 108 9.68 31.06 -23.32
CA PHE I 108 8.33 30.52 -23.47
C PHE I 108 8.11 30.06 -24.91
N ASP I 109 7.55 28.87 -25.05
CA ASP I 109 7.35 28.30 -26.38
C ASP I 109 5.88 28.22 -26.76
N TYR I 110 5.04 27.66 -25.89
CA TYR I 110 3.62 27.49 -26.17
C TYR I 110 2.83 28.57 -25.44
N TRP I 111 2.56 29.66 -26.17
CA TRP I 111 1.76 30.75 -25.63
C TRP I 111 0.28 30.42 -25.73
N GLY I 112 -0.54 31.13 -24.95
CA GLY I 112 -1.97 31.02 -25.04
C GLY I 112 -2.55 31.98 -26.05
N ARG I 113 -3.88 31.96 -26.15
CA ARG I 113 -4.56 32.86 -27.09
C ARG I 113 -4.54 34.29 -26.57
N GLY I 114 -4.82 34.49 -25.29
CA GLY I 114 -4.82 35.81 -24.72
C GLY I 114 -6.16 36.22 -24.15
N THR I 115 -6.17 36.68 -22.90
CA THR I 115 -7.38 37.13 -22.21
C THR I 115 -7.27 38.61 -21.92
N LEU I 116 -8.35 39.34 -22.18
CA LEU I 116 -8.36 40.79 -21.98
C LEU I 116 -9.00 41.13 -20.64
N VAL I 117 -8.32 41.97 -19.86
CA VAL I 117 -8.84 42.48 -18.60
C VAL I 117 -8.75 44.01 -18.66
N ILE I 118 -9.89 44.67 -18.46
CA ILE I 118 -9.99 46.12 -18.56
C ILE I 118 -10.29 46.68 -17.18
N VAL I 119 -9.51 47.69 -16.79
CA VAL I 119 -9.72 48.39 -15.53
C VAL I 119 -10.08 49.84 -15.86
N SER I 120 -11.32 50.23 -15.57
CA SER I 120 -11.80 51.57 -15.84
C SER I 120 -13.13 51.75 -15.13
N SER I 121 -13.74 52.91 -15.35
CA SER I 121 -15.03 53.22 -14.73
C SER I 121 -16.04 53.68 -15.79
N ASP J 1 17.50 21.56 -24.12
CA ASP J 1 18.36 20.37 -24.13
C ASP J 1 19.83 20.73 -24.29
N ILE J 2 20.69 19.72 -24.25
CA ILE J 2 22.13 19.89 -24.38
C ILE J 2 22.58 19.21 -25.66
N GLN J 3 23.12 19.99 -26.59
CA GLN J 3 23.58 19.43 -27.86
C GLN J 3 24.92 18.74 -27.66
N MET J 4 25.06 17.55 -28.21
CA MET J 4 26.29 16.79 -28.10
C MET J 4 27.00 16.70 -29.44
N THR J 5 28.28 17.07 -29.45
CA THR J 5 29.12 16.97 -30.63
C THR J 5 30.32 16.10 -30.32
N GLN J 6 30.48 15.01 -31.07
CA GLN J 6 31.59 14.09 -30.91
C GLN J 6 32.45 14.10 -32.15
N SER J 7 33.76 14.09 -31.97
CA SER J 7 34.71 14.15 -33.06
C SER J 7 35.81 13.11 -32.85
N PRO J 8 36.39 12.59 -33.94
CA PRO J 8 36.10 12.87 -35.35
C PRO J 8 34.86 12.12 -35.84
N SER J 9 34.25 12.57 -36.94
CA SER J 9 33.08 11.89 -37.47
C SER J 9 33.41 10.48 -37.93
N THR J 10 34.53 10.31 -38.62
CA THR J 10 34.99 9.01 -39.09
C THR J 10 36.46 8.83 -38.70
N LEU J 11 36.77 7.68 -38.10
CA LEU J 11 38.11 7.39 -37.60
C LEU J 11 38.54 6.05 -38.20
N SER J 12 39.34 6.10 -39.26
CA SER J 12 39.85 4.88 -39.87
C SER J 12 41.01 4.32 -39.06
N ALA J 13 41.02 3.01 -38.90
CA ALA J 13 42.06 2.34 -38.13
C ALA J 13 42.11 0.87 -38.53
N SER J 14 43.20 0.21 -38.14
CA SER J 14 43.42 -1.19 -38.44
C SER J 14 43.37 -2.02 -37.17
N VAL J 15 43.43 -3.34 -37.35
CA VAL J 15 43.40 -4.26 -36.22
C VAL J 15 44.66 -4.09 -35.39
N GLY J 16 44.48 -4.02 -34.07
CA GLY J 16 45.59 -3.94 -33.14
C GLY J 16 46.02 -2.53 -32.77
N ASP J 17 45.48 -1.52 -33.45
CA ASP J 17 45.84 -0.14 -33.16
C ASP J 17 45.11 0.35 -31.92
N ARG J 18 45.27 1.64 -31.62
CA ARG J 18 44.58 2.30 -30.53
C ARG J 18 43.85 3.52 -31.06
N VAL J 19 42.55 3.61 -30.77
CA VAL J 19 41.71 4.70 -31.24
C VAL J 19 41.17 5.45 -30.03
N THR J 20 40.89 6.73 -30.21
CA THR J 20 40.32 7.58 -29.17
C THR J 20 39.14 8.35 -29.75
N ILE J 21 37.97 8.18 -29.15
CA ILE J 21 36.77 8.88 -29.55
C ILE J 21 36.45 9.93 -28.50
N THR J 22 36.31 11.18 -28.92
CA THR J 22 36.03 12.29 -28.02
C THR J 22 34.59 12.73 -28.18
N CYS J 23 33.97 13.09 -27.05
CA CYS J 23 32.58 13.53 -27.02
C CYS J 23 32.51 14.79 -26.18
N ARG J 24 32.25 15.93 -26.83
CA ARG J 24 32.27 17.23 -26.17
C ARG J 24 30.83 17.71 -25.98
N ALA J 25 30.47 17.97 -24.72
CA ALA J 25 29.15 18.52 -24.42
C ALA J 25 29.17 20.04 -24.49
N SER J 26 28.06 20.62 -24.95
CA SER J 26 27.97 22.07 -25.06
C SER J 26 27.99 22.76 -23.70
N GLN J 27 27.61 22.06 -22.64
CA GLN J 27 27.65 22.61 -21.30
C GLN J 27 27.90 21.46 -20.33
N SER J 28 28.36 21.79 -19.13
CA SER J 28 28.81 20.80 -18.17
C SER J 28 27.70 19.79 -17.86
N VAL J 29 28.05 18.51 -17.94
CA VAL J 29 27.14 17.42 -17.61
C VAL J 29 27.69 16.57 -16.46
N SER J 30 28.63 17.13 -15.70
CA SER J 30 29.26 16.47 -14.56
C SER J 30 29.89 15.17 -15.03
N THR J 31 29.49 14.01 -14.53
CA THR J 31 30.05 12.73 -14.96
C THR J 31 28.97 11.78 -15.47
N SER J 32 27.81 12.32 -15.86
CA SER J 32 26.69 11.51 -16.31
C SER J 32 26.70 11.33 -17.83
N LEU J 33 27.51 10.39 -18.28
CA LEU J 33 27.56 10.01 -19.68
C LEU J 33 27.30 8.53 -19.85
N ALA J 34 27.21 8.12 -21.12
CA ALA J 34 27.09 6.72 -21.48
C ALA J 34 27.53 6.56 -22.93
N TRP J 35 28.23 5.46 -23.20
CA TRP J 35 28.75 5.18 -24.52
C TRP J 35 28.09 3.94 -25.09
N TYR J 36 27.56 4.07 -26.31
CA TYR J 36 26.88 2.98 -26.99
C TYR J 36 27.65 2.58 -28.24
N GLN J 37 27.64 1.28 -28.54
CA GLN J 37 28.20 0.75 -29.77
C GLN J 37 27.06 0.18 -30.60
N GLN J 38 26.94 0.64 -31.84
CA GLN J 38 25.90 0.16 -32.74
C GLN J 38 26.55 -0.56 -33.92
N LYS J 39 26.32 -1.87 -34.01
CA LYS J 39 26.73 -2.55 -35.21
C LYS J 39 25.62 -2.46 -36.25
N PRO J 40 25.95 -2.39 -37.54
CA PRO J 40 24.91 -2.17 -38.56
C PRO J 40 23.82 -3.23 -38.50
N GLY J 41 22.58 -2.77 -38.54
CA GLY J 41 21.42 -3.64 -38.48
C GLY J 41 21.02 -4.08 -37.10
N LYS J 42 21.76 -3.70 -36.07
CA LYS J 42 21.50 -4.12 -34.70
C LYS J 42 21.20 -2.93 -33.81
N ALA J 43 20.41 -3.16 -32.78
CA ALA J 43 20.18 -2.14 -31.77
C ALA J 43 21.47 -1.88 -31.00
N PRO J 44 21.75 -0.61 -30.68
CA PRO J 44 23.03 -0.29 -30.04
C PRO J 44 23.16 -0.94 -28.68
N ASN J 45 24.40 -1.25 -28.30
CA ASN J 45 24.72 -1.92 -27.05
C ASN J 45 25.45 -0.97 -26.12
N LEU J 46 25.20 -1.12 -24.82
CA LEU J 46 25.86 -0.28 -23.82
C LEU J 46 27.28 -0.77 -23.57
N LEU J 47 28.22 0.18 -23.49
CA LEU J 47 29.61 -0.12 -23.15
C LEU J 47 30.05 0.52 -21.84
N ILE J 48 29.87 1.83 -21.69
CA ILE J 48 30.34 2.57 -20.53
C ILE J 48 29.17 3.39 -19.99
N TYR J 49 29.05 3.44 -18.67
CA TYR J 49 28.14 4.36 -18.01
C TYR J 49 28.90 5.11 -16.92
N GLN J 50 28.38 6.29 -16.56
CA GLN J 50 29.06 7.20 -15.63
C GLN J 50 30.40 7.67 -16.20
N ALA J 51 30.58 7.43 -17.50
CA ALA J 51 31.69 7.94 -18.29
C ALA J 51 33.02 7.28 -17.97
N SER J 52 33.06 6.45 -16.92
CA SER J 52 34.27 5.73 -16.56
C SER J 52 34.05 4.29 -16.15
N THR J 53 32.81 3.90 -15.85
CA THR J 53 32.56 2.56 -15.33
C THR J 53 32.22 1.60 -16.46
N LEU J 54 32.82 0.42 -16.42
CA LEU J 54 32.59 -0.60 -17.44
C LEU J 54 31.28 -1.32 -17.18
N TYR J 55 30.44 -1.41 -18.20
CA TYR J 55 29.20 -2.17 -18.07
C TYR J 55 29.51 -3.66 -18.01
N ARG J 56 28.57 -4.41 -17.45
CA ARG J 56 28.75 -5.86 -17.28
C ARG J 56 28.90 -6.53 -18.64
N GLY J 57 29.85 -7.46 -18.71
CA GLY J 57 30.01 -8.31 -19.87
C GLY J 57 30.74 -7.68 -21.05
N VAL J 58 31.20 -6.45 -20.93
CA VAL J 58 31.91 -5.77 -22.00
C VAL J 58 33.39 -6.09 -21.86
N PRO J 59 34.10 -6.40 -22.95
CA PRO J 59 35.53 -6.69 -22.84
C PRO J 59 36.30 -5.52 -22.23
N SER J 60 37.29 -5.86 -21.39
CA SER J 60 37.99 -4.85 -20.62
C SER J 60 38.87 -3.94 -21.48
N ARG J 61 38.91 -4.14 -22.79
CA ARG J 61 39.73 -3.29 -23.65
C ARG J 61 39.13 -1.89 -23.83
N PHE J 62 37.85 -1.71 -23.54
CA PHE J 62 37.22 -0.40 -23.58
C PHE J 62 37.47 0.34 -22.29
N SER J 63 37.81 1.62 -22.39
CA SER J 63 38.07 2.45 -21.23
C SER J 63 37.48 3.84 -21.45
N GLY J 64 36.79 4.35 -20.43
CA GLY J 64 36.24 5.68 -20.50
C GLY J 64 36.89 6.63 -19.52
N SER J 65 36.98 7.91 -19.88
CA SER J 65 37.65 8.89 -19.04
C SER J 65 37.14 10.28 -19.39
N GLY J 66 37.37 11.22 -18.49
CA GLY J 66 36.99 12.59 -18.67
C GLY J 66 35.86 13.01 -17.73
N SER J 67 35.71 14.31 -17.61
CA SER J 67 34.66 14.89 -16.77
C SER J 67 34.36 16.30 -17.27
N GLY J 68 33.20 16.80 -16.88
CA GLY J 68 32.77 18.13 -17.29
C GLY J 68 32.19 18.17 -18.68
N THR J 69 32.93 18.73 -19.64
CA THR J 69 32.47 18.82 -21.01
C THR J 69 33.34 18.06 -22.00
N GLU J 70 34.39 17.40 -21.53
CA GLU J 70 35.34 16.72 -22.41
C GLU J 70 35.46 15.28 -21.93
N PHE J 71 35.11 14.33 -22.80
CA PHE J 71 35.11 12.91 -22.47
C PHE J 71 35.74 12.11 -23.61
N THR J 72 36.41 11.01 -23.24
CA THR J 72 37.08 10.16 -24.21
C THR J 72 36.69 8.71 -24.00
N LEU J 73 36.49 8.00 -25.11
CA LEU J 73 36.39 6.55 -25.11
C LEU J 73 37.57 6.00 -25.89
N THR J 74 38.38 5.15 -25.24
CA THR J 74 39.61 4.64 -25.81
C THR J 74 39.56 3.12 -25.87
N ILE J 75 39.84 2.57 -27.04
CA ILE J 75 39.92 1.13 -27.24
C ILE J 75 41.40 0.74 -27.16
N GLY J 76 41.74 -0.13 -26.21
CA GLY J 76 43.14 -0.48 -26.00
C GLY J 76 43.76 -1.18 -27.19
N SER J 77 43.07 -2.17 -27.74
CA SER J 77 43.56 -2.92 -28.90
C SER J 77 42.34 -3.27 -29.75
N LEU J 78 42.18 -2.56 -30.86
CA LEU J 78 40.99 -2.71 -31.68
C LEU J 78 40.95 -4.11 -32.29
N GLN J 79 39.82 -4.80 -32.12
CA GLN J 79 39.60 -6.15 -32.61
C GLN J 79 38.69 -6.14 -33.83
N PRO J 80 38.78 -7.19 -34.67
CA PRO J 80 37.99 -7.20 -35.90
C PRO J 80 36.50 -7.01 -35.67
N ASP J 81 35.99 -7.48 -34.53
CA ASP J 81 34.59 -7.35 -34.17
C ASP J 81 34.22 -5.94 -33.73
N ASP J 82 35.18 -5.16 -33.25
CA ASP J 82 34.92 -3.85 -32.67
C ASP J 82 34.80 -2.74 -33.71
N PHE J 83 34.55 -3.09 -34.97
CA PHE J 83 34.36 -2.11 -36.03
C PHE J 83 32.87 -1.81 -36.14
N ALA J 84 32.46 -0.65 -35.63
CA ALA J 84 31.04 -0.28 -35.64
C ALA J 84 30.88 1.21 -35.37
N THR J 85 29.62 1.65 -35.23
CA THR J 85 29.32 3.06 -34.96
C THR J 85 29.11 3.26 -33.46
N TYR J 86 29.70 4.32 -32.93
CA TYR J 86 29.68 4.59 -31.50
C TYR J 86 28.95 5.90 -31.23
N TYR J 87 28.08 5.89 -30.22
CA TYR J 87 27.31 7.05 -29.82
C TYR J 87 27.53 7.34 -28.34
N CYS J 88 27.65 8.63 -28.00
CA CYS J 88 27.76 9.06 -26.62
C CYS J 88 26.46 9.73 -26.18
N GLN J 89 26.07 9.47 -24.93
CA GLN J 89 24.79 9.92 -24.41
C GLN J 89 24.98 10.57 -23.04
N HIS J 90 24.24 11.64 -22.79
CA HIS J 90 24.21 12.27 -21.48
C HIS J 90 22.82 12.10 -20.89
N TYR J 91 22.77 12.03 -19.56
CA TYR J 91 21.52 11.96 -18.81
C TYR J 91 21.60 12.87 -17.60
N ASN J 92 22.15 14.06 -17.79
CA ASN J 92 22.30 15.01 -16.70
C ASN J 92 20.94 15.42 -16.14
N SER J 93 20.90 15.67 -14.84
CA SER J 93 19.64 16.01 -14.19
C SER J 93 19.11 17.34 -14.70
N TYR J 94 17.77 17.47 -14.71
CA TYR J 94 17.04 18.64 -15.18
C TYR J 94 17.22 18.90 -16.66
N SER J 95 17.92 18.02 -17.38
CA SER J 95 18.11 18.15 -18.82
C SER J 95 17.60 16.89 -19.51
N ARG J 96 17.21 17.05 -20.77
CA ARG J 96 16.68 15.94 -21.53
C ARG J 96 17.80 15.18 -22.22
N ILE J 97 17.58 13.87 -22.40
CA ILE J 97 18.63 12.98 -22.89
C ILE J 97 18.80 13.17 -24.39
N THR J 98 20.03 13.43 -24.81
CA THR J 98 20.37 13.58 -26.22
C THR J 98 21.54 12.67 -26.55
N PHE J 99 21.63 12.31 -27.83
CA PHE J 99 22.66 11.40 -28.32
C PHE J 99 23.58 12.13 -29.27
N GLY J 100 24.75 11.54 -29.51
CA GLY J 100 25.72 12.10 -30.42
C GLY J 100 25.40 11.79 -31.87
N GLN J 101 26.22 12.37 -32.75
CA GLN J 101 26.01 12.17 -34.19
C GLN J 101 26.42 10.77 -34.63
N GLY J 102 27.47 10.21 -34.04
CA GLY J 102 27.90 8.87 -34.38
C GLY J 102 29.26 8.79 -35.05
N THR J 103 30.24 8.27 -34.32
CA THR J 103 31.56 8.05 -34.89
C THR J 103 31.66 6.66 -35.49
N ARG J 104 32.21 6.59 -36.70
CA ARG J 104 32.33 5.34 -37.43
C ARG J 104 33.79 4.89 -37.42
N LEU J 105 34.01 3.60 -37.20
CA LEU J 105 35.34 3.01 -37.33
C LEU J 105 35.39 2.23 -38.63
N GLU J 106 36.34 2.57 -39.49
CA GLU J 106 36.47 1.98 -40.81
C GLU J 106 37.77 1.18 -40.89
N ILE J 107 37.69 -0.03 -41.45
CA ILE J 107 38.85 -0.90 -41.51
C ILE J 107 39.91 -0.31 -42.43
N LYS J 108 41.16 -0.36 -41.99
CA LYS J 108 42.33 0.08 -42.76
C LYS J 108 42.31 1.59 -43.03
N GLN K 1 15.89 -14.40 -20.85
CA GLN K 1 17.08 -13.73 -21.35
C GLN K 1 16.76 -12.29 -21.76
N VAL K 2 15.51 -11.90 -21.55
CA VAL K 2 15.04 -10.53 -21.75
C VAL K 2 15.02 -10.21 -23.24
N GLN K 3 13.84 -10.29 -23.84
CA GLN K 3 13.64 -9.91 -25.23
C GLN K 3 12.46 -8.95 -25.33
N LEU K 4 12.67 -7.83 -26.02
CA LEU K 4 11.64 -6.83 -26.23
C LEU K 4 11.24 -6.84 -27.70
N VAL K 5 9.99 -7.20 -27.98
CA VAL K 5 9.48 -7.32 -29.33
C VAL K 5 8.43 -6.23 -29.53
N GLU K 6 8.65 -5.39 -30.54
CA GLU K 6 7.72 -4.31 -30.85
C GLU K 6 6.91 -4.65 -32.09
N SER K 7 5.84 -3.88 -32.31
CA SER K 7 4.95 -4.09 -33.44
C SER K 7 4.10 -2.85 -33.63
N GLY K 8 3.18 -2.92 -34.58
CA GLY K 8 2.26 -1.83 -34.83
C GLY K 8 2.73 -0.80 -35.84
N GLY K 9 3.82 -1.06 -36.55
CA GLY K 9 4.35 -0.11 -37.51
C GLY K 9 3.64 -0.20 -38.85
N GLY K 10 4.16 0.58 -39.79
CA GLY K 10 3.60 0.66 -41.13
C GLY K 10 3.81 2.03 -41.70
N VAL K 11 2.96 2.38 -42.67
CA VAL K 11 3.03 3.66 -43.36
C VAL K 11 1.68 4.37 -43.21
N VAL K 12 1.73 5.64 -42.80
CA VAL K 12 0.54 6.45 -42.63
C VAL K 12 0.78 7.82 -43.25
N GLN K 13 -0.33 8.50 -43.58
CA GLN K 13 -0.23 9.85 -44.10
C GLN K 13 -0.08 10.85 -42.96
N PRO K 14 0.52 12.01 -43.23
CA PRO K 14 0.66 13.03 -42.19
C PRO K 14 -0.68 13.44 -41.62
N GLY K 15 -0.71 13.66 -40.30
CA GLY K 15 -1.93 14.03 -39.61
C GLY K 15 -2.73 12.86 -39.07
N ARG K 16 -2.39 11.63 -39.44
CA ARG K 16 -3.06 10.45 -38.92
C ARG K 16 -2.36 9.96 -37.65
N SER K 17 -3.09 9.20 -36.85
CA SER K 17 -2.54 8.64 -35.61
C SER K 17 -2.01 7.24 -35.86
N LEU K 18 -1.25 6.73 -34.90
CA LEU K 18 -0.65 5.40 -35.02
C LEU K 18 -0.24 4.90 -33.64
N ARG K 19 -0.48 3.62 -33.37
CA ARG K 19 -0.22 3.02 -32.07
C ARG K 19 0.93 2.03 -32.19
N LEU K 20 1.89 2.10 -31.27
CA LEU K 20 2.99 1.16 -31.20
C LEU K 20 2.91 0.37 -29.90
N SER K 21 3.38 -0.88 -29.94
CA SER K 21 3.37 -1.75 -28.78
C SER K 21 4.79 -2.28 -28.53
N CYS K 22 5.07 -2.60 -27.27
CA CYS K 22 6.38 -3.08 -26.87
C CYS K 22 6.20 -4.29 -25.94
N ALA K 23 5.42 -5.27 -26.40
CA ALA K 23 5.21 -6.48 -25.64
C ALA K 23 6.54 -7.12 -25.24
N ALA K 24 6.79 -7.16 -23.93
CA ALA K 24 8.01 -7.71 -23.38
C ALA K 24 7.81 -9.16 -22.96
N SER K 25 8.92 -9.81 -22.61
CA SER K 25 8.89 -11.23 -22.26
C SER K 25 10.04 -11.52 -21.31
N ARG K 26 9.79 -12.36 -20.31
CA ARG K 26 10.73 -12.87 -19.32
C ARG K 26 11.30 -11.78 -18.41
N LEU K 27 10.85 -10.53 -18.54
CA LEU K 27 11.36 -9.43 -17.73
C LEU K 27 10.34 -9.08 -16.66
N THR K 28 10.82 -8.66 -15.50
CA THR K 28 9.93 -8.14 -14.46
C THR K 28 9.49 -6.74 -14.88
N PHE K 29 8.54 -6.68 -15.81
CA PHE K 29 8.21 -5.43 -16.48
C PHE K 29 7.63 -4.40 -15.51
N ARG K 30 6.92 -4.86 -14.48
CA ARG K 30 6.26 -3.95 -13.56
C ARG K 30 7.23 -3.11 -12.76
N ASN K 31 8.44 -3.61 -12.47
CA ASN K 31 9.38 -2.94 -11.60
C ASN K 31 10.36 -2.04 -12.33
N PHE K 32 10.24 -1.91 -13.65
CA PHE K 32 11.18 -1.13 -14.45
C PHE K 32 10.44 -0.07 -15.25
N GLY K 33 10.93 1.16 -15.20
CA GLY K 33 10.48 2.16 -16.14
C GLY K 33 11.06 1.86 -17.49
N MET K 34 10.41 2.34 -18.56
CA MET K 34 10.87 2.02 -19.90
C MET K 34 10.89 3.29 -20.75
N HIS K 35 11.73 3.27 -21.78
CA HIS K 35 11.91 4.40 -22.67
C HIS K 35 11.60 3.98 -24.10
N TRP K 36 11.28 4.97 -24.94
CA TRP K 36 11.26 4.79 -26.38
C TRP K 36 12.36 5.64 -26.99
N VAL K 37 13.15 5.04 -27.87
CA VAL K 37 14.26 5.72 -28.52
C VAL K 37 14.05 5.66 -30.02
N ARG K 38 14.22 6.81 -30.68
CA ARG K 38 13.96 6.95 -32.10
C ARG K 38 15.28 7.08 -32.84
N GLN K 39 15.43 6.32 -33.92
CA GLN K 39 16.63 6.35 -34.75
C GLN K 39 16.27 6.84 -36.14
N THR K 40 16.64 8.09 -36.44
CA THR K 40 16.33 8.71 -37.72
C THR K 40 17.16 8.06 -38.83
N PRO K 41 16.70 8.15 -40.08
CA PRO K 41 17.48 7.59 -41.20
C PRO K 41 18.87 8.17 -41.31
N GLY K 42 19.09 9.39 -40.84
CA GLY K 42 20.42 9.97 -40.77
C GLY K 42 21.33 9.34 -39.74
N LYS K 43 20.94 8.18 -39.19
CA LYS K 43 21.71 7.40 -38.24
C LYS K 43 21.87 8.10 -36.89
N GLY K 44 21.23 9.24 -36.71
CA GLY K 44 21.24 9.89 -35.41
C GLY K 44 20.12 9.38 -34.52
N LEU K 45 20.42 9.29 -33.22
CA LEU K 45 19.48 8.80 -32.23
C LEU K 45 18.83 9.99 -31.55
N GLU K 46 17.56 9.84 -31.19
CA GLU K 46 16.82 10.85 -30.43
C GLU K 46 15.96 10.16 -29.39
N TRP K 47 15.97 10.69 -28.18
CA TRP K 47 15.11 10.17 -27.13
C TRP K 47 13.70 10.72 -27.28
N VAL K 48 12.71 9.92 -26.90
CA VAL K 48 11.30 10.24 -27.15
C VAL K 48 10.52 10.39 -25.86
N ALA K 49 10.44 9.33 -25.06
CA ALA K 49 9.61 9.38 -23.87
C ALA K 49 10.15 8.41 -22.82
N VAL K 50 9.77 8.67 -21.58
CA VAL K 50 10.05 7.77 -20.45
C VAL K 50 8.80 7.68 -19.61
N ILE K 51 8.50 6.49 -19.12
CA ILE K 51 7.36 6.24 -18.25
C ILE K 51 7.87 5.58 -16.98
N TRP K 52 7.40 6.05 -15.83
CA TRP K 52 7.85 5.51 -14.55
C TRP K 52 7.28 4.10 -14.36
N HIS K 53 7.63 3.46 -13.25
CA HIS K 53 7.30 2.04 -13.08
C HIS K 53 5.80 1.83 -12.99
N ASP K 54 5.09 2.71 -12.28
CA ASP K 54 3.66 2.58 -12.10
C ASP K 54 2.84 3.58 -12.90
N GLY K 55 3.46 4.33 -13.79
CA GLY K 55 2.75 5.31 -14.59
C GLY K 55 2.53 6.64 -13.92
N SER K 56 3.19 6.91 -12.78
CA SER K 56 2.94 8.14 -12.05
C SER K 56 3.37 9.36 -12.86
N ASN K 57 4.52 9.29 -13.52
CA ASN K 57 5.07 10.43 -14.24
C ASN K 57 5.48 10.04 -15.64
N LYS K 58 5.40 11.00 -16.56
CA LYS K 58 5.84 10.82 -17.93
C LYS K 58 6.67 12.04 -18.33
N PHE K 59 7.71 11.82 -19.12
CA PHE K 59 8.51 12.91 -19.66
C PHE K 59 8.72 12.68 -21.15
N TYR K 60 8.64 13.76 -21.93
CA TYR K 60 8.78 13.69 -23.38
C TYR K 60 9.86 14.64 -23.85
N ALA K 61 10.50 14.29 -24.97
CA ALA K 61 11.33 15.26 -25.66
C ALA K 61 10.45 16.36 -26.24
N ASP K 62 11.02 17.57 -26.33
CA ASP K 62 10.23 18.71 -26.77
C ASP K 62 9.73 18.56 -28.20
N SER K 63 10.41 17.75 -29.02
CA SER K 63 9.98 17.56 -30.40
C SER K 63 8.73 16.70 -30.51
N VAL K 64 8.34 16.02 -29.43
CA VAL K 64 7.13 15.20 -29.41
C VAL K 64 6.19 15.60 -28.29
N GLU K 65 6.28 16.84 -27.82
CA GLU K 65 5.46 17.27 -26.69
C GLU K 65 4.03 17.57 -27.14
N GLY K 66 3.08 16.83 -26.58
CA GLY K 66 1.68 17.02 -26.87
C GLY K 66 1.15 16.24 -28.04
N ARG K 67 2.01 15.62 -28.85
CA ARG K 67 1.60 14.78 -29.96
C ARG K 67 1.76 13.30 -29.65
N PHE K 68 2.68 12.95 -28.75
CA PHE K 68 2.96 11.58 -28.40
C PHE K 68 2.41 11.30 -27.01
N THR K 69 1.78 10.14 -26.84
CA THR K 69 1.26 9.71 -25.55
C THR K 69 1.75 8.31 -25.27
N ILE K 70 2.39 8.12 -24.11
CA ILE K 70 2.95 6.84 -23.73
C ILE K 70 2.23 6.32 -22.50
N SER K 71 1.75 5.08 -22.61
CA SER K 71 1.02 4.44 -21.52
C SER K 71 1.56 3.03 -21.34
N ARG K 72 1.43 2.52 -20.13
CA ARG K 72 2.01 1.23 -19.76
C ARG K 72 0.93 0.37 -19.12
N ASP K 73 0.93 -0.92 -19.47
CA ASP K 73 -0.02 -1.90 -18.94
C ASP K 73 0.77 -2.99 -18.25
N ASN K 74 0.94 -2.86 -16.92
CA ASN K 74 1.74 -3.82 -16.17
C ASN K 74 1.15 -5.22 -16.24
N SER K 75 -0.18 -5.33 -16.28
CA SER K 75 -0.82 -6.64 -16.27
C SER K 75 -0.48 -7.42 -17.54
N LYS K 76 -0.45 -6.75 -18.68
CA LYS K 76 -0.16 -7.40 -19.96
C LYS K 76 1.32 -7.37 -20.32
N ASN K 77 2.16 -6.81 -19.46
CA ASN K 77 3.62 -6.76 -19.67
C ASN K 77 3.95 -6.12 -21.03
N THR K 78 3.35 -4.97 -21.29
CA THR K 78 3.54 -4.32 -22.59
C THR K 78 3.60 -2.80 -22.39
N LEU K 79 4.19 -2.12 -23.36
CA LEU K 79 4.36 -0.68 -23.35
C LEU K 79 3.78 -0.08 -24.61
N TYR K 80 3.06 1.04 -24.46
CA TYR K 80 2.34 1.67 -25.56
C TYR K 80 2.82 3.09 -25.75
N LEU K 81 3.00 3.48 -27.00
CA LEU K 81 3.24 4.87 -27.36
C LEU K 81 2.38 5.19 -28.58
N GLN K 82 1.36 6.02 -28.38
CA GLN K 82 0.43 6.41 -29.44
C GLN K 82 0.76 7.82 -29.88
N MET K 83 0.98 7.99 -31.18
CA MET K 83 1.35 9.28 -31.75
C MET K 83 0.11 9.90 -32.39
N ASN K 84 0.01 11.22 -32.33
CA ASN K 84 -1.07 11.97 -32.95
C ASN K 84 -0.50 13.11 -33.78
N SER K 85 -1.19 13.43 -34.87
CA SER K 85 -0.78 14.50 -35.78
C SER K 85 0.64 14.28 -36.29
N LEU K 86 0.91 13.11 -36.85
CA LEU K 86 2.23 12.81 -37.37
C LEU K 86 2.59 13.74 -38.52
N ARG K 87 3.90 13.90 -38.73
CA ARG K 87 4.40 14.72 -39.81
C ARG K 87 5.70 14.13 -40.33
N ASP K 88 6.29 14.79 -41.31
CA ASP K 88 7.41 14.22 -42.07
C ASP K 88 8.61 13.93 -41.20
N GLU K 89 8.84 14.72 -40.14
CA GLU K 89 10.02 14.52 -39.32
C GLU K 89 10.01 13.21 -38.53
N ASP K 90 8.85 12.55 -38.42
CA ASP K 90 8.72 11.37 -37.59
C ASP K 90 8.95 10.06 -38.35
N THR K 91 9.64 10.11 -39.49
CA THR K 91 9.97 8.88 -40.20
C THR K 91 11.28 8.32 -39.64
N ALA K 92 11.19 7.19 -38.94
CA ALA K 92 12.34 6.60 -38.29
C ALA K 92 11.93 5.26 -37.70
N ILE K 93 12.91 4.43 -37.42
CA ILE K 93 12.70 3.16 -36.73
C ILE K 93 12.66 3.42 -35.23
N TYR K 94 11.64 2.89 -34.57
CA TYR K 94 11.40 3.19 -33.17
C TYR K 94 11.86 2.02 -32.31
N TYR K 95 12.73 2.31 -31.34
CA TYR K 95 13.27 1.31 -30.43
C TYR K 95 12.60 1.40 -29.06
N CYS K 96 12.32 0.24 -28.49
CA CYS K 96 12.00 0.18 -27.08
C CYS K 96 13.29 0.16 -26.27
N ALA K 97 13.19 0.40 -24.98
CA ALA K 97 14.37 0.42 -24.12
C ALA K 97 13.94 0.14 -22.69
N LYS K 98 14.91 -0.22 -21.86
CA LYS K 98 14.65 -0.53 -20.45
C LYS K 98 15.72 0.17 -19.62
N ASP K 99 15.31 1.09 -18.76
CA ASP K 99 16.26 1.80 -17.93
C ASP K 99 17.05 0.82 -17.07
N TRP K 100 18.35 1.08 -16.92
CA TRP K 100 19.26 0.11 -16.33
C TRP K 100 18.87 -0.27 -14.91
N GLY K 101 18.22 0.63 -14.17
CA GLY K 101 17.89 0.36 -12.79
C GLY K 101 18.80 1.00 -11.78
N GLY K 102 19.77 1.80 -12.21
CA GLY K 102 20.66 2.44 -11.27
C GLY K 102 19.98 3.57 -10.51
N ALA K 103 20.64 4.03 -9.46
CA ALA K 103 20.08 5.09 -8.62
C ALA K 103 19.92 6.39 -9.41
N SER K 104 20.91 6.72 -10.24
CA SER K 104 20.90 7.98 -10.98
C SER K 104 21.35 7.83 -12.42
N ASP K 105 21.33 6.62 -12.98
CA ASP K 105 21.79 6.38 -14.34
C ASP K 105 20.60 6.04 -15.23
N ARG K 106 20.23 6.97 -16.11
CA ARG K 106 19.19 6.73 -17.10
C ARG K 106 19.86 6.24 -18.38
N VAL K 107 20.32 5.00 -18.34
CA VAL K 107 21.05 4.39 -19.45
C VAL K 107 20.33 3.10 -19.83
N PHE K 108 20.19 2.90 -21.14
CA PHE K 108 19.41 1.79 -21.68
C PHE K 108 20.31 0.59 -21.94
N ASP K 109 19.88 -0.57 -21.47
CA ASP K 109 20.70 -1.78 -21.60
C ASP K 109 20.09 -2.77 -22.59
N TYR K 110 18.83 -3.15 -22.35
CA TYR K 110 18.18 -4.17 -23.19
C TYR K 110 17.27 -3.48 -24.19
N TRP K 111 17.84 -3.17 -25.35
CA TRP K 111 17.08 -2.55 -26.44
C TRP K 111 16.21 -3.59 -27.13
N GLY K 112 15.14 -3.13 -27.76
CA GLY K 112 14.30 -3.99 -28.56
C GLY K 112 14.87 -4.21 -29.95
N ARG K 113 14.12 -4.95 -30.76
CA ARG K 113 14.57 -5.23 -32.12
C ARG K 113 14.42 -4.00 -33.01
N GLY K 114 13.23 -3.42 -33.06
CA GLY K 114 12.99 -2.23 -33.85
C GLY K 114 11.79 -2.32 -34.75
N THR K 115 11.02 -1.23 -34.82
CA THR K 115 9.85 -1.15 -35.68
C THR K 115 9.97 0.06 -36.58
N LEU K 116 9.83 -0.16 -37.89
CA LEU K 116 9.95 0.91 -38.86
C LEU K 116 8.60 1.58 -39.09
N VAL K 117 8.55 2.89 -38.85
CA VAL K 117 7.34 3.68 -39.05
C VAL K 117 7.63 4.71 -40.14
N ILE K 118 6.83 4.69 -41.20
CA ILE K 118 7.01 5.56 -42.36
C ILE K 118 5.83 6.51 -42.42
N VAL K 119 6.11 7.79 -42.69
CA VAL K 119 5.08 8.79 -42.94
C VAL K 119 5.33 9.37 -44.33
N SER K 120 4.32 9.28 -45.18
CA SER K 120 4.42 9.76 -46.56
C SER K 120 3.01 9.86 -47.12
N SER K 121 2.94 10.10 -48.43
CA SER K 121 1.65 10.16 -49.12
C SER K 121 1.73 9.48 -50.48
N ASP L 1 24.11 0.42 -9.69
CA ASP L 1 24.47 -0.22 -8.43
C ASP L 1 25.53 0.58 -7.68
N ILE L 2 25.61 0.35 -6.37
CA ILE L 2 26.59 0.99 -5.50
C ILE L 2 27.61 -0.06 -5.09
N GLN L 3 28.84 0.10 -5.54
CA GLN L 3 29.87 -0.89 -5.22
C GLN L 3 30.56 -0.48 -3.92
N MET L 4 30.57 -1.39 -2.96
CA MET L 4 31.17 -1.14 -1.66
C MET L 4 32.65 -1.51 -1.69
N THR L 5 33.47 -0.61 -1.16
CA THR L 5 34.89 -0.85 -0.97
C THR L 5 35.19 -0.72 0.51
N GLN L 6 35.59 -1.84 1.13
CA GLN L 6 35.95 -1.86 2.53
C GLN L 6 37.46 -1.97 2.64
N SER L 7 38.04 -1.12 3.47
CA SER L 7 39.48 -0.99 3.54
C SER L 7 39.94 -1.05 4.98
N PRO L 8 41.12 -1.64 5.24
CA PRO L 8 41.98 -2.40 4.30
C PRO L 8 41.58 -3.87 4.20
N SER L 9 42.15 -4.60 3.24
CA SER L 9 41.67 -5.95 2.94
C SER L 9 42.00 -6.93 4.06
N THR L 10 43.09 -6.72 4.79
CA THR L 10 43.51 -7.65 5.83
C THR L 10 44.29 -6.92 6.91
N LEU L 11 43.87 -7.10 8.17
CA LEU L 11 44.61 -6.65 9.35
C LEU L 11 44.98 -7.85 10.19
N SER L 12 46.29 -8.07 10.35
CA SER L 12 46.75 -8.98 11.38
C SER L 12 46.67 -8.30 12.73
N ALA L 13 46.27 -9.07 13.74
CA ALA L 13 46.18 -8.55 15.10
C ALA L 13 46.24 -9.73 16.06
N SER L 14 46.49 -9.42 17.33
CA SER L 14 46.55 -10.41 18.38
C SER L 14 45.33 -10.29 19.29
N VAL L 15 45.26 -11.19 20.27
CA VAL L 15 44.17 -11.16 21.23
C VAL L 15 44.35 -9.97 22.17
N GLY L 16 43.30 -9.17 22.32
CA GLY L 16 43.29 -8.08 23.27
C GLY L 16 43.46 -6.69 22.69
N ASP L 17 43.87 -6.57 21.43
CA ASP L 17 44.03 -5.24 20.84
C ASP L 17 42.68 -4.70 20.38
N ARG L 18 42.73 -3.54 19.72
CA ARG L 18 41.54 -2.90 19.16
C ARG L 18 41.75 -2.71 17.66
N VAL L 19 40.79 -3.19 16.87
CA VAL L 19 40.87 -3.14 15.42
C VAL L 19 39.67 -2.38 14.89
N THR L 20 39.89 -1.57 13.85
CA THR L 20 38.83 -0.81 13.20
C THR L 20 38.80 -1.19 11.72
N ILE L 21 37.62 -1.55 11.23
CA ILE L 21 37.42 -1.91 9.83
C ILE L 21 36.49 -0.89 9.20
N THR L 22 36.90 -0.33 8.07
CA THR L 22 36.15 0.71 7.39
C THR L 22 35.43 0.13 6.18
N CYS L 23 34.39 0.85 5.75
CA CYS L 23 33.67 0.51 4.53
C CYS L 23 33.29 1.81 3.83
N ARG L 24 33.74 1.97 2.59
CA ARG L 24 33.59 3.22 1.85
C ARG L 24 32.60 3.02 0.71
N ALA L 25 31.60 3.89 0.64
CA ALA L 25 30.59 3.83 -0.40
C ALA L 25 30.87 4.87 -1.47
N SER L 26 30.63 4.48 -2.73
CA SER L 26 30.86 5.39 -3.84
C SER L 26 29.88 6.56 -3.85
N GLN L 27 28.72 6.40 -3.22
CA GLN L 27 27.73 7.47 -3.16
C GLN L 27 26.96 7.31 -1.85
N SER L 28 26.30 8.39 -1.43
CA SER L 28 25.68 8.45 -0.12
C SER L 28 24.66 7.33 0.05
N VAL L 29 24.79 6.62 1.18
CA VAL L 29 23.88 5.53 1.52
C VAL L 29 23.13 5.83 2.82
N SER L 30 23.14 7.10 3.26
CA SER L 30 22.50 7.53 4.49
C SER L 30 23.09 6.72 5.64
N THR L 31 22.30 5.98 6.41
CA THR L 31 22.81 5.14 7.48
C THR L 31 22.48 3.67 7.26
N SER L 32 22.03 3.31 6.06
CA SER L 32 21.60 1.95 5.76
C SER L 32 22.79 1.06 5.38
N LEU L 33 23.44 0.52 6.40
CA LEU L 33 24.55 -0.40 6.23
C LEU L 33 24.50 -1.48 7.30
N ALA L 34 25.00 -2.67 6.94
CA ALA L 34 25.02 -3.79 7.86
C ALA L 34 26.35 -4.51 7.73
N TRP L 35 26.81 -5.07 8.85
CA TRP L 35 28.11 -5.73 8.92
C TRP L 35 27.92 -7.21 9.20
N TYR L 36 28.61 -8.05 8.43
CA TYR L 36 28.53 -9.49 8.56
C TYR L 36 29.89 -10.06 8.93
N GLN L 37 29.86 -11.11 9.74
CA GLN L 37 31.07 -11.84 10.11
C GLN L 37 30.92 -13.28 9.65
N GLN L 38 31.80 -13.70 8.74
CA GLN L 38 31.76 -15.04 8.18
C GLN L 38 32.93 -15.86 8.71
N LYS L 39 32.63 -16.84 9.57
CA LYS L 39 33.73 -17.74 9.84
C LYS L 39 33.83 -18.79 8.74
N PRO L 40 35.03 -19.27 8.45
CA PRO L 40 35.19 -20.20 7.32
C PRO L 40 34.33 -21.43 7.47
N GLY L 41 33.69 -21.82 6.37
CA GLY L 41 32.82 -22.98 6.35
C GLY L 41 31.40 -22.73 6.82
N LYS L 42 31.09 -21.53 7.30
CA LYS L 42 29.76 -21.20 7.80
C LYS L 42 29.19 -20.03 7.01
N ALA L 43 27.86 -19.92 7.04
CA ALA L 43 27.21 -18.75 6.49
C ALA L 43 27.44 -17.55 7.40
N PRO L 44 27.59 -16.36 6.83
CA PRO L 44 27.87 -15.18 7.65
C PRO L 44 26.74 -14.87 8.62
N ASN L 45 27.10 -14.27 9.76
CA ASN L 45 26.16 -13.90 10.80
C ASN L 45 26.05 -12.40 10.90
N LEU L 46 24.86 -11.91 11.23
CA LEU L 46 24.62 -10.48 11.33
C LEU L 46 25.20 -9.93 12.63
N LEU L 47 25.89 -8.80 12.53
CA LEU L 47 26.44 -8.09 13.68
C LEU L 47 25.81 -6.73 13.90
N ILE L 48 25.85 -5.86 12.90
CA ILE L 48 25.38 -4.48 12.99
C ILE L 48 24.35 -4.24 11.90
N TYR L 49 23.30 -3.49 12.23
CA TYR L 49 22.38 -2.96 11.24
C TYR L 49 22.12 -1.49 11.53
N GLN L 50 21.75 -0.75 10.49
CA GLN L 50 21.58 0.69 10.53
C GLN L 50 22.89 1.40 10.90
N ALA L 51 24.00 0.67 10.80
CA ALA L 51 25.36 1.21 10.88
C ALA L 51 25.75 1.65 12.29
N SER L 52 24.81 1.61 13.24
CA SER L 52 25.11 1.96 14.62
C SER L 52 24.44 1.06 15.64
N THR L 53 23.45 0.26 15.23
CA THR L 53 22.68 -0.53 16.18
C THR L 53 23.25 -1.94 16.28
N LEU L 54 23.27 -2.47 17.50
CA LEU L 54 23.80 -3.81 17.75
C LEU L 54 22.68 -4.84 17.60
N TYR L 55 22.92 -5.86 16.78
CA TYR L 55 21.94 -6.92 16.61
C TYR L 55 21.83 -7.75 17.89
N ARG L 56 20.66 -8.34 18.09
CA ARG L 56 20.41 -9.12 19.30
C ARG L 56 21.32 -10.34 19.34
N GLY L 57 21.85 -10.62 20.53
CA GLY L 57 22.67 -11.78 20.74
C GLY L 57 24.14 -11.62 20.38
N VAL L 58 24.53 -10.46 19.86
CA VAL L 58 25.92 -10.18 19.51
C VAL L 58 26.61 -9.57 20.72
N PRO L 59 27.79 -10.08 21.11
CA PRO L 59 28.49 -9.48 22.26
C PRO L 59 28.77 -8.01 22.03
N SER L 60 28.70 -7.24 23.13
CA SER L 60 28.73 -5.78 23.04
C SER L 60 30.08 -5.24 22.60
N ARG L 61 31.12 -6.07 22.53
CA ARG L 61 32.43 -5.58 22.13
C ARG L 61 32.48 -5.13 20.68
N PHE L 62 31.47 -5.45 19.88
CA PHE L 62 31.35 -4.93 18.53
C PHE L 62 30.58 -3.62 18.56
N SER L 63 31.08 -2.63 17.83
CA SER L 63 30.43 -1.33 17.75
C SER L 63 30.62 -0.74 16.36
N GLY L 64 29.56 -0.14 15.82
CA GLY L 64 29.64 0.48 14.52
C GLY L 64 29.38 1.98 14.59
N SER L 65 29.89 2.73 13.62
CA SER L 65 29.75 4.17 13.63
C SER L 65 29.92 4.70 12.21
N GLY L 66 29.46 5.92 12.00
CA GLY L 66 29.60 6.61 10.74
C GLY L 66 28.29 6.73 9.99
N SER L 67 28.27 7.68 9.06
CA SER L 67 27.12 7.90 8.20
C SER L 67 27.60 8.57 6.92
N GLY L 68 26.77 8.49 5.89
CA GLY L 68 27.13 9.03 4.60
C GLY L 68 27.85 8.03 3.72
N THR L 69 29.18 8.14 3.67
CA THR L 69 30.00 7.20 2.91
C THR L 69 31.12 6.57 3.72
N GLU L 70 31.44 7.12 4.89
CA GLU L 70 32.52 6.60 5.73
C GLU L 70 31.90 5.89 6.91
N PHE L 71 32.03 4.56 6.95
CA PHE L 71 31.47 3.73 8.00
C PHE L 71 32.55 2.83 8.58
N THR L 72 32.61 2.76 9.90
CA THR L 72 33.64 2.00 10.59
C THR L 72 33.01 1.01 11.56
N LEU L 73 33.52 -0.22 11.55
CA LEU L 73 33.19 -1.22 12.55
C LEU L 73 34.40 -1.39 13.46
N THR L 74 34.17 -1.30 14.77
CA THR L 74 35.25 -1.32 15.75
C THR L 74 35.00 -2.42 16.76
N ILE L 75 35.99 -3.29 16.93
CA ILE L 75 35.98 -4.32 17.96
C ILE L 75 36.86 -3.82 19.10
N GLY L 76 36.24 -3.51 20.24
CA GLY L 76 36.98 -2.87 21.32
C GLY L 76 38.10 -3.71 21.87
N SER L 77 37.82 -4.99 22.16
CA SER L 77 38.82 -5.90 22.71
C SER L 77 38.68 -7.22 21.97
N LEU L 78 39.57 -7.45 21.01
CA LEU L 78 39.50 -8.65 20.17
C LEU L 78 39.67 -9.90 21.02
N GLN L 79 38.90 -10.93 20.70
CA GLN L 79 38.89 -12.21 21.38
C GLN L 79 39.23 -13.33 20.40
N PRO L 80 39.72 -14.47 20.90
CA PRO L 80 40.15 -15.53 19.97
C PRO L 80 39.07 -16.02 19.04
N ASP L 81 37.82 -15.97 19.47
CA ASP L 81 36.69 -16.38 18.64
C ASP L 81 36.39 -15.38 17.53
N ASP L 82 36.86 -14.13 17.65
CA ASP L 82 36.49 -13.06 16.74
C ASP L 82 37.37 -12.98 15.50
N PHE L 83 38.01 -14.08 15.12
CA PHE L 83 38.84 -14.12 13.92
C PHE L 83 38.01 -14.67 12.76
N ALA L 84 37.66 -13.80 11.81
CA ALA L 84 36.84 -14.19 10.67
C ALA L 84 36.88 -13.15 9.57
N THR L 85 36.14 -13.38 8.49
CA THR L 85 36.06 -12.44 7.38
C THR L 85 34.84 -11.56 7.55
N TYR L 86 35.01 -10.25 7.38
CA TYR L 86 33.98 -9.28 7.70
C TYR L 86 33.52 -8.58 6.41
N TYR L 87 32.22 -8.56 6.19
CA TYR L 87 31.61 -7.94 5.02
C TYR L 87 30.70 -6.81 5.44
N CYS L 88 30.74 -5.72 4.67
CA CYS L 88 29.81 -4.61 4.85
C CYS L 88 28.79 -4.61 3.73
N GLN L 89 27.51 -4.52 4.09
CA GLN L 89 26.42 -4.63 3.15
C GLN L 89 25.48 -3.46 3.29
N HIS L 90 25.16 -2.82 2.17
CA HIS L 90 24.27 -1.67 2.14
C HIS L 90 22.92 -2.08 1.59
N TYR L 91 21.87 -1.40 2.03
CA TYR L 91 20.52 -1.63 1.55
C TYR L 91 19.81 -0.30 1.33
N ASN L 92 20.50 0.63 0.68
CA ASN L 92 19.94 1.96 0.45
C ASN L 92 18.71 1.86 -0.45
N SER L 93 17.76 2.77 -0.23
CA SER L 93 16.52 2.77 -0.99
C SER L 93 16.80 3.08 -2.46
N TYR L 94 16.00 2.49 -3.34
CA TYR L 94 16.08 2.63 -4.79
C TYR L 94 17.38 2.09 -5.37
N SER L 95 18.18 1.38 -4.58
CA SER L 95 19.40 0.75 -5.06
C SER L 95 19.46 -0.68 -4.56
N ARG L 96 20.07 -1.54 -5.37
CA ARG L 96 20.13 -2.96 -5.08
C ARG L 96 21.20 -3.26 -4.03
N ILE L 97 21.01 -4.38 -3.33
CA ILE L 97 21.88 -4.73 -2.22
C ILE L 97 23.21 -5.26 -2.76
N THR L 98 24.31 -4.69 -2.29
CA THR L 98 25.65 -5.13 -2.66
C THR L 98 26.48 -5.35 -1.40
N PHE L 99 27.58 -6.08 -1.56
CA PHE L 99 28.45 -6.44 -0.45
C PHE L 99 29.87 -5.96 -0.71
N GLY L 100 30.65 -5.85 0.36
CA GLY L 100 32.04 -5.48 0.28
C GLY L 100 32.91 -6.66 -0.13
N GLN L 101 34.20 -6.38 -0.30
CA GLN L 101 35.13 -7.41 -0.74
C GLN L 101 35.44 -8.41 0.37
N GLY L 102 35.47 -7.96 1.62
CA GLY L 102 35.70 -8.86 2.73
C GLY L 102 37.04 -8.68 3.42
N THR L 103 37.02 -8.06 4.60
CA THR L 103 38.24 -7.90 5.38
C THR L 103 38.47 -9.12 6.27
N ARG L 104 39.72 -9.57 6.31
CA ARG L 104 40.10 -10.76 7.07
C ARG L 104 40.87 -10.35 8.30
N LEU L 105 40.77 -11.14 9.36
CA LEU L 105 41.54 -10.95 10.58
C LEU L 105 42.51 -12.11 10.76
N GLU L 106 43.79 -11.79 10.91
CA GLU L 106 44.84 -12.79 10.99
C GLU L 106 45.51 -12.69 12.36
N ILE L 107 45.69 -13.84 13.02
CA ILE L 107 46.29 -13.83 14.35
C ILE L 107 47.78 -13.51 14.25
N LYS L 108 48.22 -12.58 15.09
CA LYS L 108 49.63 -12.16 15.16
C LYS L 108 50.13 -11.58 13.83
N GLN M 1 14.44 -23.70 16.11
CA GLN M 1 15.29 -22.53 16.25
C GLN M 1 15.55 -21.91 14.89
N VAL M 2 14.74 -22.30 13.91
CA VAL M 2 14.76 -21.76 12.55
C VAL M 2 16.03 -22.24 11.85
N GLN M 3 15.87 -23.23 10.98
CA GLN M 3 16.96 -23.73 10.15
C GLN M 3 16.49 -23.78 8.71
N LEU M 4 17.32 -23.30 7.79
CA LEU M 4 17.02 -23.31 6.37
C LEU M 4 18.00 -24.26 5.69
N VAL M 5 17.47 -25.27 5.00
CA VAL M 5 18.28 -26.26 4.31
C VAL M 5 18.02 -26.15 2.82
N GLU M 6 19.08 -25.95 2.05
CA GLU M 6 18.96 -25.84 0.60
C GLU M 6 19.40 -27.15 -0.06
N SER M 7 18.90 -27.36 -1.28
CA SER M 7 19.17 -28.59 -2.00
C SER M 7 19.01 -28.32 -3.49
N GLY M 8 19.27 -29.36 -4.28
CA GLY M 8 19.17 -29.26 -5.72
C GLY M 8 20.46 -28.95 -6.45
N GLY M 9 21.59 -28.98 -5.76
CA GLY M 9 22.86 -28.66 -6.37
C GLY M 9 23.39 -29.78 -7.24
N GLY M 10 24.55 -29.55 -7.81
CA GLY M 10 25.20 -30.47 -8.70
C GLY M 10 25.97 -29.73 -9.77
N VAL M 11 26.24 -30.41 -10.88
CA VAL M 11 26.97 -29.85 -12.00
C VAL M 11 26.06 -29.87 -13.23
N VAL M 12 26.11 -28.80 -14.01
CA VAL M 12 25.33 -28.67 -15.24
C VAL M 12 26.17 -27.96 -16.28
N GLN M 13 25.87 -28.26 -17.54
CA GLN M 13 26.53 -27.59 -18.65
C GLN M 13 25.91 -26.22 -18.88
N PRO M 14 26.68 -25.27 -19.43
CA PRO M 14 26.13 -23.93 -19.67
C PRO M 14 24.93 -23.98 -20.60
N GLY M 15 23.93 -23.14 -20.31
CA GLY M 15 22.72 -23.09 -21.08
C GLY M 15 21.61 -24.01 -20.61
N ARG M 16 21.89 -24.90 -19.66
CA ARG M 16 20.90 -25.81 -19.13
C ARG M 16 20.23 -25.22 -17.89
N SER M 17 19.09 -25.80 -17.53
CA SER M 17 18.30 -25.31 -16.41
C SER M 17 18.65 -26.08 -15.14
N LEU M 18 18.16 -25.56 -14.01
CA LEU M 18 18.41 -26.14 -12.69
C LEU M 18 17.45 -25.52 -11.69
N ARG M 19 17.00 -26.32 -10.72
CA ARG M 19 16.02 -25.87 -9.74
C ARG M 19 16.63 -25.96 -8.34
N LEU M 20 16.32 -24.99 -7.49
CA LEU M 20 16.85 -24.91 -6.14
C LEU M 20 15.70 -24.78 -5.15
N SER M 21 15.90 -25.30 -3.95
CA SER M 21 14.87 -25.30 -2.92
C SER M 21 15.45 -24.79 -1.60
N CYS M 22 14.57 -24.17 -0.80
CA CYS M 22 14.95 -23.63 0.50
C CYS M 22 13.88 -24.04 1.52
N ALA M 23 13.61 -25.34 1.57
CA ALA M 23 12.61 -25.85 2.51
C ALA M 23 12.93 -25.43 3.94
N ALA M 24 12.08 -24.58 4.49
CA ALA M 24 12.26 -24.02 5.82
C ALA M 24 11.62 -24.92 6.87
N SER M 25 11.98 -24.70 8.12
CA SER M 25 11.45 -25.48 9.23
C SER M 25 11.32 -24.57 10.44
N ARG M 26 10.20 -24.71 11.16
CA ARG M 26 9.90 -24.02 12.42
C ARG M 26 9.80 -22.51 12.25
N LEU M 27 9.88 -21.97 11.04
CA LEU M 27 9.72 -20.55 10.79
C LEU M 27 8.32 -20.28 10.28
N THR M 28 7.75 -19.14 10.67
CA THR M 28 6.49 -18.71 10.09
C THR M 28 6.78 -18.16 8.70
N PHE M 29 6.93 -19.07 7.73
CA PHE M 29 7.47 -18.72 6.42
C PHE M 29 6.58 -17.75 5.67
N ARG M 30 5.26 -17.79 5.92
CA ARG M 30 4.33 -16.98 5.16
C ARG M 30 4.45 -15.49 5.43
N ASN M 31 4.90 -15.09 6.62
CA ASN M 31 4.95 -13.69 7.00
C ASN M 31 6.22 -12.98 6.54
N PHE M 32 7.21 -13.70 6.03
CA PHE M 32 8.53 -13.14 5.78
C PHE M 32 8.89 -13.23 4.31
N GLY M 33 9.43 -12.14 3.77
CA GLY M 33 10.04 -12.19 2.46
C GLY M 33 11.37 -12.90 2.55
N MET M 34 11.90 -13.40 1.43
CA MET M 34 13.14 -14.13 1.46
C MET M 34 14.06 -13.65 0.35
N HIS M 35 15.36 -13.87 0.53
CA HIS M 35 16.38 -13.47 -0.42
C HIS M 35 17.25 -14.68 -0.78
N TRP M 36 17.79 -14.65 -1.99
CA TRP M 36 18.83 -15.58 -2.39
C TRP M 36 20.16 -14.83 -2.48
N VAL M 37 21.19 -15.38 -1.85
CA VAL M 37 22.50 -14.75 -1.83
C VAL M 37 23.51 -15.73 -2.40
N ARG M 38 24.33 -15.26 -3.32
CA ARG M 38 25.31 -16.08 -4.03
C ARG M 38 26.70 -15.70 -3.58
N GLN M 39 27.49 -16.70 -3.17
CA GLN M 39 28.85 -16.49 -2.73
C GLN M 39 29.81 -17.13 -3.74
N THR M 40 30.50 -16.29 -4.50
CA THR M 40 31.42 -16.75 -5.53
C THR M 40 32.63 -17.44 -4.90
N PRO M 41 33.33 -18.28 -5.67
CA PRO M 41 34.54 -18.91 -5.13
C PRO M 41 35.60 -17.90 -4.69
N GLY M 42 35.60 -16.70 -5.27
CA GLY M 42 36.47 -15.64 -4.81
C GLY M 42 36.08 -15.02 -3.49
N LYS M 43 35.20 -15.69 -2.73
CA LYS M 43 34.74 -15.26 -1.41
C LYS M 43 33.92 -13.99 -1.44
N GLY M 44 33.58 -13.49 -2.63
CA GLY M 44 32.67 -12.36 -2.72
C GLY M 44 31.23 -12.77 -2.52
N LEU M 45 30.42 -11.82 -2.08
CA LEU M 45 29.00 -12.03 -1.84
C LEU M 45 28.20 -11.17 -2.79
N GLU M 46 27.25 -11.78 -3.49
CA GLU M 46 26.37 -11.07 -4.41
C GLU M 46 24.93 -11.37 -4.06
N TRP M 47 24.10 -10.32 -3.96
CA TRP M 47 22.68 -10.50 -3.79
C TRP M 47 22.04 -10.85 -5.13
N VAL M 48 21.12 -11.80 -5.11
CA VAL M 48 20.54 -12.36 -6.33
C VAL M 48 19.10 -11.90 -6.54
N ALA M 49 18.21 -12.25 -5.61
CA ALA M 49 16.80 -11.95 -5.81
C ALA M 49 16.07 -11.94 -4.48
N VAL M 50 14.92 -11.26 -4.46
CA VAL M 50 14.05 -11.20 -3.31
C VAL M 50 12.61 -11.31 -3.78
N ILE M 51 11.80 -12.05 -3.04
CA ILE M 51 10.37 -12.16 -3.30
C ILE M 51 9.63 -11.77 -2.02
N TRP M 52 8.47 -11.14 -2.18
CA TRP M 52 7.72 -10.62 -1.04
C TRP M 52 7.04 -11.78 -0.30
N HIS M 53 6.25 -11.45 0.72
CA HIS M 53 5.67 -12.48 1.57
C HIS M 53 4.68 -13.35 0.80
N ASP M 54 3.85 -12.75 -0.03
CA ASP M 54 2.85 -13.48 -0.81
C ASP M 54 3.23 -13.64 -2.27
N GLY M 55 4.43 -13.23 -2.67
CA GLY M 55 4.84 -13.31 -4.05
C GLY M 55 4.33 -12.20 -4.94
N SER M 56 3.84 -11.11 -4.37
CA SER M 56 3.28 -10.03 -5.19
C SER M 56 4.33 -9.42 -6.09
N ASN M 57 5.53 -9.18 -5.56
CA ASN M 57 6.59 -8.53 -6.33
C ASN M 57 7.90 -9.28 -6.14
N LYS M 58 8.72 -9.26 -7.19
CA LYS M 58 10.05 -9.87 -7.15
C LYS M 58 11.06 -8.83 -7.62
N PHE M 59 12.28 -8.90 -7.09
CA PHE M 59 13.37 -8.04 -7.54
C PHE M 59 14.60 -8.89 -7.78
N TYR M 60 15.33 -8.58 -8.84
CA TYR M 60 16.52 -9.31 -9.22
C TYR M 60 17.71 -8.38 -9.38
N ALA M 61 18.90 -8.90 -9.14
CA ALA M 61 20.11 -8.18 -9.50
C ALA M 61 20.25 -8.16 -11.01
N ASP M 62 20.96 -7.14 -11.52
CA ASP M 62 21.07 -6.98 -12.96
C ASP M 62 21.85 -8.12 -13.60
N SER M 63 22.65 -8.85 -12.82
CA SER M 63 23.42 -9.95 -13.37
C SER M 63 22.56 -11.18 -13.63
N VAL M 64 21.35 -11.23 -13.08
CA VAL M 64 20.46 -12.38 -13.24
C VAL M 64 19.09 -11.98 -13.76
N GLU M 65 18.99 -10.83 -14.43
CA GLU M 65 17.69 -10.39 -14.95
C GLU M 65 17.32 -11.18 -16.19
N GLY M 66 16.14 -11.80 -16.15
CA GLY M 66 15.63 -12.55 -17.29
C GLY M 66 16.11 -13.98 -17.39
N ARG M 67 17.15 -14.36 -16.66
CA ARG M 67 17.65 -15.72 -16.65
C ARG M 67 17.24 -16.49 -15.40
N PHE M 68 17.06 -15.79 -14.29
CA PHE M 68 16.68 -16.40 -13.02
C PHE M 68 15.25 -16.05 -12.68
N THR M 69 14.50 -17.02 -12.18
CA THR M 69 13.14 -16.82 -11.73
C THR M 69 12.97 -17.44 -10.36
N ILE M 70 12.47 -16.66 -9.41
CA ILE M 70 12.26 -17.15 -8.05
C ILE M 70 10.77 -17.16 -7.77
N SER M 71 10.32 -18.25 -7.14
CA SER M 71 8.93 -18.41 -6.78
C SER M 71 8.87 -19.03 -5.38
N ARG M 72 7.78 -18.73 -4.68
CA ARG M 72 7.63 -19.12 -3.29
C ARG M 72 6.32 -19.87 -3.12
N ASP M 73 6.37 -20.97 -2.36
CA ASP M 73 5.20 -21.79 -2.08
C ASP M 73 4.96 -21.76 -0.58
N ASN M 74 4.03 -20.92 -0.14
CA ASN M 74 3.78 -20.77 1.28
C ASN M 74 3.17 -22.03 1.89
N SER M 75 2.38 -22.77 1.10
CA SER M 75 1.68 -23.94 1.62
C SER M 75 2.65 -25.01 2.07
N LYS M 76 3.69 -25.27 1.28
CA LYS M 76 4.66 -26.31 1.60
C LYS M 76 5.85 -25.78 2.38
N ASN M 77 5.85 -24.50 2.74
CA ASN M 77 6.90 -23.89 3.55
C ASN M 77 8.26 -24.02 2.88
N THR M 78 8.39 -23.46 1.67
CA THR M 78 9.61 -23.62 0.89
C THR M 78 9.75 -22.48 -0.10
N LEU M 79 10.97 -22.30 -0.59
CA LEU M 79 11.30 -21.25 -1.54
C LEU M 79 12.04 -21.84 -2.73
N TYR M 80 11.70 -21.37 -3.94
CA TYR M 80 12.27 -21.90 -5.17
C TYR M 80 12.95 -20.81 -5.96
N LEU M 81 14.10 -21.15 -6.54
CA LEU M 81 14.80 -20.30 -7.50
C LEU M 81 15.19 -21.18 -8.68
N GLN M 82 14.61 -20.90 -9.84
CA GLN M 82 14.89 -21.66 -11.06
C GLN M 82 15.75 -20.83 -11.98
N MET M 83 16.86 -21.41 -12.43
CA MET M 83 17.87 -20.71 -13.21
C MET M 83 17.86 -21.24 -14.64
N ASN M 84 17.94 -20.34 -15.61
CA ASN M 84 17.99 -20.69 -17.03
C ASN M 84 19.16 -19.99 -17.69
N SER M 85 19.69 -20.59 -18.75
CA SER M 85 20.79 -20.03 -19.52
C SER M 85 21.98 -19.71 -18.64
N LEU M 86 22.46 -20.70 -17.90
CA LEU M 86 23.59 -20.49 -16.99
C LEU M 86 24.88 -20.30 -17.78
N ARG M 87 25.89 -19.78 -17.10
CA ARG M 87 27.22 -19.64 -17.68
C ARG M 87 28.25 -19.74 -16.57
N ASP M 88 29.50 -19.44 -16.91
CA ASP M 88 30.62 -19.76 -16.02
C ASP M 88 30.62 -18.90 -14.76
N GLU M 89 30.12 -17.67 -14.84
CA GLU M 89 30.19 -16.79 -13.68
C GLU M 89 29.15 -17.11 -12.61
N ASP M 90 28.21 -18.02 -12.89
CA ASP M 90 27.19 -18.39 -11.93
C ASP M 90 27.58 -19.60 -11.10
N THR M 91 28.79 -20.11 -11.27
CA THR M 91 29.29 -21.21 -10.45
C THR M 91 29.67 -20.68 -9.08
N ALA M 92 28.87 -21.00 -8.07
CA ALA M 92 29.10 -20.46 -6.73
C ALA M 92 28.21 -21.22 -5.74
N ILE M 93 28.43 -20.96 -4.46
CA ILE M 93 27.58 -21.47 -3.40
C ILE M 93 26.38 -20.56 -3.26
N TYR M 94 25.18 -21.14 -3.31
CA TYR M 94 23.94 -20.37 -3.23
C TYR M 94 23.39 -20.45 -1.81
N TYR M 95 23.20 -19.30 -1.18
CA TYR M 95 22.69 -19.20 0.17
C TYR M 95 21.26 -18.68 0.16
N CYS M 96 20.39 -19.40 0.87
CA CYS M 96 19.06 -18.87 1.16
C CYS M 96 19.17 -17.89 2.32
N ALA M 97 18.24 -16.94 2.38
CA ALA M 97 18.30 -15.90 3.39
C ALA M 97 16.88 -15.61 3.86
N LYS M 98 16.78 -14.80 4.91
CA LYS M 98 15.49 -14.42 5.48
C LYS M 98 15.58 -12.98 5.92
N ASP M 99 14.77 -12.11 5.31
CA ASP M 99 14.78 -10.70 5.67
C ASP M 99 14.41 -10.54 7.15
N TRP M 100 15.11 -9.63 7.83
CA TRP M 100 15.03 -9.55 9.28
C TRP M 100 13.62 -9.28 9.78
N GLY M 101 12.79 -8.59 8.99
CA GLY M 101 11.47 -8.24 9.43
C GLY M 101 11.32 -6.81 9.93
N GLY M 102 12.36 -5.99 9.82
CA GLY M 102 12.26 -4.62 10.28
C GLY M 102 11.45 -3.76 9.32
N ALA M 103 11.20 -2.53 9.76
CA ALA M 103 10.41 -1.60 8.96
C ALA M 103 11.11 -1.26 7.65
N SER M 104 12.41 -0.94 7.72
CA SER M 104 13.15 -0.51 6.54
C SER M 104 14.55 -1.10 6.46
N ASP M 105 14.85 -2.13 7.24
CA ASP M 105 16.17 -2.77 7.23
C ASP M 105 16.09 -4.06 6.42
N ARG M 106 16.68 -4.05 5.21
CA ARG M 106 16.74 -5.24 4.37
C ARG M 106 18.04 -5.97 4.67
N VAL M 107 18.05 -6.65 5.81
CA VAL M 107 19.24 -7.32 6.32
C VAL M 107 18.90 -8.77 6.63
N PHE M 108 19.77 -9.67 6.20
CA PHE M 108 19.57 -11.10 6.37
C PHE M 108 20.14 -11.56 7.70
N ASP M 109 19.36 -12.37 8.42
CA ASP M 109 19.81 -12.87 9.71
C ASP M 109 19.96 -14.39 9.74
N TYR M 110 18.90 -15.12 9.37
CA TYR M 110 18.91 -16.58 9.42
C TYR M 110 19.23 -17.13 8.04
N TRP M 111 20.52 -17.37 7.82
CA TRP M 111 20.99 -17.92 6.54
C TRP M 111 20.82 -19.43 6.53
N GLY M 112 20.93 -20.00 5.34
CA GLY M 112 20.92 -21.45 5.19
C GLY M 112 22.31 -22.05 5.27
N ARG M 113 22.36 -23.37 5.10
CA ARG M 113 23.66 -24.05 5.10
C ARG M 113 24.44 -23.73 3.84
N GLY M 114 23.77 -23.78 2.69
CA GLY M 114 24.43 -23.50 1.42
C GLY M 114 24.40 -24.65 0.44
N THR M 115 24.21 -24.33 -0.83
CA THR M 115 24.20 -25.31 -1.91
C THR M 115 25.18 -24.88 -2.98
N LEU M 116 26.02 -25.81 -3.42
CA LEU M 116 27.04 -25.53 -4.42
C LEU M 116 26.53 -25.89 -5.80
N VAL M 117 26.66 -24.96 -6.74
CA VAL M 117 26.25 -25.15 -8.12
C VAL M 117 27.48 -24.97 -9.00
N ILE M 118 27.78 -25.96 -9.83
CA ILE M 118 28.95 -25.95 -10.69
C ILE M 118 28.47 -25.90 -12.14
N VAL M 119 28.97 -24.92 -12.89
CA VAL M 119 28.69 -24.79 -14.32
C VAL M 119 29.99 -25.02 -15.08
N SER M 120 30.12 -26.20 -15.68
CA SER M 120 31.33 -26.56 -16.41
C SER M 120 30.99 -27.71 -17.35
N SER M 121 32.03 -28.29 -17.94
CA SER M 121 31.86 -29.39 -18.88
C SER M 121 33.07 -30.31 -18.86
N ASP N 1 -13.27 1.93 17.66
CA ASP N 1 -14.48 2.22 16.90
C ASP N 1 -14.26 3.38 15.94
N ILE N 2 -15.35 3.80 15.29
CA ILE N 2 -15.34 4.92 14.36
C ILE N 2 -16.39 5.91 14.82
N GLN N 3 -16.00 7.17 15.00
CA GLN N 3 -16.89 8.18 15.56
C GLN N 3 -17.70 8.82 14.45
N MET N 4 -19.02 8.81 14.61
CA MET N 4 -19.94 9.44 13.67
C MET N 4 -20.29 10.84 14.14
N THR N 5 -19.80 11.84 13.41
CA THR N 5 -20.07 13.24 13.72
C THR N 5 -20.82 13.87 12.55
N GLN N 6 -22.00 14.43 12.84
CA GLN N 6 -22.82 15.05 11.81
C GLN N 6 -23.07 16.51 12.17
N SER N 7 -23.13 17.36 11.15
CA SER N 7 -23.30 18.79 11.32
C SER N 7 -24.41 19.30 10.41
N PRO N 8 -25.16 20.32 10.83
CA PRO N 8 -25.11 21.02 12.13
C PRO N 8 -25.81 20.25 13.24
N SER N 9 -25.55 20.61 14.50
CA SER N 9 -26.22 19.97 15.61
C SER N 9 -27.72 20.24 15.58
N THR N 10 -28.12 21.46 15.23
CA THR N 10 -29.52 21.83 15.08
C THR N 10 -29.65 22.74 13.87
N LEU N 11 -30.67 22.48 13.05
CA LEU N 11 -30.93 23.27 11.84
C LEU N 11 -32.43 23.53 11.79
N SER N 12 -32.80 24.81 11.87
CA SER N 12 -34.20 25.18 11.81
C SER N 12 -34.56 25.70 10.42
N ALA N 13 -35.73 25.30 9.93
CA ALA N 13 -36.20 25.73 8.62
C ALA N 13 -37.72 25.63 8.60
N SER N 14 -38.31 26.30 7.61
CA SER N 14 -39.76 26.32 7.44
C SER N 14 -40.19 25.38 6.32
N VAL N 15 -41.49 25.19 6.20
CA VAL N 15 -42.04 24.28 5.20
C VAL N 15 -41.73 24.81 3.81
N GLY N 16 -41.35 23.91 2.91
CA GLY N 16 -41.04 24.26 1.54
C GLY N 16 -39.58 24.55 1.27
N ASP N 17 -38.74 24.55 2.31
CA ASP N 17 -37.33 24.84 2.15
C ASP N 17 -36.57 23.57 1.74
N ARG N 18 -35.29 23.75 1.39
CA ARG N 18 -34.38 22.67 1.10
C ARG N 18 -33.24 22.70 2.11
N VAL N 19 -32.99 21.56 2.75
CA VAL N 19 -31.98 21.45 3.81
C VAL N 19 -31.04 20.31 3.45
N THR N 20 -29.76 20.47 3.81
CA THR N 20 -28.74 19.45 3.64
C THR N 20 -28.08 19.17 4.99
N ILE N 21 -27.96 17.91 5.33
CA ILE N 21 -27.35 17.48 6.58
C ILE N 21 -26.12 16.65 6.25
N THR N 22 -24.97 17.04 6.81
CA THR N 22 -23.70 16.39 6.53
C THR N 22 -23.24 15.59 7.74
N CYS N 23 -22.62 14.45 7.46
CA CYS N 23 -22.07 13.58 8.50
C CYS N 23 -20.60 13.34 8.19
N ARG N 24 -19.75 13.50 9.20
CA ARG N 24 -18.31 13.43 9.04
C ARG N 24 -17.79 12.17 9.73
N ALA N 25 -17.00 11.38 9.01
CA ALA N 25 -16.44 10.16 9.56
C ALA N 25 -15.02 10.40 10.06
N SER N 26 -14.70 9.78 11.20
CA SER N 26 -13.35 9.87 11.74
C SER N 26 -12.32 9.26 10.81
N GLN N 27 -12.71 8.27 10.00
CA GLN N 27 -11.84 7.69 8.99
C GLN N 27 -12.72 7.13 7.89
N SER N 28 -12.10 6.80 6.76
CA SER N 28 -12.85 6.36 5.58
C SER N 28 -13.72 5.16 5.89
N VAL N 29 -14.99 5.25 5.48
CA VAL N 29 -15.95 4.17 5.68
C VAL N 29 -16.58 3.74 4.35
N SER N 30 -15.91 4.02 3.24
CA SER N 30 -16.36 3.68 1.88
C SER N 30 -17.74 4.29 1.67
N THR N 31 -18.78 3.50 1.37
CA THR N 31 -20.12 4.03 1.12
C THR N 31 -21.18 3.34 1.96
N SER N 32 -20.79 2.72 3.07
CA SER N 32 -21.72 1.93 3.89
C SER N 32 -22.28 2.76 5.04
N LEU N 33 -23.12 3.72 4.68
CA LEU N 33 -23.79 4.58 5.64
C LEU N 33 -25.31 4.43 5.53
N ALA N 34 -25.99 4.99 6.52
CA ALA N 34 -27.45 4.97 6.57
C ALA N 34 -27.93 6.19 7.32
N TRP N 35 -29.17 6.59 7.04
CA TRP N 35 -29.78 7.75 7.69
C TRP N 35 -31.12 7.35 8.31
N TYR N 36 -31.31 7.70 9.57
CA TYR N 36 -32.50 7.34 10.31
C TYR N 36 -33.22 8.58 10.79
N GLN N 37 -34.55 8.52 10.80
CA GLN N 37 -35.40 9.61 11.25
C GLN N 37 -36.15 9.18 12.49
N GLN N 38 -35.96 9.90 13.59
CA GLN N 38 -36.62 9.59 14.85
C GLN N 38 -37.65 10.67 15.16
N LYS N 39 -38.92 10.33 14.99
CA LYS N 39 -39.97 11.21 15.48
C LYS N 39 -40.21 10.94 16.96
N PRO N 40 -40.24 11.98 17.78
CA PRO N 40 -40.30 11.78 19.24
C PRO N 40 -41.49 10.92 19.63
N GLY N 41 -41.25 10.02 20.59
CA GLY N 41 -42.22 9.03 20.98
C GLY N 41 -42.23 7.78 20.13
N LYS N 42 -41.39 7.71 19.09
CA LYS N 42 -41.33 6.57 18.20
C LYS N 42 -39.88 6.13 18.02
N ALA N 43 -39.72 4.84 17.72
CA ALA N 43 -38.41 4.33 17.34
C ALA N 43 -38.05 4.84 15.94
N PRO N 44 -36.77 5.10 15.68
CA PRO N 44 -36.37 5.61 14.37
C PRO N 44 -36.62 4.59 13.26
N ASN N 45 -36.79 5.09 12.05
CA ASN N 45 -37.06 4.27 10.88
C ASN N 45 -35.96 4.47 9.84
N LEU N 46 -35.87 3.53 8.90
CA LEU N 46 -34.81 3.57 7.90
C LEU N 46 -35.23 4.43 6.70
N LEU N 47 -34.30 5.26 6.23
CA LEU N 47 -34.52 6.09 5.06
C LEU N 47 -33.55 5.77 3.92
N ILE N 48 -32.26 5.74 4.20
CA ILE N 48 -31.23 5.54 3.18
C ILE N 48 -30.32 4.40 3.62
N TYR N 49 -29.90 3.57 2.68
CA TYR N 49 -28.84 2.60 2.91
C TYR N 49 -27.85 2.67 1.75
N GLN N 50 -26.61 2.29 2.04
CA GLN N 50 -25.49 2.40 1.11
C GLN N 50 -25.23 3.85 0.75
N ALA N 51 -25.77 4.77 1.57
CA ALA N 51 -25.45 6.19 1.53
C ALA N 51 -26.01 6.91 0.31
N SER N 52 -26.59 6.17 -0.64
CA SER N 52 -27.16 6.78 -1.83
C SER N 52 -28.48 6.17 -2.26
N THR N 53 -28.84 4.99 -1.75
CA THR N 53 -30.02 4.28 -2.22
C THR N 53 -31.23 4.61 -1.36
N LEU N 54 -32.33 5.00 -1.99
CA LEU N 54 -33.57 5.29 -1.29
C LEU N 54 -34.21 3.98 -0.88
N TYR N 55 -34.66 3.91 0.37
CA TYR N 55 -35.31 2.70 0.88
C TYR N 55 -36.67 2.53 0.20
N ARG N 56 -37.34 1.43 0.52
CA ARG N 56 -38.67 1.19 -0.02
C ARG N 56 -39.73 1.88 0.82
N GLY N 57 -40.56 2.70 0.16
CA GLY N 57 -41.64 3.40 0.81
C GLY N 57 -41.31 4.78 1.33
N VAL N 58 -40.06 5.22 1.22
CA VAL N 58 -39.64 6.54 1.65
C VAL N 58 -39.99 7.54 0.54
N PRO N 59 -40.46 8.74 0.88
CA PRO N 59 -40.69 9.76 -0.17
C PRO N 59 -39.41 10.08 -0.93
N SER N 60 -39.57 10.32 -2.23
CA SER N 60 -38.42 10.57 -3.09
C SER N 60 -37.76 11.91 -2.84
N ARG N 61 -38.38 12.78 -2.05
CA ARG N 61 -37.79 14.08 -1.74
C ARG N 61 -36.51 13.97 -0.92
N PHE N 62 -36.27 12.83 -0.29
CA PHE N 62 -35.06 12.59 0.48
C PHE N 62 -33.95 12.14 -0.47
N SER N 63 -32.78 12.76 -0.34
CA SER N 63 -31.66 12.45 -1.22
C SER N 63 -30.39 12.29 -0.38
N GLY N 64 -29.58 11.30 -0.74
CA GLY N 64 -28.31 11.08 -0.07
C GLY N 64 -27.17 10.88 -1.05
N SER N 65 -25.98 11.33 -0.70
CA SER N 65 -24.84 11.24 -1.60
C SER N 65 -23.56 11.40 -0.78
N GLY N 66 -22.44 11.10 -1.43
CA GLY N 66 -21.13 11.22 -0.82
C GLY N 66 -20.48 9.87 -0.60
N SER N 67 -19.16 9.92 -0.43
CA SER N 67 -18.36 8.72 -0.19
C SER N 67 -17.14 9.11 0.63
N GLY N 68 -16.53 8.10 1.23
CA GLY N 68 -15.36 8.35 2.06
C GLY N 68 -15.70 8.82 3.45
N THR N 69 -15.51 10.11 3.71
CA THR N 69 -15.81 10.71 5.01
C THR N 69 -16.82 11.85 4.94
N GLU N 70 -17.21 12.27 3.74
CA GLU N 70 -18.13 13.40 3.55
C GLU N 70 -19.41 12.89 2.90
N PHE N 71 -20.50 12.93 3.66
CA PHE N 71 -21.80 12.44 3.22
C PHE N 71 -22.86 13.48 3.52
N THR N 72 -23.90 13.51 2.68
CA THR N 72 -24.94 14.53 2.79
C THR N 72 -26.32 13.92 2.57
N LEU N 73 -27.23 14.21 3.48
CA LEU N 73 -28.65 13.90 3.32
C LEU N 73 -29.38 15.18 2.94
N THR N 74 -30.00 15.18 1.76
CA THR N 74 -30.62 16.36 1.20
C THR N 74 -32.13 16.15 1.08
N ILE N 75 -32.90 17.11 1.57
CA ILE N 75 -34.36 17.09 1.44
C ILE N 75 -34.72 18.12 0.37
N GLY N 76 -35.30 17.65 -0.72
CA GLY N 76 -35.60 18.53 -1.84
C GLY N 76 -36.58 19.62 -1.49
N SER N 77 -37.64 19.28 -0.77
CA SER N 77 -38.66 20.24 -0.35
C SER N 77 -39.16 19.82 1.03
N LEU N 78 -38.85 20.62 2.04
CA LEU N 78 -39.21 20.27 3.41
C LEU N 78 -40.73 20.32 3.57
N GLN N 79 -41.29 19.27 4.16
CA GLN N 79 -42.72 19.07 4.31
C GLN N 79 -43.12 19.12 5.78
N PRO N 80 -44.40 19.38 6.06
CA PRO N 80 -44.82 19.52 7.47
C PRO N 80 -44.57 18.28 8.32
N ASP N 81 -44.55 17.10 7.72
CA ASP N 81 -44.31 15.86 8.45
C ASP N 81 -42.83 15.59 8.69
N ASP N 82 -41.94 16.28 8.00
CA ASP N 82 -40.51 15.95 7.98
C ASP N 82 -39.72 16.66 9.07
N PHE N 83 -40.34 17.04 10.19
CA PHE N 83 -39.62 17.62 11.31
C PHE N 83 -39.39 16.53 12.35
N ALA N 84 -38.14 16.08 12.46
CA ALA N 84 -37.75 15.06 13.42
C ALA N 84 -36.23 15.04 13.59
N THR N 85 -35.71 14.06 14.32
CA THR N 85 -34.28 13.94 14.57
C THR N 85 -33.66 13.02 13.54
N TYR N 86 -32.51 13.40 13.01
CA TYR N 86 -31.84 12.68 11.93
C TYR N 86 -30.48 12.19 12.42
N TYR N 87 -30.19 10.91 12.19
CA TYR N 87 -28.94 10.30 12.59
C TYR N 87 -28.24 9.70 11.37
N CYS N 88 -26.91 9.65 11.42
CA CYS N 88 -26.12 8.96 10.43
C CYS N 88 -25.45 7.74 11.06
N GLN N 89 -25.67 6.58 10.48
CA GLN N 89 -25.18 5.31 11.01
C GLN N 89 -24.36 4.57 9.97
N HIS N 90 -23.21 4.06 10.39
CA HIS N 90 -22.28 3.38 9.51
C HIS N 90 -22.13 1.93 9.95
N TYR N 91 -21.85 1.07 8.98
CA TYR N 91 -21.69 -0.36 9.24
C TYR N 91 -20.48 -0.89 8.46
N ASN N 92 -19.38 -0.14 8.49
CA ASN N 92 -18.18 -0.56 7.80
C ASN N 92 -17.67 -1.89 8.33
N SER N 93 -17.11 -2.70 7.43
CA SER N 93 -16.63 -4.02 7.82
C SER N 93 -15.45 -3.90 8.76
N TYR N 94 -15.32 -4.87 9.67
CA TYR N 94 -14.28 -4.95 10.69
C TYR N 94 -14.35 -3.78 11.67
N SER N 95 -15.40 -2.99 11.64
CA SER N 95 -15.64 -1.94 12.63
C SER N 95 -17.08 -2.04 13.13
N ARG N 96 -17.28 -1.65 14.38
CA ARG N 96 -18.56 -1.80 15.03
C ARG N 96 -19.51 -0.68 14.62
N ILE N 97 -20.81 -0.94 14.76
CA ILE N 97 -21.84 -0.01 14.31
C ILE N 97 -21.97 1.12 15.31
N THR N 98 -21.84 2.36 14.82
CA THR N 98 -21.94 3.54 15.67
C THR N 98 -22.92 4.53 15.05
N PHE N 99 -23.47 5.39 15.90
CA PHE N 99 -24.43 6.41 15.49
C PHE N 99 -23.89 7.79 15.83
N GLY N 100 -24.49 8.81 15.19
CA GLY N 100 -24.17 10.19 15.48
C GLY N 100 -24.99 10.73 16.63
N GLN N 101 -24.80 12.03 16.89
CA GLN N 101 -25.53 12.68 17.98
C GLN N 101 -26.98 12.95 17.60
N GLY N 102 -27.24 13.31 16.34
CA GLY N 102 -28.59 13.55 15.89
C GLY N 102 -28.97 15.01 15.75
N THR N 103 -29.26 15.44 14.53
CA THR N 103 -29.70 16.81 14.31
C THR N 103 -31.20 16.94 14.53
N ARG N 104 -31.60 18.05 15.14
CA ARG N 104 -33.00 18.37 15.39
C ARG N 104 -33.50 19.31 14.31
N LEU N 105 -34.67 19.00 13.75
CA LEU N 105 -35.34 19.90 12.82
C LEU N 105 -36.46 20.62 13.56
N GLU N 106 -36.38 21.94 13.62
CA GLU N 106 -37.28 22.75 14.43
C GLU N 106 -38.05 23.70 13.53
N ILE N 107 -39.36 23.83 13.79
CA ILE N 107 -40.23 24.61 12.92
C ILE N 107 -39.85 26.08 13.00
N LYS N 108 -39.64 26.69 11.82
CA LYS N 108 -39.31 28.11 11.67
C LYS N 108 -38.27 28.58 12.69
N GLN O 1 -47.38 -7.86 9.08
CA GLN O 1 -46.80 -6.57 8.73
C GLN O 1 -45.46 -6.51 9.46
N VAL O 2 -45.38 -7.28 10.55
CA VAL O 2 -44.21 -7.44 11.42
C VAL O 2 -44.13 -6.31 12.45
N GLN O 3 -44.45 -6.65 13.70
CA GLN O 3 -44.25 -5.76 14.83
C GLN O 3 -43.36 -6.46 15.84
N LEU O 4 -42.48 -5.70 16.50
CA LEU O 4 -41.61 -6.24 17.53
C LEU O 4 -42.01 -5.65 18.88
N VAL O 5 -42.42 -6.51 19.80
CA VAL O 5 -42.82 -6.11 21.15
C VAL O 5 -41.79 -6.64 22.13
N GLU O 6 -41.09 -5.73 22.80
CA GLU O 6 -40.12 -6.12 23.80
C GLU O 6 -40.72 -5.97 25.20
N SER O 7 -40.16 -6.73 26.14
CA SER O 7 -40.68 -6.76 27.50
C SER O 7 -39.54 -7.09 28.46
N GLY O 8 -39.90 -7.21 29.74
CA GLY O 8 -38.93 -7.56 30.75
C GLY O 8 -38.21 -6.41 31.41
N GLY O 9 -38.70 -5.19 31.26
CA GLY O 9 -38.06 -4.03 31.84
C GLY O 9 -38.33 -3.90 33.32
N GLY O 10 -37.83 -2.80 33.87
CA GLY O 10 -37.97 -2.50 35.28
C GLY O 10 -36.79 -1.69 35.77
N VAL O 11 -36.68 -1.60 37.10
CA VAL O 11 -35.61 -0.85 37.75
C VAL O 11 -34.85 -1.81 38.66
N VAL O 12 -33.52 -1.81 38.54
CA VAL O 12 -32.67 -2.70 39.32
C VAL O 12 -31.50 -1.91 39.89
N GLN O 13 -30.97 -2.43 41.00
CA GLN O 13 -29.78 -1.87 41.62
C GLN O 13 -28.55 -2.18 40.77
N PRO O 14 -27.53 -1.34 40.83
CA PRO O 14 -26.27 -1.68 40.14
C PRO O 14 -25.70 -2.99 40.65
N GLY O 15 -25.16 -3.78 39.73
CA GLY O 15 -24.61 -5.07 40.04
C GLY O 15 -25.58 -6.23 39.99
N ARG O 16 -26.86 -5.97 39.79
CA ARG O 16 -27.85 -7.04 39.68
C ARG O 16 -28.08 -7.38 38.20
N SER O 17 -28.75 -8.50 37.98
CA SER O 17 -29.01 -9.00 36.64
C SER O 17 -30.43 -8.63 36.20
N LEU O 18 -30.69 -8.83 34.91
CA LEU O 18 -32.00 -8.54 34.33
C LEU O 18 -32.17 -9.22 32.98
N ARG O 19 -33.33 -9.83 32.75
CA ARG O 19 -33.61 -10.55 31.51
C ARG O 19 -34.55 -9.73 30.64
N LEU O 20 -34.29 -9.73 29.34
CA LEU O 20 -35.12 -9.02 28.36
C LEU O 20 -35.58 -9.99 27.28
N SER O 21 -36.74 -9.71 26.68
CA SER O 21 -37.29 -10.54 25.62
C SER O 21 -37.80 -9.67 24.47
N CYS O 22 -37.78 -10.24 23.27
CA CYS O 22 -38.22 -9.55 22.05
C CYS O 22 -39.12 -10.50 21.26
N ALA O 23 -40.14 -11.03 21.93
CA ALA O 23 -41.09 -11.91 21.26
C ALA O 23 -41.67 -11.24 20.02
N ALA O 24 -41.34 -11.79 18.86
CA ALA O 24 -41.73 -11.24 17.57
C ALA O 24 -42.99 -11.93 17.05
N SER O 25 -43.60 -11.33 16.04
CA SER O 25 -44.85 -11.82 15.47
C SER O 25 -44.84 -11.55 13.98
N ARG O 26 -45.45 -12.45 13.21
CA ARG O 26 -45.64 -12.40 11.76
C ARG O 26 -44.32 -12.22 11.00
N LEU O 27 -43.17 -12.51 11.60
CA LEU O 27 -41.89 -12.39 10.94
C LEU O 27 -41.25 -13.77 10.83
N THR O 28 -40.54 -14.02 9.72
CA THR O 28 -39.81 -15.26 9.58
C THR O 28 -38.57 -15.20 10.45
N PHE O 29 -38.72 -15.59 11.72
CA PHE O 29 -37.71 -15.30 12.73
C PHE O 29 -36.38 -15.99 12.43
N ARG O 30 -36.43 -17.28 12.10
CA ARG O 30 -35.22 -18.09 11.95
C ARG O 30 -34.34 -17.63 10.79
N ASN O 31 -34.90 -16.89 9.82
CA ASN O 31 -34.19 -16.54 8.61
C ASN O 31 -33.44 -15.22 8.70
N PHE O 32 -33.58 -14.48 9.80
CA PHE O 32 -32.99 -13.14 9.91
C PHE O 32 -32.14 -13.02 11.17
N GLY O 33 -31.02 -12.33 11.03
CA GLY O 33 -30.22 -11.94 12.19
C GLY O 33 -30.83 -10.73 12.88
N MET O 34 -30.61 -10.59 14.18
CA MET O 34 -31.22 -9.51 14.93
C MET O 34 -30.15 -8.74 15.69
N HIS O 35 -30.47 -7.50 16.04
CA HIS O 35 -29.59 -6.65 16.83
C HIS O 35 -30.32 -6.20 18.09
N TRP O 36 -29.57 -5.56 18.99
CA TRP O 36 -30.14 -4.76 20.07
C TRP O 36 -29.53 -3.37 20.02
N VAL O 37 -30.40 -2.36 19.98
CA VAL O 37 -29.96 -0.98 19.87
C VAL O 37 -30.36 -0.24 21.13
N ARG O 38 -29.44 0.50 21.71
CA ARG O 38 -29.62 1.20 22.97
C ARG O 38 -29.58 2.71 22.72
N GLN O 39 -30.59 3.41 23.24
CA GLN O 39 -30.68 4.86 23.10
C GLN O 39 -30.59 5.49 24.48
N THR O 40 -29.49 6.18 24.74
CA THR O 40 -29.25 6.83 26.02
C THR O 40 -30.23 7.97 26.24
N PRO O 41 -30.47 8.35 27.49
CA PRO O 41 -31.38 9.49 27.74
C PRO O 41 -30.91 10.78 27.08
N GLY O 42 -29.61 10.93 26.83
CA GLY O 42 -29.10 12.07 26.10
C GLY O 42 -29.37 12.05 24.61
N LYS O 43 -30.35 11.24 24.17
CA LYS O 43 -30.76 11.12 22.78
C LYS O 43 -29.64 10.63 21.87
N GLY O 44 -28.69 9.87 22.42
CA GLY O 44 -27.70 9.21 21.59
C GLY O 44 -28.06 7.75 21.35
N LEU O 45 -27.86 7.31 20.11
CA LEU O 45 -28.15 5.94 19.71
C LEU O 45 -26.85 5.15 19.77
N GLU O 46 -26.91 3.95 20.34
CA GLU O 46 -25.74 3.10 20.52
C GLU O 46 -26.12 1.66 20.25
N TRP O 47 -25.30 0.98 19.45
CA TRP O 47 -25.53 -0.43 19.16
C TRP O 47 -24.93 -1.29 20.27
N VAL O 48 -25.59 -2.41 20.54
CA VAL O 48 -25.22 -3.29 21.66
C VAL O 48 -24.67 -4.62 21.16
N ALA O 49 -25.49 -5.39 20.44
CA ALA O 49 -25.10 -6.75 20.09
C ALA O 49 -25.80 -7.18 18.81
N VAL O 50 -25.43 -8.38 18.34
CA VAL O 50 -26.03 -8.98 17.16
C VAL O 50 -25.83 -10.49 17.24
N ILE O 51 -26.86 -11.25 16.92
CA ILE O 51 -26.79 -12.71 16.85
C ILE O 51 -27.22 -13.14 15.46
N TRP O 52 -26.52 -14.13 14.91
CA TRP O 52 -26.78 -14.59 13.55
C TRP O 52 -28.11 -15.34 13.51
N HIS O 53 -28.46 -15.86 12.34
CA HIS O 53 -29.78 -16.48 12.16
C HIS O 53 -29.93 -17.72 13.01
N ASP O 54 -28.89 -18.56 13.07
CA ASP O 54 -28.93 -19.79 13.84
C ASP O 54 -28.20 -19.71 15.16
N GLY O 55 -27.65 -18.55 15.52
CA GLY O 55 -26.94 -18.38 16.77
C GLY O 55 -25.50 -18.80 16.76
N SER O 56 -24.90 -19.03 15.58
CA SER O 56 -23.52 -19.47 15.52
C SER O 56 -22.57 -18.43 16.09
N ASN O 57 -22.77 -17.16 15.73
CA ASN O 57 -21.84 -16.10 16.08
C ASN O 57 -22.56 -14.97 16.79
N LYS O 58 -21.84 -14.30 17.68
CA LYS O 58 -22.34 -13.11 18.37
C LYS O 58 -21.26 -12.06 18.34
N PHE O 59 -21.67 -10.81 18.18
CA PHE O 59 -20.76 -9.67 18.30
C PHE O 59 -21.35 -8.66 19.26
N TYR O 60 -20.51 -8.12 20.13
CA TYR O 60 -20.93 -7.15 21.13
C TYR O 60 -20.10 -5.87 21.01
N ALA O 61 -20.76 -4.74 21.27
CA ALA O 61 -20.02 -3.50 21.42
C ALA O 61 -19.15 -3.56 22.67
N ASP O 62 -17.97 -2.93 22.59
CA ASP O 62 -17.02 -3.04 23.69
C ASP O 62 -17.58 -2.49 25.00
N SER O 63 -18.62 -1.66 24.93
CA SER O 63 -19.21 -1.13 26.14
C SER O 63 -19.95 -2.20 26.95
N VAL O 64 -20.29 -3.32 26.32
CA VAL O 64 -21.06 -4.37 26.99
C VAL O 64 -20.37 -5.73 26.92
N GLU O 65 -19.09 -5.75 26.52
CA GLU O 65 -18.39 -7.03 26.40
C GLU O 65 -18.15 -7.64 27.77
N GLY O 66 -18.48 -8.92 27.90
CA GLY O 66 -18.33 -9.64 29.14
C GLY O 66 -19.44 -9.43 30.14
N ARG O 67 -20.42 -8.59 29.83
CA ARG O 67 -21.55 -8.33 30.70
C ARG O 67 -22.89 -8.72 30.09
N PHE O 68 -23.03 -8.53 28.78
CA PHE O 68 -24.26 -8.83 28.06
C PHE O 68 -24.12 -10.15 27.33
N THR O 69 -25.20 -10.92 27.29
CA THR O 69 -25.25 -12.12 26.46
C THR O 69 -26.60 -12.18 25.76
N ILE O 70 -26.58 -12.36 24.44
CA ILE O 70 -27.80 -12.55 23.68
C ILE O 70 -27.94 -14.03 23.38
N SER O 71 -29.19 -14.48 23.38
CA SER O 71 -29.48 -15.84 22.96
C SER O 71 -30.74 -15.82 22.10
N ARG O 72 -30.70 -16.58 21.02
CA ARG O 72 -31.83 -16.74 20.13
C ARG O 72 -32.34 -18.17 20.25
N ASP O 73 -33.65 -18.32 20.26
CA ASP O 73 -34.28 -19.65 20.28
C ASP O 73 -35.43 -19.56 19.28
N ASN O 74 -35.27 -20.21 18.13
CA ASN O 74 -36.20 -20.02 17.03
C ASN O 74 -37.59 -20.57 17.37
N SER O 75 -37.66 -21.58 18.23
CA SER O 75 -38.91 -22.34 18.38
C SER O 75 -40.09 -21.47 18.81
N LYS O 76 -39.91 -20.62 19.81
CA LYS O 76 -41.00 -19.75 20.25
C LYS O 76 -40.88 -18.34 19.69
N ASN O 77 -40.04 -18.12 18.67
CA ASN O 77 -40.01 -16.86 17.93
C ASN O 77 -39.69 -15.68 18.85
N THR O 78 -38.60 -15.79 19.59
CA THR O 78 -38.26 -14.76 20.56
C THR O 78 -36.75 -14.56 20.62
N LEU O 79 -36.34 -13.39 21.06
CA LEU O 79 -34.94 -13.00 21.20
C LEU O 79 -34.68 -12.56 22.63
N TYR O 80 -33.51 -12.92 23.15
CA TYR O 80 -33.17 -12.64 24.54
C TYR O 80 -31.87 -11.87 24.63
N LEU O 81 -31.79 -11.01 25.64
CA LEU O 81 -30.54 -10.34 26.01
C LEU O 81 -30.53 -10.24 27.52
N GLN O 82 -29.67 -11.02 28.17
CA GLN O 82 -29.63 -11.09 29.63
C GLN O 82 -28.40 -10.31 30.08
N MET O 83 -28.57 -9.48 31.10
CA MET O 83 -27.56 -8.50 31.47
C MET O 83 -26.97 -8.85 32.83
N ASN O 84 -25.66 -8.68 32.97
CA ASN O 84 -24.95 -8.88 34.23
C ASN O 84 -24.07 -7.67 34.52
N SER O 85 -23.93 -7.35 35.80
CA SER O 85 -23.05 -6.27 36.27
C SER O 85 -23.40 -4.94 35.61
N LEU O 86 -24.65 -4.50 35.77
CA LEU O 86 -25.07 -3.22 35.22
C LEU O 86 -24.44 -2.08 36.01
N ARG O 87 -24.61 -0.86 35.48
CA ARG O 87 -24.15 0.33 36.18
C ARG O 87 -25.00 1.52 35.73
N ASP O 88 -24.61 2.71 36.18
CA ASP O 88 -25.42 3.90 35.97
C ASP O 88 -25.56 4.25 34.50
N GLU O 89 -24.53 3.97 33.70
CA GLU O 89 -24.56 4.25 32.27
C GLU O 89 -25.61 3.42 31.56
N ASP O 90 -25.82 2.17 31.98
CA ASP O 90 -26.69 1.22 31.28
C ASP O 90 -28.17 1.58 31.40
N THR O 91 -28.50 2.73 31.99
CA THR O 91 -29.88 3.16 32.06
C THR O 91 -30.25 3.87 30.76
N ALA O 92 -31.13 3.23 29.98
CA ALA O 92 -31.52 3.77 28.67
C ALA O 92 -32.75 3.00 28.19
N ILE O 93 -33.25 3.43 27.04
CA ILE O 93 -34.38 2.77 26.41
C ILE O 93 -33.83 1.74 25.42
N TYR O 94 -34.28 0.50 25.55
CA TYR O 94 -33.77 -0.62 24.76
C TYR O 94 -34.74 -0.95 23.64
N TYR O 95 -34.25 -0.88 22.40
CA TYR O 95 -35.01 -1.27 21.23
C TYR O 95 -34.57 -2.64 20.76
N CYS O 96 -35.50 -3.38 20.18
CA CYS O 96 -35.14 -4.57 19.42
C CYS O 96 -34.75 -4.16 18.01
N ALA O 97 -34.48 -5.13 17.14
CA ALA O 97 -34.10 -4.81 15.78
C ALA O 97 -34.29 -6.05 14.91
N LYS O 98 -34.10 -5.86 13.61
CA LYS O 98 -34.11 -6.97 12.65
C LYS O 98 -33.31 -6.50 11.45
N ASP O 99 -32.17 -7.13 11.20
CA ASP O 99 -31.32 -6.72 10.11
C ASP O 99 -32.05 -6.86 8.78
N TRP O 100 -31.84 -5.89 7.90
CA TRP O 100 -32.60 -5.82 6.65
C TRP O 100 -32.39 -7.07 5.79
N GLY O 101 -31.24 -7.72 5.90
CA GLY O 101 -30.99 -8.92 5.13
C GLY O 101 -30.21 -8.71 3.85
N GLY O 102 -29.64 -7.53 3.64
CA GLY O 102 -28.86 -7.29 2.43
C GLY O 102 -27.61 -8.13 2.38
N ALA O 103 -26.97 -8.13 1.21
CA ALA O 103 -25.75 -8.93 1.03
C ALA O 103 -24.65 -8.47 1.98
N SER O 104 -24.45 -7.15 2.09
CA SER O 104 -23.44 -6.61 2.99
C SER O 104 -23.92 -5.35 3.71
N ASP O 105 -25.24 -5.13 3.77
CA ASP O 105 -25.79 -3.90 4.36
C ASP O 105 -26.37 -4.23 5.73
N ARG O 106 -25.76 -3.66 6.78
CA ARG O 106 -26.25 -3.85 8.15
C ARG O 106 -27.09 -2.63 8.53
N VAL O 107 -28.38 -2.75 8.28
CA VAL O 107 -29.32 -1.69 8.60
C VAL O 107 -30.55 -2.31 9.27
N PHE O 108 -31.21 -1.53 10.12
CA PHE O 108 -32.37 -1.99 10.86
C PHE O 108 -33.63 -1.38 10.27
N ASP O 109 -34.64 -2.22 10.06
CA ASP O 109 -35.86 -1.77 9.41
C ASP O 109 -37.05 -1.79 10.38
N TYR O 110 -37.35 -2.96 10.94
CA TYR O 110 -38.49 -3.12 11.84
C TYR O 110 -38.03 -2.96 13.28
N TRP O 111 -37.87 -1.72 13.70
CA TRP O 111 -37.54 -1.43 15.08
C TRP O 111 -38.70 -1.78 16.00
N GLY O 112 -38.38 -2.16 17.24
CA GLY O 112 -39.40 -2.39 18.24
C GLY O 112 -39.83 -1.10 18.91
N ARG O 113 -40.82 -1.22 19.78
CA ARG O 113 -41.32 -0.06 20.51
C ARG O 113 -40.25 0.48 21.46
N GLY O 114 -39.67 -0.38 22.27
CA GLY O 114 -38.70 0.04 23.26
C GLY O 114 -39.08 -0.36 24.67
N THR O 115 -38.14 -0.93 25.40
CA THR O 115 -38.35 -1.35 26.79
C THR O 115 -37.37 -0.60 27.68
N LEU O 116 -37.89 0.03 28.72
CA LEU O 116 -37.09 0.91 29.56
C LEU O 116 -36.43 0.13 30.69
N VAL O 117 -35.14 0.39 30.90
CA VAL O 117 -34.36 -0.21 31.98
C VAL O 117 -33.72 0.91 32.77
N ILE O 118 -33.92 0.91 34.09
CA ILE O 118 -33.43 1.94 34.99
C ILE O 118 -32.47 1.32 35.99
N VAL O 119 -31.28 1.92 36.10
CA VAL O 119 -30.30 1.52 37.10
C VAL O 119 -30.10 2.72 38.03
N SER O 120 -30.50 2.56 39.29
CA SER O 120 -30.43 3.65 40.25
C SER O 120 -30.48 3.05 41.66
N SER O 121 -30.65 3.92 42.65
CA SER O 121 -30.72 3.49 44.03
C SER O 121 -31.76 4.31 44.81
N ASP P 1 -30.73 -5.90 -1.42
CA ASP P 1 -30.85 -6.66 -2.66
C ASP P 1 -29.87 -6.15 -3.72
N ILE P 2 -29.85 -6.82 -4.86
CA ILE P 2 -28.97 -6.47 -5.97
C ILE P 2 -29.82 -5.95 -7.12
N GLN P 3 -29.50 -4.76 -7.62
CA GLN P 3 -30.22 -4.18 -8.74
C GLN P 3 -29.65 -4.69 -10.05
N MET P 4 -30.51 -5.28 -10.87
CA MET P 4 -30.11 -5.87 -12.14
C MET P 4 -30.40 -4.89 -13.27
N THR P 5 -29.35 -4.51 -14.00
CA THR P 5 -29.47 -3.58 -15.11
C THR P 5 -29.08 -4.27 -16.40
N GLN P 6 -29.98 -4.28 -17.37
CA GLN P 6 -29.71 -4.85 -18.68
C GLN P 6 -29.88 -3.76 -19.75
N SER P 7 -28.91 -3.68 -20.64
CA SER P 7 -28.87 -2.68 -21.69
C SER P 7 -28.64 -3.35 -23.05
N PRO P 8 -29.24 -2.81 -24.11
CA PRO P 8 -30.13 -1.64 -24.18
C PRO P 8 -31.56 -1.96 -23.74
N SER P 9 -32.35 -0.95 -23.42
CA SER P 9 -33.74 -1.19 -23.05
C SER P 9 -34.54 -1.77 -24.21
N THR P 10 -34.35 -1.22 -25.42
CA THR P 10 -35.01 -1.70 -26.62
C THR P 10 -34.10 -1.47 -27.82
N LEU P 11 -33.82 -2.54 -28.56
CA LEU P 11 -33.02 -2.48 -29.78
C LEU P 11 -33.71 -3.31 -30.86
N SER P 12 -33.79 -2.76 -32.06
CA SER P 12 -34.45 -3.45 -33.16
C SER P 12 -33.44 -4.13 -34.06
N ALA P 13 -33.87 -5.22 -34.70
CA ALA P 13 -32.99 -5.98 -35.57
C ALA P 13 -33.82 -6.70 -36.62
N SER P 14 -33.16 -7.14 -37.68
CA SER P 14 -33.79 -7.87 -38.76
C SER P 14 -33.37 -9.33 -38.72
N VAL P 15 -34.16 -10.17 -39.39
CA VAL P 15 -33.92 -11.61 -39.36
C VAL P 15 -32.56 -11.92 -39.97
N GLY P 16 -31.81 -12.80 -39.31
CA GLY P 16 -30.48 -13.18 -39.75
C GLY P 16 -29.36 -12.34 -39.17
N ASP P 17 -29.67 -11.31 -38.39
CA ASP P 17 -28.65 -10.45 -37.83
C ASP P 17 -28.06 -11.07 -36.56
N ARG P 18 -27.05 -10.41 -36.01
CA ARG P 18 -26.41 -10.81 -34.76
C ARG P 18 -26.70 -9.74 -33.71
N VAL P 19 -27.37 -10.15 -32.63
CA VAL P 19 -27.80 -9.24 -31.58
C VAL P 19 -27.27 -9.75 -30.24
N THR P 20 -26.68 -8.86 -29.46
CA THR P 20 -26.12 -9.18 -28.16
C THR P 20 -26.78 -8.31 -27.09
N ILE P 21 -27.22 -8.93 -26.00
CA ILE P 21 -27.87 -8.23 -24.90
C ILE P 21 -27.02 -8.44 -23.65
N THR P 22 -26.69 -7.35 -22.97
CA THR P 22 -25.86 -7.38 -21.78
C THR P 22 -26.71 -7.24 -20.53
N CYS P 23 -26.12 -7.58 -19.39
CA CYS P 23 -26.75 -7.41 -18.09
C CYS P 23 -25.69 -6.97 -17.10
N ARG P 24 -25.96 -5.87 -16.40
CA ARG P 24 -25.00 -5.22 -15.52
C ARG P 24 -25.39 -5.47 -14.07
N ALA P 25 -24.42 -5.79 -13.24
CA ALA P 25 -24.67 -6.00 -11.82
C ALA P 25 -24.16 -4.83 -11.01
N SER P 26 -24.88 -4.51 -9.92
CA SER P 26 -24.42 -3.49 -8.99
C SER P 26 -23.13 -3.89 -8.29
N GLN P 27 -23.00 -5.17 -7.92
CA GLN P 27 -21.73 -5.71 -7.45
C GLN P 27 -21.66 -7.17 -7.86
N SER P 28 -20.51 -7.79 -7.62
CA SER P 28 -20.22 -9.12 -8.15
C SER P 28 -21.28 -10.14 -7.71
N VAL P 29 -21.72 -10.95 -8.66
CA VAL P 29 -22.69 -12.01 -8.44
C VAL P 29 -22.14 -13.37 -8.86
N SER P 30 -20.81 -13.53 -8.85
CA SER P 30 -20.11 -14.76 -9.24
C SER P 30 -20.48 -15.06 -10.70
N THR P 31 -20.99 -16.25 -11.01
CA THR P 31 -21.46 -16.58 -12.36
C THR P 31 -22.87 -17.16 -12.33
N SER P 32 -23.65 -16.82 -11.31
CA SER P 32 -25.00 -17.37 -11.14
C SER P 32 -26.03 -16.43 -11.75
N LEU P 33 -26.21 -16.56 -13.06
CA LEU P 33 -27.23 -15.81 -13.79
C LEU P 33 -28.17 -16.75 -14.53
N ALA P 34 -29.27 -16.17 -15.00
CA ALA P 34 -30.27 -16.90 -15.77
C ALA P 34 -30.97 -15.92 -16.70
N TRP P 35 -31.11 -16.33 -17.97
CA TRP P 35 -31.75 -15.50 -18.99
C TRP P 35 -33.14 -16.05 -19.29
N TYR P 36 -34.10 -15.14 -19.42
CA TYR P 36 -35.49 -15.51 -19.65
C TYR P 36 -36.03 -14.82 -20.90
N GLN P 37 -36.86 -15.57 -21.63
CA GLN P 37 -37.53 -15.06 -22.83
C GLN P 37 -39.03 -15.05 -22.54
N GLN P 38 -39.68 -13.92 -22.78
CA GLN P 38 -41.11 -13.78 -22.55
C GLN P 38 -41.78 -13.34 -23.85
N LYS P 39 -42.44 -14.28 -24.52
CA LYS P 39 -43.27 -13.76 -25.58
C LYS P 39 -44.47 -13.03 -24.99
N PRO P 40 -44.95 -11.98 -25.65
CA PRO P 40 -46.10 -11.23 -25.10
C PRO P 40 -47.30 -12.13 -24.89
N GLY P 41 -47.90 -12.01 -23.71
CA GLY P 41 -49.03 -12.83 -23.34
C GLY P 41 -48.68 -14.22 -22.82
N LYS P 42 -47.40 -14.56 -22.78
CA LYS P 42 -46.96 -15.88 -22.34
C LYS P 42 -45.98 -15.74 -21.19
N ALA P 43 -46.05 -16.70 -20.26
CA ALA P 43 -45.10 -16.75 -19.18
C ALA P 43 -43.70 -17.03 -19.73
N PRO P 44 -42.67 -16.43 -19.13
CA PRO P 44 -41.33 -16.57 -19.71
C PRO P 44 -40.68 -17.92 -19.44
N ASN P 45 -39.73 -18.28 -20.30
CA ASN P 45 -39.09 -19.59 -20.27
C ASN P 45 -37.57 -19.43 -20.18
N LEU P 46 -36.90 -20.50 -19.78
CA LEU P 46 -35.47 -20.44 -19.48
C LEU P 46 -34.63 -20.75 -20.71
N LEU P 47 -33.55 -20.00 -20.89
CA LEU P 47 -32.57 -20.22 -21.95
C LEU P 47 -31.20 -20.60 -21.42
N ILE P 48 -30.65 -19.78 -20.53
CA ILE P 48 -29.31 -19.97 -19.99
C ILE P 48 -29.38 -20.02 -18.48
N TYR P 49 -28.67 -20.98 -17.89
CA TYR P 49 -28.43 -20.99 -16.46
C TYR P 49 -26.93 -21.11 -16.21
N GLN P 50 -26.50 -20.63 -15.04
CA GLN P 50 -25.08 -20.55 -14.69
C GLN P 50 -24.33 -19.63 -15.66
N ALA P 51 -25.10 -18.79 -16.38
CA ALA P 51 -24.59 -17.70 -17.21
C ALA P 51 -23.91 -18.18 -18.47
N SER P 52 -23.71 -19.50 -18.63
CA SER P 52 -23.09 -20.03 -19.84
C SER P 52 -23.74 -21.30 -20.35
N THR P 53 -24.56 -21.99 -19.56
CA THR P 53 -25.06 -23.30 -19.94
C THR P 53 -26.38 -23.18 -20.69
N LEU P 54 -26.47 -23.84 -21.84
CA LEU P 54 -27.70 -23.88 -22.62
C LEU P 54 -28.67 -24.88 -22.00
N TYR P 55 -29.89 -24.43 -21.72
CA TYR P 55 -30.90 -25.32 -21.19
C TYR P 55 -31.36 -26.30 -22.26
N ARG P 56 -31.76 -27.50 -21.81
CA ARG P 56 -32.19 -28.53 -22.75
C ARG P 56 -33.46 -28.10 -23.46
N GLY P 57 -33.53 -28.42 -24.75
CA GLY P 57 -34.65 -28.05 -25.59
C GLY P 57 -34.55 -26.67 -26.19
N VAL P 58 -33.53 -25.90 -25.86
CA VAL P 58 -33.31 -24.56 -26.40
C VAL P 58 -32.31 -24.66 -27.54
N PRO P 59 -32.58 -24.06 -28.69
CA PRO P 59 -31.64 -24.14 -29.81
C PRO P 59 -30.27 -23.59 -29.46
N SER P 60 -29.23 -24.15 -30.08
CA SER P 60 -27.86 -23.77 -29.79
C SER P 60 -27.51 -22.38 -30.32
N ARG P 61 -28.43 -21.72 -31.04
CA ARG P 61 -28.21 -20.36 -31.48
C ARG P 61 -28.06 -19.39 -30.32
N PHE P 62 -28.84 -19.56 -29.26
CA PHE P 62 -28.72 -18.76 -28.05
C PHE P 62 -27.39 -19.04 -27.38
N SER P 63 -26.72 -18.00 -26.92
CA SER P 63 -25.41 -18.14 -26.28
C SER P 63 -25.19 -17.02 -25.28
N GLY P 64 -24.75 -17.41 -24.08
CA GLY P 64 -24.45 -16.44 -23.04
C GLY P 64 -23.04 -16.59 -22.51
N SER P 65 -22.49 -15.51 -21.95
CA SER P 65 -21.11 -15.53 -21.45
C SER P 65 -20.93 -14.38 -20.48
N GLY P 66 -19.77 -14.36 -19.83
CA GLY P 66 -19.39 -13.30 -18.92
C GLY P 66 -19.23 -13.80 -17.50
N SER P 67 -18.58 -12.97 -16.70
CA SER P 67 -18.33 -13.27 -15.30
C SER P 67 -18.21 -11.97 -14.52
N GLY P 68 -18.39 -12.07 -13.20
CA GLY P 68 -18.33 -10.91 -12.35
C GLY P 68 -19.61 -10.09 -12.39
N THR P 69 -19.55 -8.93 -13.05
CA THR P 69 -20.73 -8.11 -13.27
C THR P 69 -21.04 -7.92 -14.75
N GLU P 70 -20.20 -8.41 -15.64
CA GLU P 70 -20.39 -8.30 -17.08
C GLU P 70 -20.91 -9.63 -17.59
N PHE P 71 -22.12 -9.62 -18.14
CA PHE P 71 -22.74 -10.80 -18.73
C PHE P 71 -23.50 -10.41 -19.99
N THR P 72 -23.34 -11.21 -21.04
CA THR P 72 -23.90 -10.90 -22.34
C THR P 72 -24.63 -12.11 -22.91
N LEU P 73 -25.81 -11.87 -23.47
CA LEU P 73 -26.58 -12.89 -24.18
C LEU P 73 -26.42 -12.62 -25.68
N THR P 74 -25.91 -13.60 -26.41
CA THR P 74 -25.56 -13.45 -27.81
C THR P 74 -26.41 -14.37 -28.68
N ILE P 75 -26.96 -13.82 -29.75
CA ILE P 75 -27.80 -14.57 -30.68
C ILE P 75 -27.02 -14.70 -31.99
N GLY P 76 -26.72 -15.94 -32.39
CA GLY P 76 -25.90 -16.15 -33.57
C GLY P 76 -26.55 -15.65 -34.85
N SER P 77 -27.83 -15.99 -35.06
CA SER P 77 -28.57 -15.58 -36.24
C SER P 77 -30.03 -15.43 -35.84
N LEU P 78 -30.46 -14.19 -35.60
CA LEU P 78 -31.79 -13.95 -35.07
C LEU P 78 -32.84 -14.36 -36.08
N GLN P 79 -33.79 -15.18 -35.63
CA GLN P 79 -34.88 -15.72 -36.43
C GLN P 79 -36.20 -15.07 -36.04
N PRO P 80 -37.22 -15.14 -36.91
CA PRO P 80 -38.47 -14.42 -36.62
C PRO P 80 -39.13 -14.82 -35.30
N ASP P 81 -38.88 -16.04 -34.83
CA ASP P 81 -39.42 -16.50 -33.56
C ASP P 81 -38.84 -15.73 -32.39
N ASP P 82 -37.54 -15.41 -32.42
CA ASP P 82 -36.82 -14.88 -31.27
C ASP P 82 -37.16 -13.42 -30.96
N PHE P 83 -38.19 -12.86 -31.58
CA PHE P 83 -38.63 -11.50 -31.30
C PHE P 83 -39.51 -11.52 -30.05
N ALA P 84 -38.94 -11.08 -28.92
CA ALA P 84 -39.65 -11.08 -27.65
C ALA P 84 -38.93 -10.21 -26.62
N THR P 85 -39.37 -10.27 -25.37
CA THR P 85 -38.72 -9.57 -24.29
C THR P 85 -37.75 -10.51 -23.58
N TYR P 86 -36.55 -10.02 -23.28
CA TYR P 86 -35.48 -10.82 -22.69
C TYR P 86 -35.14 -10.25 -21.33
N TYR P 87 -35.07 -11.14 -20.33
CA TYR P 87 -34.76 -10.76 -18.95
C TYR P 87 -33.52 -11.49 -18.48
N CYS P 88 -32.72 -10.81 -17.65
CA CYS P 88 -31.58 -11.43 -16.98
C CYS P 88 -31.86 -11.53 -15.49
N GLN P 89 -31.66 -12.73 -14.95
CA GLN P 89 -31.98 -13.01 -13.56
C GLN P 89 -30.74 -13.53 -12.83
N HIS P 90 -30.59 -13.11 -11.58
CA HIS P 90 -29.47 -13.55 -10.75
C HIS P 90 -30.02 -14.25 -9.52
N TYR P 91 -29.23 -15.19 -9.01
CA TYR P 91 -29.56 -15.96 -7.82
C TYR P 91 -28.31 -16.16 -6.95
N ASN P 92 -27.57 -15.08 -6.74
CA ASN P 92 -26.36 -15.17 -5.92
C ASN P 92 -26.71 -15.57 -4.48
N SER P 93 -25.80 -16.32 -3.86
CA SER P 93 -26.03 -16.79 -2.51
C SER P 93 -26.09 -15.63 -1.53
N TYR P 94 -26.90 -15.78 -0.48
CA TYR P 94 -27.12 -14.80 0.57
C TYR P 94 -27.80 -13.53 0.07
N SER P 95 -28.16 -13.49 -1.21
CA SER P 95 -28.84 -12.34 -1.79
C SER P 95 -30.15 -12.79 -2.42
N ARG P 96 -31.13 -11.90 -2.41
CA ARG P 96 -32.47 -12.22 -2.89
C ARG P 96 -32.53 -12.14 -4.40
N ILE P 97 -33.45 -12.93 -4.98
CA ILE P 97 -33.54 -13.06 -6.43
C ILE P 97 -34.20 -11.82 -7.00
N THR P 98 -33.53 -11.18 -7.96
CA THR P 98 -34.07 -10.03 -8.66
C THR P 98 -33.92 -10.25 -10.17
N PHE P 99 -34.62 -9.41 -10.94
CA PHE P 99 -34.58 -9.47 -12.39
C PHE P 99 -34.18 -8.11 -12.95
N GLY P 100 -34.01 -8.07 -14.27
CA GLY P 100 -33.75 -6.84 -14.97
C GLY P 100 -35.04 -6.17 -15.42
N GLN P 101 -34.88 -5.07 -16.15
CA GLN P 101 -36.04 -4.34 -16.65
C GLN P 101 -36.68 -5.08 -17.83
N GLY P 102 -35.86 -5.68 -18.70
CA GLY P 102 -36.38 -6.42 -19.83
C GLY P 102 -36.09 -5.80 -21.17
N THR P 103 -35.11 -6.36 -21.89
CA THR P 103 -34.79 -5.88 -23.23
C THR P 103 -35.81 -6.40 -24.23
N ARG P 104 -36.18 -5.55 -25.19
CA ARG P 104 -37.20 -5.87 -26.18
C ARG P 104 -36.54 -6.05 -27.54
N LEU P 105 -36.95 -7.09 -28.24
CA LEU P 105 -36.54 -7.31 -29.63
C LEU P 105 -37.68 -6.92 -30.54
N GLU P 106 -37.43 -5.97 -31.44
CA GLU P 106 -38.46 -5.42 -32.32
C GLU P 106 -38.04 -5.62 -33.77
N ILE P 107 -38.99 -6.00 -34.62
CA ILE P 107 -38.66 -6.33 -36.00
C ILE P 107 -38.25 -5.07 -36.76
N LYS P 108 -37.24 -5.24 -37.62
CA LYS P 108 -36.74 -4.19 -38.51
C LYS P 108 -36.59 -2.82 -37.84
N GLN Q 1 -47.69 -32.23 -19.95
CA GLN Q 1 -46.26 -32.09 -19.76
C GLN Q 1 -45.94 -31.06 -18.67
N VAL Q 2 -46.43 -31.36 -17.46
CA VAL Q 2 -46.20 -30.53 -16.27
C VAL Q 2 -46.91 -29.20 -16.45
N GLN Q 3 -48.13 -29.10 -15.92
CA GLN Q 3 -48.92 -27.88 -16.01
C GLN Q 3 -49.27 -27.41 -14.60
N LEU Q 4 -49.01 -26.14 -14.33
CA LEU Q 4 -49.35 -25.52 -13.06
C LEU Q 4 -50.45 -24.49 -13.29
N VAL Q 5 -51.60 -24.70 -12.69
CA VAL Q 5 -52.74 -23.81 -12.83
C VAL Q 5 -52.93 -23.07 -11.50
N GLU Q 6 -53.22 -21.78 -11.60
CA GLU Q 6 -53.46 -20.97 -10.41
C GLU Q 6 -54.87 -20.41 -10.42
N SER Q 7 -55.41 -20.20 -9.22
CA SER Q 7 -56.79 -19.76 -9.07
C SER Q 7 -56.91 -18.97 -7.77
N GLY Q 8 -58.04 -18.29 -7.62
CA GLY Q 8 -58.31 -17.52 -6.43
C GLY Q 8 -58.09 -16.02 -6.55
N GLY Q 9 -57.82 -15.52 -7.75
CA GLY Q 9 -57.62 -14.10 -7.96
C GLY Q 9 -58.92 -13.33 -8.03
N GLY Q 10 -58.79 -12.05 -8.34
CA GLY Q 10 -59.93 -11.16 -8.44
C GLY Q 10 -59.53 -9.76 -8.04
N VAL Q 11 -60.53 -8.98 -7.62
CA VAL Q 11 -60.34 -7.59 -7.20
C VAL Q 11 -60.79 -7.47 -5.75
N VAL Q 12 -59.92 -6.90 -4.91
CA VAL Q 12 -60.20 -6.70 -3.51
C VAL Q 12 -59.83 -5.28 -3.11
N GLN Q 13 -60.42 -4.81 -2.02
CA GLN Q 13 -60.10 -3.50 -1.48
C GLN Q 13 -58.76 -3.53 -0.75
N PRO Q 14 -58.08 -2.38 -0.65
CA PRO Q 14 -56.83 -2.35 0.11
C PRO Q 14 -57.03 -2.76 1.56
N GLY Q 15 -56.07 -3.50 2.09
CA GLY Q 15 -56.14 -4.00 3.44
C GLY Q 15 -56.94 -5.27 3.63
N ARG Q 16 -57.56 -5.78 2.57
CA ARG Q 16 -58.31 -7.02 2.64
C ARG Q 16 -57.41 -8.20 2.28
N SER Q 17 -57.88 -9.40 2.59
CA SER Q 17 -57.11 -10.62 2.40
C SER Q 17 -57.64 -11.41 1.21
N LEU Q 18 -56.76 -12.24 0.63
CA LEU Q 18 -57.16 -13.13 -0.46
C LEU Q 18 -56.24 -14.35 -0.50
N ARG Q 19 -56.77 -15.48 -0.96
CA ARG Q 19 -56.03 -16.74 -1.00
C ARG Q 19 -55.75 -17.10 -2.46
N LEU Q 20 -54.56 -17.64 -2.71
CA LEU Q 20 -54.18 -18.14 -4.02
C LEU Q 20 -53.88 -19.63 -3.93
N SER Q 21 -54.15 -20.36 -5.01
CA SER Q 21 -53.88 -21.78 -5.09
C SER Q 21 -53.07 -22.08 -6.34
N CYS Q 22 -52.19 -23.08 -6.24
CA CYS Q 22 -51.33 -23.49 -7.35
C CYS Q 22 -51.39 -25.01 -7.47
N ALA Q 23 -52.61 -25.54 -7.57
CA ALA Q 23 -52.79 -26.98 -7.72
C ALA Q 23 -52.05 -27.48 -8.95
N ALA Q 24 -51.22 -28.49 -8.76
CA ALA Q 24 -50.36 -29.03 -9.80
C ALA Q 24 -50.89 -30.37 -10.30
N SER Q 25 -50.34 -30.80 -11.42
CA SER Q 25 -50.74 -32.06 -12.05
C SER Q 25 -49.50 -32.73 -12.63
N ARG Q 26 -49.38 -34.04 -12.41
CA ARG Q 26 -48.39 -34.95 -12.99
C ARG Q 26 -46.95 -34.60 -12.61
N LEU Q 27 -46.73 -33.57 -11.78
CA LEU Q 27 -45.42 -33.20 -11.30
C LEU Q 27 -45.18 -33.88 -9.96
N THR Q 28 -43.95 -34.32 -9.71
CA THR Q 28 -43.60 -34.87 -8.41
C THR Q 28 -43.50 -33.75 -7.39
N PHE Q 29 -44.65 -33.38 -6.81
CA PHE Q 29 -44.74 -32.14 -6.04
C PHE Q 29 -43.88 -32.18 -4.79
N ARG Q 30 -43.91 -33.29 -4.05
CA ARG Q 30 -43.24 -33.36 -2.76
C ARG Q 30 -41.73 -33.34 -2.86
N ASN Q 31 -41.16 -33.54 -4.05
CA ASN Q 31 -39.72 -33.59 -4.22
C ASN Q 31 -39.15 -32.35 -4.90
N PHE Q 32 -39.88 -31.24 -4.93
CA PHE Q 32 -39.43 -30.04 -5.60
C PHE Q 32 -39.84 -28.79 -4.83
N GLY Q 33 -38.88 -27.89 -4.60
CA GLY Q 33 -39.20 -26.59 -4.07
C GLY Q 33 -39.91 -25.74 -5.09
N MET Q 34 -40.78 -24.84 -4.64
CA MET Q 34 -41.58 -24.02 -5.55
C MET Q 34 -41.45 -22.56 -5.16
N HIS Q 35 -41.71 -21.68 -6.13
CA HIS Q 35 -41.57 -20.24 -5.95
C HIS Q 35 -42.87 -19.55 -6.33
N TRP Q 36 -42.97 -18.27 -5.98
CA TRP Q 36 -44.00 -17.38 -6.49
C TRP Q 36 -43.33 -16.14 -7.08
N VAL Q 37 -43.64 -15.84 -8.33
CA VAL Q 37 -43.01 -14.74 -9.05
C VAL Q 37 -44.09 -13.74 -9.44
N ARG Q 38 -43.84 -12.46 -9.18
CA ARG Q 38 -44.79 -11.40 -9.45
C ARG Q 38 -44.31 -10.57 -10.63
N GLN Q 39 -45.21 -10.30 -11.56
CA GLN Q 39 -44.93 -9.46 -12.71
C GLN Q 39 -45.88 -8.26 -12.70
N THR Q 40 -45.33 -7.09 -12.41
CA THR Q 40 -46.10 -5.86 -12.37
C THR Q 40 -46.56 -5.50 -13.78
N PRO Q 41 -47.65 -4.73 -13.91
CA PRO Q 41 -48.09 -4.30 -15.24
C PRO Q 41 -47.04 -3.48 -15.99
N GLY Q 42 -46.09 -2.87 -15.28
CA GLY Q 42 -44.95 -2.24 -15.90
C GLY Q 42 -43.94 -3.20 -16.49
N LYS Q 43 -44.33 -4.47 -16.67
CA LYS Q 43 -43.52 -5.51 -17.28
C LYS Q 43 -42.28 -5.87 -16.46
N GLY Q 44 -42.24 -5.45 -15.19
CA GLY Q 44 -41.14 -5.84 -14.33
C GLY Q 44 -41.42 -7.14 -13.62
N LEU Q 45 -40.40 -7.98 -13.53
CA LEU Q 45 -40.48 -9.28 -12.87
C LEU Q 45 -39.79 -9.18 -11.52
N GLU Q 46 -40.50 -9.59 -10.47
CA GLU Q 46 -39.95 -9.58 -9.11
C GLU Q 46 -40.28 -10.91 -8.44
N TRP Q 47 -39.29 -11.49 -7.78
CA TRP Q 47 -39.51 -12.69 -6.99
C TRP Q 47 -40.19 -12.34 -5.67
N VAL Q 48 -41.05 -13.23 -5.21
CA VAL Q 48 -41.86 -13.00 -4.01
C VAL Q 48 -41.50 -13.98 -2.90
N ALA Q 49 -41.66 -15.27 -3.14
CA ALA Q 49 -41.51 -16.24 -2.07
C ALA Q 49 -41.00 -17.56 -2.63
N VAL Q 50 -40.46 -18.38 -1.72
CA VAL Q 50 -40.01 -19.74 -2.03
C VAL Q 50 -40.15 -20.57 -0.76
N ILE Q 51 -40.57 -21.82 -0.92
CA ILE Q 51 -40.75 -22.72 0.21
C ILE Q 51 -40.02 -24.03 -0.10
N TRP Q 52 -39.30 -24.55 0.88
CA TRP Q 52 -38.48 -25.74 0.70
C TRP Q 52 -39.37 -26.96 0.47
N HIS Q 53 -38.75 -28.12 0.26
CA HIS Q 53 -39.48 -29.27 -0.26
C HIS Q 53 -40.44 -29.86 0.77
N ASP Q 54 -40.10 -29.78 2.06
CA ASP Q 54 -41.06 -30.11 3.10
C ASP Q 54 -41.60 -28.89 3.82
N GLY Q 55 -41.32 -27.68 3.32
CA GLY Q 55 -41.74 -26.48 4.00
C GLY Q 55 -40.97 -26.16 5.25
N SER Q 56 -39.76 -26.70 5.41
CA SER Q 56 -38.97 -26.43 6.61
C SER Q 56 -38.62 -24.96 6.73
N ASN Q 57 -38.26 -24.33 5.60
CA ASN Q 57 -37.89 -22.93 5.58
C ASN Q 57 -38.71 -22.19 4.53
N LYS Q 58 -38.97 -20.91 4.82
CA LYS Q 58 -39.68 -20.04 3.89
C LYS Q 58 -38.91 -18.74 3.76
N PHE Q 59 -38.77 -18.25 2.53
CA PHE Q 59 -38.09 -17.00 2.26
C PHE Q 59 -39.02 -16.07 1.50
N TYR Q 60 -38.98 -14.78 1.86
CA TYR Q 60 -39.79 -13.76 1.20
C TYR Q 60 -38.91 -12.58 0.82
N ALA Q 61 -39.31 -11.89 -0.25
CA ALA Q 61 -38.68 -10.62 -0.57
C ALA Q 61 -39.02 -9.59 0.50
N ASP Q 62 -38.12 -8.63 0.71
CA ASP Q 62 -38.29 -7.68 1.80
C ASP Q 62 -39.56 -6.86 1.63
N SER Q 63 -39.95 -6.54 0.40
CA SER Q 63 -41.13 -5.72 0.17
C SER Q 63 -42.41 -6.42 0.60
N VAL Q 64 -42.37 -7.74 0.80
CA VAL Q 64 -43.57 -8.51 1.13
C VAL Q 64 -43.42 -9.23 2.46
N GLU Q 65 -42.41 -8.88 3.25
CA GLU Q 65 -42.22 -9.54 4.54
C GLU Q 65 -43.33 -9.15 5.51
N GLY Q 66 -43.83 -10.16 6.22
CA GLY Q 66 -44.86 -9.94 7.22
C GLY Q 66 -46.27 -9.77 6.68
N ARG Q 67 -46.43 -9.69 5.37
CA ARG Q 67 -47.73 -9.50 4.74
C ARG Q 67 -48.21 -10.73 3.99
N PHE Q 68 -47.30 -11.47 3.36
CA PHE Q 68 -47.65 -12.64 2.58
C PHE Q 68 -47.18 -13.90 3.30
N THR Q 69 -48.07 -14.87 3.43
CA THR Q 69 -47.74 -16.15 4.05
C THR Q 69 -48.00 -17.26 3.05
N ILE Q 70 -47.00 -18.10 2.81
CA ILE Q 70 -47.08 -19.15 1.81
C ILE Q 70 -46.87 -20.50 2.49
N SER Q 71 -47.50 -21.53 1.93
CA SER Q 71 -47.41 -22.87 2.49
C SER Q 71 -47.67 -23.89 1.39
N ARG Q 72 -47.24 -25.13 1.67
CA ARG Q 72 -47.35 -26.23 0.73
C ARG Q 72 -48.05 -27.39 1.44
N ASP Q 73 -48.98 -28.03 0.74
CA ASP Q 73 -49.62 -29.24 1.26
C ASP Q 73 -49.43 -30.33 0.21
N ASN Q 74 -48.53 -31.28 0.49
CA ASN Q 74 -48.20 -32.31 -0.49
C ASN Q 74 -49.37 -33.25 -0.75
N SER Q 75 -50.24 -33.44 0.24
CA SER Q 75 -51.22 -34.52 0.17
C SER Q 75 -52.17 -34.37 -1.01
N LYS Q 76 -52.79 -33.19 -1.17
CA LYS Q 76 -53.66 -32.95 -2.31
C LYS Q 76 -52.95 -32.27 -3.46
N ASN Q 77 -51.63 -32.08 -3.34
CA ASN Q 77 -50.78 -31.65 -4.46
C ASN Q 77 -51.15 -30.24 -4.93
N THR Q 78 -51.06 -29.26 -4.04
CA THR Q 78 -51.29 -27.87 -4.40
C THR Q 78 -50.45 -26.97 -3.52
N LEU Q 79 -50.26 -25.74 -3.98
CA LEU Q 79 -49.44 -24.74 -3.30
C LEU Q 79 -50.32 -23.52 -3.03
N TYR Q 80 -50.13 -22.90 -1.86
CA TYR Q 80 -50.92 -21.74 -1.48
C TYR Q 80 -50.02 -20.54 -1.21
N LEU Q 81 -50.60 -19.35 -1.41
CA LEU Q 81 -49.97 -18.10 -0.99
C LEU Q 81 -51.08 -17.20 -0.48
N GLN Q 82 -51.16 -17.03 0.84
CA GLN Q 82 -52.22 -16.26 1.47
C GLN Q 82 -51.79 -14.81 1.62
N MET Q 83 -52.66 -13.90 1.23
CA MET Q 83 -52.33 -12.49 1.08
C MET Q 83 -53.02 -11.71 2.20
N ASN Q 84 -52.26 -10.87 2.90
CA ASN Q 84 -52.78 -10.06 4.00
C ASN Q 84 -52.28 -8.63 3.88
N SER Q 85 -53.15 -7.67 4.21
CA SER Q 85 -52.80 -6.25 4.25
C SER Q 85 -52.21 -5.78 2.93
N LEU Q 86 -52.94 -5.96 1.84
CA LEU Q 86 -52.43 -5.57 0.54
C LEU Q 86 -52.50 -4.06 0.35
N ARG Q 87 -51.95 -3.61 -0.78
CA ARG Q 87 -51.90 -2.20 -1.13
C ARG Q 87 -51.68 -2.07 -2.63
N ASP Q 88 -51.69 -0.82 -3.12
CA ASP Q 88 -51.79 -0.58 -4.56
C ASP Q 88 -50.59 -1.10 -5.34
N GLU Q 89 -49.45 -1.33 -4.69
CA GLU Q 89 -48.30 -1.89 -5.38
C GLU Q 89 -48.34 -3.42 -5.49
N ASP Q 90 -49.44 -4.06 -5.12
CA ASP Q 90 -49.61 -5.49 -5.34
C ASP Q 90 -50.50 -5.81 -6.53
N THR Q 91 -50.92 -4.81 -7.29
CA THR Q 91 -51.63 -5.06 -8.54
C THR Q 91 -50.66 -5.62 -9.56
N ALA Q 92 -50.78 -6.91 -9.86
CA ALA Q 92 -49.85 -7.57 -10.78
C ALA Q 92 -50.39 -8.95 -11.11
N ILE Q 93 -49.78 -9.57 -12.12
CA ILE Q 93 -50.05 -10.95 -12.47
C ILE Q 93 -49.11 -11.85 -11.67
N TYR Q 94 -49.66 -12.87 -11.02
CA TYR Q 94 -48.92 -13.72 -10.11
C TYR Q 94 -48.64 -15.07 -10.75
N TYR Q 95 -47.36 -15.41 -10.86
CA TYR Q 95 -46.92 -16.63 -11.52
C TYR Q 95 -46.45 -17.65 -10.50
N CYS Q 96 -46.96 -18.88 -10.64
CA CYS Q 96 -46.40 -20.00 -9.92
C CYS Q 96 -45.15 -20.48 -10.68
N ALA Q 97 -44.21 -21.09 -9.96
CA ALA Q 97 -42.95 -21.48 -10.55
C ALA Q 97 -42.41 -22.70 -9.82
N LYS Q 98 -41.44 -23.36 -10.45
CA LYS Q 98 -40.86 -24.58 -9.91
C LYS Q 98 -39.35 -24.48 -10.05
N ASP Q 99 -38.63 -24.68 -8.95
CA ASP Q 99 -37.17 -24.62 -8.98
C ASP Q 99 -36.64 -25.79 -9.80
N TRP Q 100 -35.66 -25.51 -10.66
CA TRP Q 100 -35.16 -26.51 -11.60
C TRP Q 100 -34.67 -27.77 -10.91
N GLY Q 101 -34.08 -27.65 -9.73
CA GLY Q 101 -33.51 -28.79 -9.05
C GLY Q 101 -32.00 -28.86 -9.07
N GLY Q 102 -31.33 -27.83 -9.58
CA GLY Q 102 -29.88 -27.83 -9.57
C GLY Q 102 -29.31 -27.79 -8.16
N ALA Q 103 -28.06 -28.26 -8.03
CA ALA Q 103 -27.42 -28.31 -6.73
C ALA Q 103 -27.32 -26.92 -6.11
N SER Q 104 -26.95 -25.93 -6.93
CA SER Q 104 -26.90 -24.55 -6.48
C SER Q 104 -27.61 -23.60 -7.45
N ASP Q 105 -28.43 -24.13 -8.36
CA ASP Q 105 -29.07 -23.32 -9.39
C ASP Q 105 -30.53 -23.11 -9.04
N ARG Q 106 -30.87 -21.86 -8.69
CA ARG Q 106 -32.24 -21.47 -8.37
C ARG Q 106 -32.85 -20.77 -9.58
N VAL Q 107 -33.32 -21.57 -10.53
CA VAL Q 107 -33.90 -21.04 -11.76
C VAL Q 107 -35.23 -21.74 -11.99
N PHE Q 108 -36.17 -21.01 -12.57
CA PHE Q 108 -37.52 -21.49 -12.81
C PHE Q 108 -37.63 -22.02 -14.24
N ASP Q 109 -38.19 -23.22 -14.38
CA ASP Q 109 -38.26 -23.86 -15.68
C ASP Q 109 -39.69 -24.14 -16.15
N TYR Q 110 -40.55 -24.68 -15.29
CA TYR Q 110 -41.96 -24.85 -15.62
C TYR Q 110 -42.77 -23.77 -14.90
N TRP Q 111 -43.01 -22.68 -15.59
CA TRP Q 111 -43.83 -21.61 -15.02
C TRP Q 111 -45.31 -21.98 -15.09
N GLY Q 112 -46.09 -21.41 -14.19
CA GLY Q 112 -47.54 -21.48 -14.28
C GLY Q 112 -48.07 -20.44 -15.24
N ARG Q 113 -49.38 -20.51 -15.49
CA ARG Q 113 -50.00 -19.58 -16.42
C ARG Q 113 -50.08 -18.18 -15.83
N GLY Q 114 -50.52 -18.06 -14.59
CA GLY Q 114 -50.61 -16.78 -13.93
C GLY Q 114 -52.04 -16.37 -13.61
N THR Q 115 -52.26 -15.85 -12.41
CA THR Q 115 -53.56 -15.38 -11.98
C THR Q 115 -53.48 -13.91 -11.59
N LEU Q 116 -54.37 -13.10 -12.14
CA LEU Q 116 -54.35 -11.66 -11.94
C LEU Q 116 -54.94 -11.30 -10.59
N VAL Q 117 -54.20 -10.48 -9.84
CA VAL Q 117 -54.67 -9.95 -8.57
C VAL Q 117 -54.67 -8.43 -8.69
N ILE Q 118 -55.82 -7.81 -8.45
CA ILE Q 118 -56.00 -6.37 -8.59
C ILE Q 118 -56.56 -5.84 -7.27
N VAL Q 119 -55.99 -4.74 -6.79
CA VAL Q 119 -56.51 -4.06 -5.61
C VAL Q 119 -56.74 -2.60 -5.97
N SER Q 120 -57.97 -2.13 -5.80
CA SER Q 120 -58.35 -0.77 -6.14
C SER Q 120 -59.68 -0.47 -5.43
N SER Q 121 -60.28 0.66 -5.79
CA SER Q 121 -61.56 1.05 -5.21
C SER Q 121 -62.49 1.58 -6.29
N ASP R 1 -27.85 -30.58 -12.24
CA ASP R 1 -27.11 -31.78 -12.62
C ASP R 1 -25.64 -31.45 -12.90
N ILE R 2 -24.78 -32.45 -12.76
CA ILE R 2 -23.34 -32.29 -12.90
C ILE R 2 -22.91 -32.96 -14.19
N GLN R 3 -22.21 -32.22 -15.05
CA GLN R 3 -21.63 -32.79 -16.25
C GLN R 3 -20.37 -33.52 -15.82
N MET R 4 -20.31 -34.82 -16.08
CA MET R 4 -19.26 -35.67 -15.53
C MET R 4 -18.38 -36.14 -16.68
N THR R 5 -17.23 -35.48 -16.87
CA THR R 5 -16.44 -35.62 -18.08
C THR R 5 -15.23 -36.51 -17.83
N GLN R 6 -15.06 -37.55 -18.65
CA GLN R 6 -13.94 -38.46 -18.52
C GLN R 6 -13.00 -38.31 -19.72
N SER R 7 -11.71 -38.25 -19.42
CA SER R 7 -10.65 -38.10 -20.42
C SER R 7 -9.55 -39.12 -20.15
N PRO R 8 -8.92 -39.65 -21.21
CA PRO R 8 -9.20 -39.44 -22.64
C PRO R 8 -10.43 -40.21 -23.13
N SER R 9 -11.03 -39.76 -24.24
CA SER R 9 -12.20 -40.45 -24.77
C SER R 9 -11.84 -41.84 -25.30
N THR R 10 -10.70 -41.96 -25.97
CA THR R 10 -10.23 -43.23 -26.50
C THR R 10 -8.72 -43.30 -26.34
N LEU R 11 -8.24 -44.41 -25.77
CA LEU R 11 -6.81 -44.61 -25.53
C LEU R 11 -6.46 -46.06 -25.84
N SER R 12 -5.48 -46.25 -26.72
CA SER R 12 -5.09 -47.58 -27.15
C SER R 12 -3.94 -48.12 -26.30
N ALA R 13 -3.96 -49.43 -26.07
CA ALA R 13 -2.91 -50.07 -25.27
C ALA R 13 -2.89 -51.56 -25.61
N SER R 14 -1.79 -52.19 -25.24
CA SER R 14 -1.60 -53.62 -25.42
C SER R 14 -1.58 -54.33 -24.07
N VAL R 15 -1.84 -55.64 -24.10
CA VAL R 15 -1.98 -56.41 -22.87
C VAL R 15 -0.69 -56.35 -22.06
N GLY R 16 -0.82 -56.08 -20.76
CA GLY R 16 0.29 -56.14 -19.83
C GLY R 16 0.78 -54.81 -19.31
N ASP R 17 0.41 -53.70 -19.93
CA ASP R 17 0.91 -52.39 -19.51
C ASP R 17 0.02 -51.80 -18.41
N ARG R 18 0.34 -50.57 -18.03
CA ARG R 18 -0.43 -49.82 -17.04
C ARG R 18 -1.18 -48.70 -17.74
N VAL R 19 -2.50 -48.73 -17.64
CA VAL R 19 -3.37 -47.74 -18.26
C VAL R 19 -4.26 -47.10 -17.20
N THR R 20 -4.34 -45.78 -17.20
CA THR R 20 -5.11 -45.04 -16.22
C THR R 20 -6.16 -44.20 -16.93
N ILE R 21 -7.39 -44.24 -16.43
CA ILE R 21 -8.50 -43.46 -16.97
C ILE R 21 -9.04 -42.56 -15.87
N THR R 22 -9.18 -41.28 -16.18
CA THR R 22 -9.64 -40.26 -15.24
C THR R 22 -10.96 -39.67 -15.70
N CYS R 23 -11.66 -39.02 -14.76
CA CYS R 23 -12.94 -38.41 -15.07
C CYS R 23 -13.04 -37.09 -14.32
N ARG R 24 -13.41 -36.03 -15.03
CA ARG R 24 -13.43 -34.67 -14.49
C ARG R 24 -14.85 -34.30 -14.11
N ALA R 25 -15.00 -33.67 -12.94
CA ALA R 25 -16.30 -33.20 -12.49
C ALA R 25 -16.39 -31.69 -12.60
N SER R 26 -17.58 -31.21 -13.01
CA SER R 26 -17.80 -29.78 -13.14
C SER R 26 -17.69 -29.05 -11.81
N GLN R 27 -18.11 -29.68 -10.72
CA GLN R 27 -17.91 -29.14 -9.38
C GLN R 27 -17.83 -30.29 -8.40
N SER R 28 -17.44 -29.98 -7.16
CA SER R 28 -17.05 -31.01 -6.19
C SER R 28 -18.17 -32.02 -5.97
N VAL R 29 -17.78 -33.29 -5.94
CA VAL R 29 -18.68 -34.41 -5.71
C VAL R 29 -18.25 -35.18 -4.44
N SER R 30 -17.25 -34.67 -3.74
CA SER R 30 -16.64 -35.32 -2.58
C SER R 30 -16.08 -36.67 -3.05
N THR R 31 -16.57 -37.80 -2.54
CA THR R 31 -16.07 -39.11 -2.94
C THR R 31 -17.21 -40.04 -3.36
N SER R 32 -18.32 -39.49 -3.85
CA SER R 32 -19.46 -40.31 -4.27
C SER R 32 -19.38 -40.57 -5.78
N LEU R 33 -18.31 -41.25 -6.18
CA LEU R 33 -18.06 -41.59 -7.57
C LEU R 33 -18.11 -43.11 -7.74
N ALA R 34 -18.51 -43.53 -8.93
CA ALA R 34 -18.56 -44.95 -9.27
C ALA R 34 -18.03 -45.15 -10.68
N TRP R 35 -17.49 -46.33 -10.93
CA TRP R 35 -16.96 -46.69 -12.24
C TRP R 35 -17.67 -47.92 -12.77
N TYR R 36 -18.00 -47.91 -14.06
CA TYR R 36 -18.66 -49.02 -14.73
C TYR R 36 -17.91 -49.36 -16.01
N GLN R 37 -17.78 -50.65 -16.29
CA GLN R 37 -17.15 -51.14 -17.50
C GLN R 37 -18.23 -51.78 -18.35
N GLN R 38 -18.26 -51.45 -19.63
CA GLN R 38 -19.30 -51.92 -20.54
C GLN R 38 -18.67 -52.60 -21.74
N LYS R 39 -18.65 -53.93 -21.72
CA LYS R 39 -18.29 -54.66 -22.92
C LYS R 39 -19.45 -54.65 -23.91
N PRO R 40 -19.14 -54.63 -25.21
CA PRO R 40 -20.22 -54.54 -26.20
C PRO R 40 -21.22 -55.67 -26.07
N GLY R 41 -22.49 -55.34 -26.23
CA GLY R 41 -23.56 -56.31 -26.10
C GLY R 41 -23.93 -56.68 -24.68
N LYS R 42 -23.35 -56.01 -23.68
CA LYS R 42 -23.61 -56.32 -22.29
C LYS R 42 -23.78 -55.02 -21.52
N ALA R 43 -24.66 -55.04 -20.52
CA ALA R 43 -24.86 -53.87 -19.68
C ALA R 43 -23.59 -53.61 -18.85
N PRO R 44 -23.33 -52.37 -18.46
CA PRO R 44 -22.12 -52.08 -17.68
C PRO R 44 -22.16 -52.77 -16.32
N ASN R 45 -20.98 -53.20 -15.87
CA ASN R 45 -20.81 -53.80 -14.55
C ASN R 45 -19.99 -52.88 -13.67
N LEU R 46 -20.39 -52.79 -12.41
CA LEU R 46 -19.70 -51.92 -11.45
C LEU R 46 -18.33 -52.48 -11.09
N LEU R 47 -17.36 -51.60 -10.92
CA LEU R 47 -16.03 -51.95 -10.42
C LEU R 47 -15.70 -51.26 -9.11
N ILE R 48 -15.84 -49.94 -9.05
CA ILE R 48 -15.42 -49.15 -7.91
C ILE R 48 -16.59 -48.31 -7.42
N TYR R 49 -16.82 -48.33 -6.11
CA TYR R 49 -17.71 -47.41 -5.45
C TYR R 49 -16.93 -46.63 -4.39
N GLN R 50 -17.49 -45.48 -4.00
CA GLN R 50 -16.83 -44.56 -3.09
C GLN R 50 -15.51 -44.05 -3.67
N ALA R 51 -15.35 -44.25 -4.98
CA ALA R 51 -14.26 -43.71 -5.78
C ALA R 51 -12.93 -44.38 -5.49
N SER R 52 -12.88 -45.25 -4.48
CA SER R 52 -11.65 -45.98 -4.16
C SER R 52 -11.87 -47.44 -3.79
N THR R 53 -13.10 -47.84 -3.49
CA THR R 53 -13.33 -49.18 -2.94
C THR R 53 -13.69 -50.17 -4.06
N LEU R 54 -12.99 -51.29 -4.08
CA LEU R 54 -13.24 -52.34 -5.06
C LEU R 54 -14.50 -53.11 -4.69
N TYR R 55 -15.38 -53.31 -5.67
CA TYR R 55 -16.58 -54.10 -5.45
C TYR R 55 -16.21 -55.58 -5.31
N ARG R 56 -17.14 -56.36 -4.75
CA ARG R 56 -16.91 -57.79 -4.58
C ARG R 56 -16.80 -58.47 -5.94
N GLY R 57 -15.85 -59.38 -6.05
CA GLY R 57 -15.59 -60.07 -7.30
C GLY R 57 -14.77 -59.30 -8.31
N VAL R 58 -14.37 -58.09 -7.97
CA VAL R 58 -13.59 -57.22 -8.86
C VAL R 58 -12.12 -57.60 -8.75
N PRO R 59 -11.43 -57.86 -9.85
CA PRO R 59 -10.01 -58.22 -9.77
C PRO R 59 -9.18 -57.09 -9.17
N SER R 60 -8.10 -57.48 -8.49
CA SER R 60 -7.26 -56.52 -7.77
C SER R 60 -6.50 -55.58 -8.69
N ARG R 61 -6.40 -55.90 -9.99
CA ARG R 61 -5.77 -54.98 -10.93
C ARG R 61 -6.62 -53.74 -11.18
N PHE R 62 -7.87 -53.75 -10.72
CA PHE R 62 -8.76 -52.60 -10.80
C PHE R 62 -8.54 -51.74 -9.56
N SER R 63 -8.44 -50.43 -9.74
CA SER R 63 -8.16 -49.55 -8.62
C SER R 63 -8.65 -48.14 -8.92
N GLY R 64 -9.36 -47.55 -7.95
CA GLY R 64 -9.84 -46.19 -8.08
C GLY R 64 -9.24 -45.26 -7.03
N SER R 65 -9.16 -43.98 -7.35
CA SER R 65 -8.55 -43.01 -6.46
C SER R 65 -9.03 -41.62 -6.84
N GLY R 66 -8.77 -40.66 -5.96
CA GLY R 66 -9.11 -39.27 -6.19
C GLY R 66 -10.22 -38.78 -5.27
N SER R 67 -10.39 -37.47 -5.27
CA SER R 67 -11.41 -36.83 -4.45
C SER R 67 -11.74 -35.47 -5.05
N GLY R 68 -12.87 -34.92 -4.61
CA GLY R 68 -13.29 -33.61 -5.09
C GLY R 68 -13.79 -33.67 -6.53
N THR R 69 -13.00 -33.12 -7.45
CA THR R 69 -13.31 -33.18 -8.87
C THR R 69 -12.32 -34.02 -9.66
N GLU R 70 -11.15 -34.33 -9.09
CA GLU R 70 -10.11 -35.07 -9.78
C GLU R 70 -10.10 -36.50 -9.26
N PHE R 71 -10.36 -37.46 -10.14
CA PHE R 71 -10.39 -38.87 -9.80
C PHE R 71 -9.64 -39.67 -10.86
N THR R 72 -9.15 -40.85 -10.47
CA THR R 72 -8.37 -41.69 -11.36
C THR R 72 -8.69 -43.16 -11.13
N LEU R 73 -8.97 -43.87 -12.21
CA LEU R 73 -9.10 -45.33 -12.20
C LEU R 73 -7.86 -45.91 -12.86
N THR R 74 -7.09 -46.69 -12.10
CA THR R 74 -5.78 -47.16 -12.54
C THR R 74 -5.83 -48.68 -12.72
N ILE R 75 -5.21 -49.15 -13.80
CA ILE R 75 -5.21 -50.57 -14.14
C ILE R 75 -3.86 -51.13 -13.73
N GLY R 76 -3.87 -52.12 -12.83
CA GLY R 76 -2.62 -52.71 -12.38
C GLY R 76 -1.84 -53.37 -13.49
N SER R 77 -2.53 -54.13 -14.33
CA SER R 77 -1.93 -54.75 -15.51
C SER R 77 -3.06 -55.08 -16.48
N LEU R 78 -3.03 -54.47 -17.67
CA LEU R 78 -4.11 -54.65 -18.62
C LEU R 78 -4.12 -56.08 -19.16
N GLN R 79 -5.28 -56.69 -19.17
CA GLN R 79 -5.51 -58.06 -19.60
C GLN R 79 -6.38 -58.11 -20.84
N PRO R 80 -6.31 -59.21 -21.61
CA PRO R 80 -7.10 -59.27 -22.85
C PRO R 80 -8.60 -59.14 -22.64
N ASP R 81 -9.11 -59.51 -21.47
CA ASP R 81 -10.53 -59.38 -21.17
C ASP R 81 -10.91 -58.02 -20.62
N ASP R 82 -9.96 -57.10 -20.49
CA ASP R 82 -10.21 -55.77 -19.94
C ASP R 82 -10.42 -54.72 -21.03
N PHE R 83 -10.77 -55.13 -22.24
CA PHE R 83 -10.92 -54.21 -23.37
C PHE R 83 -12.40 -53.94 -23.58
N ALA R 84 -12.85 -52.75 -23.15
CA ALA R 84 -14.25 -52.38 -23.22
C ALA R 84 -14.42 -50.88 -23.00
N THR R 85 -15.67 -50.43 -22.87
CA THR R 85 -15.95 -49.03 -22.60
C THR R 85 -16.13 -48.82 -21.10
N TYR R 86 -15.48 -47.79 -20.57
CA TYR R 86 -15.47 -47.51 -19.14
C TYR R 86 -16.20 -46.20 -18.88
N TYR R 87 -17.02 -46.18 -17.82
CA TYR R 87 -17.83 -45.02 -17.49
C TYR R 87 -17.60 -44.59 -16.05
N CYS R 88 -17.78 -43.29 -15.81
CA CYS R 88 -17.70 -42.71 -14.49
C CYS R 88 -19.06 -42.13 -14.09
N GLN R 89 -19.57 -42.56 -12.94
CA GLN R 89 -20.89 -42.19 -12.47
C GLN R 89 -20.84 -41.67 -11.04
N HIS R 90 -21.49 -40.53 -10.82
CA HIS R 90 -21.50 -39.91 -9.50
C HIS R 90 -22.93 -39.90 -8.96
N TYR R 91 -23.04 -39.96 -7.64
CA TYR R 91 -24.33 -39.98 -6.95
C TYR R 91 -24.32 -39.00 -5.80
N ASN R 92 -23.87 -37.77 -6.07
CA ASN R 92 -23.75 -36.75 -5.03
C ASN R 92 -25.11 -36.45 -4.41
N SER R 93 -25.10 -36.18 -3.11
CA SER R 93 -26.33 -35.85 -2.41
C SER R 93 -26.92 -34.55 -2.93
N TYR R 94 -28.24 -34.46 -2.92
CA TYR R 94 -29.02 -33.33 -3.44
C TYR R 94 -28.75 -33.08 -4.92
N SER R 95 -28.22 -34.07 -5.63
CA SER R 95 -27.95 -33.96 -7.06
C SER R 95 -28.39 -35.24 -7.76
N ARG R 96 -28.71 -35.11 -9.04
CA ARG R 96 -29.19 -36.23 -9.83
C ARG R 96 -28.03 -37.00 -10.45
N ILE R 97 -28.28 -38.27 -10.74
CA ILE R 97 -27.22 -39.18 -11.18
C ILE R 97 -26.93 -38.91 -12.66
N THR R 98 -25.65 -38.70 -12.97
CA THR R 98 -25.19 -38.53 -14.35
C THR R 98 -23.99 -39.44 -14.59
N PHE R 99 -23.78 -39.76 -15.86
CA PHE R 99 -22.69 -40.65 -16.28
C PHE R 99 -21.72 -39.90 -17.19
N GLY R 100 -20.56 -40.51 -17.40
CA GLY R 100 -19.57 -39.96 -18.30
C GLY R 100 -19.84 -40.34 -19.75
N GLN R 101 -18.99 -39.83 -20.64
CA GLN R 101 -19.15 -40.12 -22.06
C GLN R 101 -18.81 -41.57 -22.38
N GLY R 102 -17.82 -42.14 -21.70
CA GLY R 102 -17.43 -43.52 -21.96
C GLY R 102 -16.10 -43.64 -22.68
N THR R 103 -15.09 -44.15 -21.98
CA THR R 103 -13.76 -44.29 -22.58
C THR R 103 -13.58 -45.68 -23.17
N ARG R 104 -13.12 -45.72 -24.42
CA ARG R 104 -12.92 -46.97 -25.15
C ARG R 104 -11.43 -47.27 -25.16
N LEU R 105 -11.07 -48.47 -24.70
CA LEU R 105 -9.70 -48.96 -24.76
C LEU R 105 -9.62 -50.04 -25.84
N GLU R 106 -8.65 -49.91 -26.73
CA GLU R 106 -8.63 -50.68 -27.98
C GLU R 106 -7.30 -51.43 -28.11
N ILE R 107 -7.35 -52.59 -28.78
CA ILE R 107 -6.18 -53.45 -28.89
C ILE R 107 -5.04 -52.75 -29.61
N LYS R 108 -3.83 -52.90 -29.07
CA LYS R 108 -2.60 -52.43 -29.70
C LYS R 108 -2.63 -50.94 -30.05
N GLN S 1 -29.41 -66.57 -9.20
CA GLN S 1 -28.31 -65.61 -9.08
C GLN S 1 -28.74 -64.19 -9.47
N VAL S 2 -30.05 -63.95 -9.43
CA VAL S 2 -30.64 -62.62 -9.63
C VAL S 2 -30.47 -62.21 -11.09
N GLN S 3 -31.53 -62.34 -11.87
CA GLN S 3 -31.55 -61.89 -13.25
C GLN S 3 -32.81 -61.05 -13.44
N LEU S 4 -32.67 -59.91 -14.11
CA LEU S 4 -33.75 -58.95 -14.27
C LEU S 4 -34.29 -59.04 -15.69
N VAL S 5 -35.57 -59.36 -15.82
CA VAL S 5 -36.23 -59.50 -17.12
C VAL S 5 -37.12 -58.29 -17.33
N GLU S 6 -36.89 -57.60 -18.43
CA GLU S 6 -37.57 -56.37 -18.81
C GLU S 6 -38.20 -56.51 -20.19
N SER S 7 -39.36 -55.88 -20.36
CA SER S 7 -40.16 -56.11 -21.56
C SER S 7 -41.13 -54.95 -21.77
N GLY S 8 -41.92 -55.07 -22.83
CA GLY S 8 -42.93 -54.08 -23.15
C GLY S 8 -42.55 -53.06 -24.20
N GLY S 9 -41.40 -53.23 -24.84
CA GLY S 9 -40.90 -52.26 -25.79
C GLY S 9 -41.44 -52.47 -27.19
N GLY S 10 -40.85 -51.72 -28.13
CA GLY S 10 -41.23 -51.73 -29.52
C GLY S 10 -41.05 -50.35 -30.10
N VAL S 11 -41.70 -50.12 -31.24
CA VAL S 11 -41.63 -48.85 -31.95
C VAL S 11 -42.96 -48.14 -31.80
N VAL S 12 -42.91 -46.88 -31.37
CA VAL S 12 -44.11 -46.06 -31.20
C VAL S 12 -43.87 -44.71 -31.87
N GLN S 13 -44.97 -44.09 -32.27
CA GLN S 13 -44.90 -42.76 -32.88
C GLN S 13 -44.69 -41.70 -31.80
N PRO S 14 -44.15 -40.54 -32.17
CA PRO S 14 -44.03 -39.45 -31.20
C PRO S 14 -45.39 -39.05 -30.64
N GLY S 15 -45.43 -38.79 -29.33
CA GLY S 15 -46.64 -38.37 -28.66
C GLY S 15 -47.54 -39.50 -28.17
N ARG S 16 -47.22 -40.75 -28.49
CA ARG S 16 -48.01 -41.88 -28.03
C ARG S 16 -47.40 -42.49 -26.78
N SER S 17 -48.21 -43.23 -26.04
CA SER S 17 -47.79 -43.82 -24.77
C SER S 17 -47.24 -45.22 -24.98
N LEU S 18 -46.50 -45.70 -23.98
CA LEU S 18 -45.92 -47.03 -24.02
C LEU S 18 -45.61 -47.50 -22.60
N ARG S 19 -45.71 -48.79 -22.35
CA ARG S 19 -45.52 -49.36 -21.01
C ARG S 19 -44.32 -50.30 -21.03
N LEU S 20 -43.44 -50.16 -20.04
CA LEU S 20 -42.30 -51.03 -19.86
C LEU S 20 -42.39 -51.74 -18.52
N SER S 21 -42.06 -53.03 -18.52
CA SER S 21 -42.08 -53.86 -17.32
C SER S 21 -40.68 -54.36 -17.00
N CYS S 22 -40.43 -54.63 -15.73
CA CYS S 22 -39.12 -55.11 -15.26
C CYS S 22 -39.32 -56.26 -14.27
N ALA S 23 -40.08 -57.27 -14.69
CA ALA S 23 -40.33 -58.43 -13.84
C ALA S 23 -39.02 -59.05 -13.36
N ALA S 24 -38.93 -59.29 -12.06
CA ALA S 24 -37.70 -59.75 -11.42
C ALA S 24 -37.74 -61.25 -11.22
N SER S 25 -36.62 -61.80 -10.75
CA SER S 25 -36.47 -63.23 -10.52
C SER S 25 -35.51 -63.46 -9.37
N ARG S 26 -35.98 -64.13 -8.32
CA ARG S 26 -35.22 -64.58 -7.16
C ARG S 26 -34.61 -63.44 -6.36
N LEU S 27 -34.88 -62.18 -6.70
CA LEU S 27 -34.35 -61.04 -5.98
C LEU S 27 -35.40 -60.55 -5.00
N THR S 28 -34.94 -60.11 -3.82
CA THR S 28 -35.86 -59.54 -2.85
C THR S 28 -36.29 -58.15 -3.31
N PHE S 29 -37.37 -58.09 -4.07
CA PHE S 29 -37.76 -56.83 -4.72
C PHE S 29 -38.18 -55.78 -3.69
N ARG S 30 -38.91 -56.20 -2.66
CA ARG S 30 -39.48 -55.26 -1.69
C ARG S 30 -38.43 -54.47 -0.92
N ASN S 31 -37.30 -55.09 -0.55
CA ASN S 31 -36.30 -54.45 0.29
C ASN S 31 -35.24 -53.70 -0.51
N PHE S 32 -35.35 -53.65 -1.83
CA PHE S 32 -34.37 -52.97 -2.68
C PHE S 32 -35.06 -51.94 -3.55
N GLY S 33 -34.41 -50.79 -3.69
CA GLY S 33 -34.85 -49.78 -4.64
C GLY S 33 -34.55 -50.21 -6.05
N MET S 34 -35.11 -49.52 -7.04
CA MET S 34 -34.88 -49.88 -8.43
C MET S 34 -34.62 -48.62 -9.24
N HIS S 35 -33.88 -48.78 -10.34
CA HIS S 35 -33.50 -47.67 -11.20
C HIS S 35 -33.74 -48.02 -12.66
N TRP S 36 -34.12 -47.02 -13.43
CA TRP S 36 -34.17 -47.10 -14.89
C TRP S 36 -33.02 -46.28 -15.46
N VAL S 37 -32.27 -46.88 -16.39
CA VAL S 37 -31.12 -46.23 -17.00
C VAL S 37 -31.31 -46.25 -18.51
N ARG S 38 -31.15 -45.10 -19.14
CA ARG S 38 -31.31 -44.95 -20.58
C ARG S 38 -29.93 -44.84 -21.23
N GLN S 39 -29.65 -45.74 -22.17
CA GLN S 39 -28.41 -45.74 -22.92
C GLN S 39 -28.71 -45.29 -24.35
N THR S 40 -28.34 -44.04 -24.66
CA THR S 40 -28.66 -43.44 -25.94
C THR S 40 -27.85 -44.10 -27.05
N PRO S 41 -28.31 -43.99 -28.30
CA PRO S 41 -27.51 -44.53 -29.42
C PRO S 41 -26.13 -43.92 -29.52
N GLY S 42 -25.93 -42.70 -29.03
CA GLY S 42 -24.63 -42.08 -28.98
C GLY S 42 -23.72 -42.54 -27.87
N LYS S 43 -23.92 -43.76 -27.37
CA LYS S 43 -23.10 -44.38 -26.34
C LYS S 43 -23.07 -43.58 -25.04
N GLY S 44 -24.18 -42.95 -24.67
CA GLY S 44 -24.24 -42.24 -23.41
C GLY S 44 -25.28 -42.84 -22.46
N LEU S 45 -24.95 -42.82 -21.17
CA LEU S 45 -25.82 -43.34 -20.12
C LEU S 45 -26.48 -42.18 -19.40
N GLU S 46 -27.81 -42.13 -19.42
CA GLU S 46 -28.58 -41.14 -18.70
C GLU S 46 -29.46 -41.84 -17.67
N TRP S 47 -29.36 -41.42 -16.42
CA TRP S 47 -30.25 -41.94 -15.39
C TRP S 47 -31.66 -41.40 -15.60
N VAL S 48 -32.66 -42.26 -15.38
CA VAL S 48 -34.04 -41.94 -15.67
C VAL S 48 -34.85 -41.71 -14.39
N ALA S 49 -34.97 -42.74 -13.55
CA ALA S 49 -35.82 -42.63 -12.38
C ALA S 49 -35.41 -43.68 -11.34
N VAL S 50 -35.84 -43.44 -10.11
CA VAL S 50 -35.64 -44.37 -9.01
C VAL S 50 -36.92 -44.40 -8.18
N ILE S 51 -37.29 -45.59 -7.73
CA ILE S 51 -38.48 -45.77 -6.89
C ILE S 51 -38.03 -46.40 -5.58
N TRP S 52 -38.63 -45.94 -4.48
CA TRP S 52 -38.21 -46.39 -3.15
C TRP S 52 -38.67 -47.84 -2.92
N HIS S 53 -38.34 -48.38 -1.74
CA HIS S 53 -38.58 -49.79 -1.48
C HIS S 53 -40.08 -50.09 -1.37
N ASP S 54 -40.86 -49.14 -0.87
CA ASP S 54 -42.30 -49.31 -0.75
C ASP S 54 -43.09 -48.32 -1.59
N GLY S 55 -42.43 -47.58 -2.48
CA GLY S 55 -43.11 -46.59 -3.30
C GLY S 55 -43.42 -45.28 -2.62
N SER S 56 -42.84 -45.02 -1.45
CA SER S 56 -43.16 -43.81 -0.71
C SER S 56 -42.71 -42.56 -1.47
N ASN S 57 -41.50 -42.60 -2.04
CA ASN S 57 -40.94 -41.44 -2.71
C ASN S 57 -40.49 -41.85 -4.11
N LYS S 58 -40.42 -40.87 -5.00
CA LYS S 58 -40.18 -41.12 -6.43
C LYS S 58 -39.46 -39.94 -7.03
N PHE S 59 -38.34 -40.19 -7.72
CA PHE S 59 -37.51 -39.16 -8.31
C PHE S 59 -37.39 -39.37 -9.82
N TYR S 60 -37.13 -38.28 -10.54
CA TYR S 60 -36.89 -38.32 -11.97
C TYR S 60 -35.75 -37.39 -12.35
N ALA S 61 -35.16 -37.63 -13.52
CA ALA S 61 -34.27 -36.66 -14.12
C ALA S 61 -35.07 -35.50 -14.70
N ASP S 62 -34.39 -34.40 -14.98
CA ASP S 62 -35.07 -33.22 -15.49
C ASP S 62 -35.67 -33.46 -16.86
N SER S 63 -35.00 -34.24 -17.72
CA SER S 63 -35.47 -34.44 -19.08
C SER S 63 -36.72 -35.32 -19.14
N VAL S 64 -37.05 -36.03 -18.06
CA VAL S 64 -38.16 -36.96 -18.07
C VAL S 64 -39.20 -36.64 -16.98
N GLU S 65 -39.14 -35.43 -16.41
CA GLU S 65 -40.07 -35.07 -15.36
C GLU S 65 -41.47 -34.80 -15.94
N GLY S 66 -42.48 -35.42 -15.32
CA GLY S 66 -43.86 -35.25 -15.74
C GLY S 66 -44.27 -36.05 -16.95
N ARG S 67 -43.33 -36.46 -17.80
CA ARG S 67 -43.62 -37.28 -18.96
C ARG S 67 -43.43 -38.76 -18.70
N PHE S 68 -42.72 -39.11 -17.64
CA PHE S 68 -42.48 -40.50 -17.25
C PHE S 68 -43.18 -40.79 -15.93
N THR S 69 -43.73 -41.99 -15.81
CA THR S 69 -44.35 -42.44 -14.57
C THR S 69 -43.87 -43.85 -14.25
N ILE S 70 -43.25 -44.01 -13.08
CA ILE S 70 -42.80 -45.31 -12.60
C ILE S 70 -43.70 -45.74 -11.46
N SER S 71 -43.85 -47.05 -11.31
CA SER S 71 -44.64 -47.61 -10.22
C SER S 71 -43.98 -48.91 -9.78
N ARG S 72 -44.22 -49.27 -8.52
CA ARG S 72 -43.62 -50.46 -7.93
C ARG S 72 -44.72 -51.33 -7.35
N ASP S 73 -44.78 -52.58 -7.83
CA ASP S 73 -45.72 -53.58 -7.33
C ASP S 73 -44.91 -54.71 -6.71
N ASN S 74 -44.93 -54.81 -5.38
CA ASN S 74 -44.17 -55.85 -4.69
C ASN S 74 -44.83 -57.22 -4.89
N SER S 75 -46.11 -57.24 -5.22
CA SER S 75 -46.88 -58.49 -5.16
C SER S 75 -46.36 -59.53 -6.14
N LYS S 76 -46.25 -59.18 -7.43
CA LYS S 76 -45.80 -60.14 -8.43
C LYS S 76 -44.40 -59.85 -8.94
N ASN S 77 -43.57 -59.19 -8.13
CA ASN S 77 -42.12 -59.16 -8.34
C ASN S 77 -41.74 -58.44 -9.64
N THR S 78 -42.20 -57.20 -9.77
CA THR S 78 -41.95 -56.45 -10.99
C THR S 78 -41.78 -54.98 -10.68
N LEU S 79 -41.03 -54.28 -11.53
CA LEU S 79 -40.94 -52.83 -11.52
C LEU S 79 -41.55 -52.30 -12.81
N TYR S 80 -42.38 -51.27 -12.69
CA TYR S 80 -43.15 -50.77 -13.82
C TYR S 80 -42.82 -49.31 -14.08
N LEU S 81 -42.81 -48.95 -15.36
CA LEU S 81 -42.59 -47.58 -15.81
C LEU S 81 -43.48 -47.33 -17.01
N GLN S 82 -44.35 -46.32 -16.91
CA GLN S 82 -45.24 -45.95 -18.00
C GLN S 82 -44.66 -44.72 -18.69
N MET S 83 -44.64 -44.76 -20.02
CA MET S 83 -43.83 -43.86 -20.84
C MET S 83 -44.79 -43.08 -21.75
N ASN S 84 -44.81 -41.75 -21.60
CA ASN S 84 -45.84 -40.91 -22.19
C ASN S 84 -45.26 -39.72 -22.94
N SER S 85 -46.00 -39.24 -23.94
CA SER S 85 -45.71 -38.00 -24.65
C SER S 85 -44.29 -37.96 -25.20
N LEU S 86 -43.94 -38.98 -25.99
CA LEU S 86 -42.56 -39.16 -26.41
C LEU S 86 -42.22 -38.33 -27.64
N ARG S 87 -40.92 -38.12 -27.84
CA ARG S 87 -40.37 -37.57 -29.07
C ARG S 87 -39.10 -38.35 -29.40
N ASP S 88 -38.30 -37.80 -30.32
CA ASP S 88 -37.18 -38.56 -30.87
C ASP S 88 -36.07 -38.84 -29.86
N GLU S 89 -35.85 -37.96 -28.88
CA GLU S 89 -34.68 -38.15 -28.02
C GLU S 89 -34.83 -39.33 -27.07
N ASP S 90 -36.03 -39.89 -26.92
CA ASP S 90 -36.26 -41.01 -26.03
C ASP S 90 -35.98 -42.35 -26.68
N THR S 91 -35.57 -42.35 -27.95
CA THR S 91 -35.23 -43.59 -28.64
C THR S 91 -33.90 -44.09 -28.12
N ALA S 92 -33.93 -45.12 -27.28
CA ALA S 92 -32.71 -45.65 -26.68
C ALA S 92 -33.03 -47.01 -26.06
N ILE S 93 -31.97 -47.76 -25.79
CA ILE S 93 -32.05 -49.02 -25.07
C ILE S 93 -32.24 -48.73 -23.59
N TYR S 94 -33.31 -49.27 -23.00
CA TYR S 94 -33.70 -48.97 -21.63
C TYR S 94 -33.27 -50.10 -20.70
N TYR S 95 -32.43 -49.76 -19.73
CA TYR S 95 -31.85 -50.73 -18.81
C TYR S 95 -32.58 -50.68 -17.46
N CYS S 96 -32.86 -51.85 -16.92
CA CYS S 96 -33.29 -51.95 -15.53
C CYS S 96 -32.08 -52.12 -14.64
N ALA S 97 -32.26 -51.81 -13.35
CA ALA S 97 -31.14 -51.81 -12.42
C ALA S 97 -31.64 -52.07 -11.02
N LYS S 98 -30.70 -52.23 -10.08
CA LYS S 98 -31.00 -52.46 -8.68
C LYS S 98 -29.87 -51.83 -7.87
N ASP S 99 -30.21 -50.87 -7.01
CA ASP S 99 -29.18 -50.23 -6.19
C ASP S 99 -28.58 -51.24 -5.23
N TRP S 100 -27.26 -51.15 -5.04
CA TRP S 100 -26.55 -52.15 -4.25
C TRP S 100 -27.11 -52.26 -2.84
N GLY S 101 -27.51 -51.14 -2.23
CA GLY S 101 -28.09 -51.17 -0.91
C GLY S 101 -27.26 -50.54 0.18
N GLY S 102 -26.20 -49.83 -0.16
CA GLY S 102 -25.39 -49.19 0.85
C GLY S 102 -26.14 -48.05 1.55
N ALA S 103 -25.57 -47.60 2.66
CA ALA S 103 -26.19 -46.54 3.44
C ALA S 103 -26.32 -45.25 2.63
N SER S 104 -25.27 -44.91 1.89
CA SER S 104 -25.25 -43.68 1.10
C SER S 104 -24.74 -43.89 -0.32
N ASP S 105 -24.66 -45.13 -0.79
CA ASP S 105 -24.10 -45.44 -2.10
C ASP S 105 -25.23 -45.81 -3.06
N ARG S 106 -25.43 -44.99 -4.08
CA ARG S 106 -26.41 -45.28 -5.13
C ARG S 106 -25.66 -45.86 -6.33
N VAL S 107 -25.34 -47.14 -6.23
CA VAL S 107 -24.57 -47.86 -7.24
C VAL S 107 -25.31 -49.13 -7.61
N PHE S 108 -25.41 -49.38 -8.91
CA PHE S 108 -26.13 -50.53 -9.44
C PHE S 108 -25.21 -51.73 -9.56
N ASP S 109 -25.73 -52.89 -9.17
CA ASP S 109 -24.95 -54.12 -9.23
C ASP S 109 -25.47 -55.08 -10.30
N TYR S 110 -26.76 -55.40 -10.23
CA TYR S 110 -27.36 -56.41 -11.10
C TYR S 110 -28.19 -55.69 -12.17
N TRP S 111 -27.52 -55.33 -13.26
CA TRP S 111 -28.17 -54.67 -14.38
C TRP S 111 -29.07 -55.64 -15.14
N GLY S 112 -30.09 -55.08 -15.79
CA GLY S 112 -30.88 -55.84 -16.74
C GLY S 112 -30.26 -55.82 -18.12
N ARG S 113 -30.82 -56.65 -19.00
CA ARG S 113 -30.33 -56.74 -20.37
C ARG S 113 -30.68 -55.47 -21.14
N GLY S 114 -31.94 -55.03 -21.06
CA GLY S 114 -32.40 -53.84 -21.76
C GLY S 114 -33.49 -54.16 -22.77
N THR S 115 -34.53 -53.33 -22.81
CA THR S 115 -35.57 -53.40 -23.82
C THR S 115 -35.56 -52.12 -24.64
N LEU S 116 -35.49 -52.25 -25.95
CA LEU S 116 -35.20 -51.13 -26.84
C LEU S 116 -36.50 -50.53 -27.36
N VAL S 117 -36.61 -49.20 -27.26
CA VAL S 117 -37.81 -48.47 -27.64
C VAL S 117 -37.46 -47.55 -28.80
N ILE S 118 -38.26 -47.59 -29.87
CA ILE S 118 -38.05 -46.76 -31.04
C ILE S 118 -39.16 -45.72 -31.09
N VAL S 119 -38.78 -44.46 -31.26
CA VAL S 119 -39.71 -43.38 -31.56
C VAL S 119 -39.48 -42.95 -32.99
N SER S 120 -40.41 -43.27 -33.87
CA SER S 120 -40.26 -42.99 -35.29
C SER S 120 -41.65 -42.94 -35.92
N SER S 121 -41.69 -42.58 -37.20
CA SER S 121 -42.95 -42.49 -37.93
C SER S 121 -42.79 -43.02 -39.35
N ASP T 1 -22.58 -51.26 2.75
CA ASP T 1 -22.07 -51.98 3.92
C ASP T 1 -21.05 -51.15 4.68
N ILE T 2 -20.90 -51.44 5.97
CA ILE T 2 -20.00 -50.70 6.85
C ILE T 2 -18.89 -51.65 7.29
N GLN T 3 -17.64 -51.25 7.07
CA GLN T 3 -16.50 -52.07 7.43
C GLN T 3 -15.85 -51.51 8.70
N MET T 4 -15.79 -52.33 9.76
CA MET T 4 -15.10 -51.93 10.97
C MET T 4 -13.70 -52.53 11.00
N THR T 5 -12.76 -51.81 11.59
CA THR T 5 -11.41 -52.30 11.81
C THR T 5 -11.13 -52.26 13.30
N GLN T 6 -10.77 -53.41 13.87
CA GLN T 6 -10.44 -53.52 15.28
C GLN T 6 -8.95 -53.78 15.44
N SER T 7 -8.30 -52.97 16.27
CA SER T 7 -6.87 -53.04 16.51
C SER T 7 -6.60 -53.15 18.00
N PRO T 8 -5.54 -53.88 18.38
CA PRO T 8 -4.60 -54.65 17.54
C PRO T 8 -5.17 -55.98 17.06
N SER T 9 -4.53 -56.62 16.08
CA SER T 9 -4.98 -57.92 15.62
C SER T 9 -4.82 -58.98 16.70
N THR T 10 -3.70 -58.94 17.43
CA THR T 10 -3.43 -59.86 18.52
C THR T 10 -2.72 -59.11 19.64
N LEU T 11 -3.19 -59.30 20.87
CA LEU T 11 -2.65 -58.59 22.04
C LEU T 11 -2.41 -59.63 23.13
N SER T 12 -1.14 -59.96 23.37
CA SER T 12 -0.79 -60.90 24.43
C SER T 12 -0.61 -60.17 25.75
N ALA T 13 -1.12 -60.77 26.81
CA ALA T 13 -1.04 -60.17 28.15
C ALA T 13 -1.17 -61.27 29.19
N SER T 14 -0.86 -60.91 30.43
CA SER T 14 -0.90 -61.84 31.56
C SER T 14 -2.13 -61.57 32.42
N VAL T 15 -2.39 -62.52 33.32
CA VAL T 15 -3.54 -62.40 34.21
C VAL T 15 -3.32 -61.23 35.17
N GLY T 16 -4.36 -60.43 35.38
CA GLY T 16 -4.29 -59.26 36.23
C GLY T 16 -3.96 -57.97 35.50
N ASP T 17 -3.64 -58.04 34.21
CA ASP T 17 -3.35 -56.85 33.43
C ASP T 17 -4.65 -56.19 32.97
N ARG T 18 -4.53 -54.96 32.48
CA ARG T 18 -5.65 -54.24 31.90
C ARG T 18 -5.41 -54.07 30.41
N VAL T 19 -6.36 -54.56 29.60
CA VAL T 19 -6.23 -54.55 28.14
C VAL T 19 -7.42 -53.81 27.56
N THR T 20 -7.18 -53.04 26.50
CA THR T 20 -8.21 -52.30 25.80
C THR T 20 -8.17 -52.67 24.32
N ILE T 21 -9.31 -53.08 23.79
CA ILE T 21 -9.45 -53.39 22.36
C ILE T 21 -10.38 -52.35 21.75
N THR T 22 -10.00 -51.86 20.58
CA THR T 22 -10.74 -50.81 19.90
C THR T 22 -11.48 -51.38 18.70
N CYS T 23 -12.39 -50.58 18.16
CA CYS T 23 -13.14 -50.94 16.96
C CYS T 23 -13.47 -49.68 16.19
N ARG T 24 -12.86 -49.52 15.02
CA ARG T 24 -13.00 -48.32 14.20
C ARG T 24 -13.88 -48.65 13.00
N ALA T 25 -15.00 -47.94 12.88
CA ALA T 25 -15.91 -48.14 11.77
C ALA T 25 -15.54 -47.23 10.60
N SER T 26 -15.88 -47.69 9.39
CA SER T 26 -15.61 -46.90 8.20
C SER T 26 -16.40 -45.59 8.17
N GLN T 27 -17.54 -45.55 8.86
CA GLN T 27 -18.34 -44.34 8.93
C GLN T 27 -19.14 -44.39 10.23
N SER T 28 -19.63 -43.22 10.67
CA SER T 28 -20.23 -43.10 12.00
C SER T 28 -21.41 -44.03 12.17
N VAL T 29 -21.37 -44.81 13.26
CA VAL T 29 -22.41 -45.78 13.55
C VAL T 29 -23.14 -45.44 14.85
N SER T 30 -23.07 -44.18 15.28
CA SER T 30 -23.73 -43.68 16.48
C SER T 30 -23.28 -44.53 17.66
N THR T 31 -24.18 -45.23 18.36
CA THR T 31 -23.80 -46.16 19.42
C THR T 31 -24.24 -47.59 19.10
N SER T 32 -24.64 -47.84 17.86
CA SER T 32 -25.19 -49.14 17.46
C SER T 32 -24.06 -50.12 17.13
N LEU T 33 -23.27 -50.44 18.16
CA LEU T 33 -22.18 -51.39 18.03
C LEU T 33 -22.22 -52.36 19.21
N ALA T 34 -21.93 -53.62 18.93
CA ALA T 34 -21.93 -54.66 19.95
C ALA T 34 -20.65 -55.48 19.84
N TRP T 35 -20.18 -55.97 20.98
CA TRP T 35 -18.96 -56.74 21.09
C TRP T 35 -19.26 -58.16 21.53
N TYR T 36 -18.37 -59.10 21.18
CA TYR T 36 -18.58 -60.51 21.46
C TYR T 36 -17.28 -61.12 21.95
N GLN T 37 -17.38 -62.24 22.68
CA GLN T 37 -16.23 -63.08 22.97
C GLN T 37 -16.48 -64.45 22.37
N GLN T 38 -15.47 -65.00 21.71
CA GLN T 38 -15.57 -66.31 21.06
C GLN T 38 -14.41 -67.18 21.50
N LYS T 39 -14.70 -68.22 22.29
CA LYS T 39 -13.69 -69.19 22.67
C LYS T 39 -13.54 -70.25 21.58
N PRO T 40 -12.36 -70.84 21.43
CA PRO T 40 -12.18 -71.88 20.42
C PRO T 40 -13.15 -73.03 20.62
N GLY T 41 -13.75 -73.49 19.52
CA GLY T 41 -14.74 -74.55 19.58
C GLY T 41 -16.12 -74.12 20.03
N LYS T 42 -16.32 -72.84 20.31
CA LYS T 42 -17.58 -72.33 20.80
C LYS T 42 -18.03 -71.13 19.97
N ALA T 43 -19.33 -70.96 19.86
CA ALA T 43 -19.88 -69.79 19.19
C ALA T 43 -19.57 -68.53 19.98
N PRO T 44 -19.42 -67.39 19.31
CA PRO T 44 -19.20 -66.14 20.03
C PRO T 44 -20.37 -65.82 20.95
N ASN T 45 -20.06 -65.24 22.10
CA ASN T 45 -21.07 -64.81 23.07
C ASN T 45 -21.05 -63.30 23.17
N LEU T 46 -22.23 -62.71 23.35
CA LEU T 46 -22.33 -61.25 23.43
C LEU T 46 -21.76 -60.75 24.74
N LEU T 47 -21.06 -59.62 24.69
CA LEU T 47 -20.54 -58.94 25.87
C LEU T 47 -21.24 -57.62 26.16
N ILE T 48 -21.27 -56.72 25.18
CA ILE T 48 -21.81 -55.37 25.35
C ILE T 48 -22.70 -55.05 24.15
N TYR T 49 -23.84 -54.43 24.42
CA TYR T 49 -24.66 -53.82 23.38
C TYR T 49 -24.80 -52.33 23.68
N GLN T 50 -25.29 -51.58 22.67
CA GLN T 50 -25.26 -50.11 22.68
C GLN T 50 -23.85 -49.58 22.91
N ALA T 51 -22.85 -50.45 22.72
CA ALA T 51 -21.43 -50.12 22.81
C ALA T 51 -21.02 -49.74 24.23
N SER T 52 -21.98 -49.67 25.16
CA SER T 52 -21.69 -49.32 26.54
C SER T 52 -22.46 -50.14 27.56
N THR T 53 -23.49 -50.88 27.15
CA THR T 53 -24.39 -51.51 28.11
C THR T 53 -24.00 -52.97 28.32
N LEU T 54 -23.85 -53.37 29.58
CA LEU T 54 -23.45 -54.72 29.93
C LEU T 54 -24.64 -55.67 29.76
N TYR T 55 -24.38 -56.83 29.15
CA TYR T 55 -25.40 -57.86 29.06
C TYR T 55 -25.53 -58.61 30.38
N ARG T 56 -26.74 -59.14 30.63
CA ARG T 56 -26.99 -59.89 31.85
C ARG T 56 -26.11 -61.13 31.91
N GLY T 57 -25.50 -61.35 33.07
CA GLY T 57 -24.63 -62.50 33.27
C GLY T 57 -23.20 -62.30 32.80
N VAL T 58 -22.88 -61.18 32.18
CA VAL T 58 -21.53 -60.86 31.75
C VAL T 58 -20.80 -60.21 32.92
N PRO T 59 -19.57 -60.63 33.24
CA PRO T 59 -18.87 -60.05 34.39
C PRO T 59 -18.69 -58.54 34.24
N SER T 60 -18.76 -57.85 35.39
CA SER T 60 -18.64 -56.40 35.39
C SER T 60 -17.25 -55.91 35.01
N ARG T 61 -16.26 -56.82 34.95
CA ARG T 61 -14.92 -56.44 34.53
C ARG T 61 -14.86 -56.00 33.07
N PHE T 62 -15.89 -56.31 32.28
CA PHE T 62 -15.96 -55.88 30.89
C PHE T 62 -16.75 -54.59 30.81
N SER T 63 -16.18 -53.57 30.17
CA SER T 63 -16.83 -52.28 30.04
C SER T 63 -16.59 -51.74 28.65
N GLY T 64 -17.65 -51.18 28.05
CA GLY T 64 -17.56 -50.64 26.70
C GLY T 64 -17.77 -49.15 26.65
N SER T 65 -17.13 -48.49 25.69
CA SER T 65 -17.22 -47.04 25.58
C SER T 65 -16.96 -46.64 24.14
N GLY T 66 -17.31 -45.41 23.81
CA GLY T 66 -17.09 -44.84 22.50
C GLY T 66 -18.39 -44.64 21.74
N SER T 67 -18.31 -43.72 20.77
CA SER T 67 -19.45 -43.39 19.93
C SER T 67 -18.93 -42.87 18.60
N GLY T 68 -19.80 -42.88 17.59
CA GLY T 68 -19.40 -42.41 16.29
C GLY T 68 -18.61 -43.43 15.52
N THR T 69 -17.30 -43.21 15.42
CA THR T 69 -16.40 -44.13 14.73
C THR T 69 -15.40 -44.82 15.64
N GLU T 70 -15.06 -44.22 16.78
CA GLU T 70 -14.02 -44.75 17.67
C GLU T 70 -14.69 -45.34 18.91
N PHE T 71 -14.59 -46.66 19.07
CA PHE T 71 -15.15 -47.37 20.21
C PHE T 71 -14.08 -48.25 20.84
N THR T 72 -14.24 -48.56 22.12
CA THR T 72 -13.27 -49.37 22.85
C THR T 72 -13.96 -50.31 23.82
N LEU T 73 -13.48 -51.55 23.85
CA LEU T 73 -13.74 -52.50 24.92
C LEU T 73 -12.57 -52.45 25.89
N THR T 74 -12.88 -52.40 27.19
CA THR T 74 -11.87 -52.45 28.23
C THR T 74 -12.24 -53.55 29.22
N ILE T 75 -11.28 -54.42 29.51
CA ILE T 75 -11.38 -55.36 30.62
C ILE T 75 -10.45 -54.82 31.71
N GLY T 76 -11.05 -54.44 32.84
CA GLY T 76 -10.28 -53.76 33.87
C GLY T 76 -9.18 -54.63 34.46
N SER T 77 -9.50 -55.88 34.75
CA SER T 77 -8.53 -56.82 35.34
C SER T 77 -8.64 -58.13 34.58
N LEU T 78 -7.58 -58.51 33.87
CA LEU T 78 -7.59 -59.74 33.11
C LEU T 78 -7.56 -60.94 34.04
N GLN T 79 -8.47 -61.87 33.81
CA GLN T 79 -8.56 -63.13 34.55
C GLN T 79 -8.30 -64.29 33.59
N PRO T 80 -7.90 -65.46 34.13
CA PRO T 80 -7.49 -66.55 33.24
C PRO T 80 -8.59 -67.03 32.29
N ASP T 81 -9.85 -66.82 32.63
CA ASP T 81 -10.96 -67.28 31.81
C ASP T 81 -11.29 -66.35 30.66
N ASP T 82 -10.62 -65.20 30.56
CA ASP T 82 -10.86 -64.26 29.48
C ASP T 82 -9.81 -64.33 28.37
N PHE T 83 -9.35 -65.53 28.03
CA PHE T 83 -8.45 -65.72 26.90
C PHE T 83 -9.25 -66.32 25.75
N ALA T 84 -9.57 -65.50 24.75
CA ALA T 84 -10.40 -65.93 23.63
C ALA T 84 -10.30 -64.93 22.48
N THR T 85 -11.16 -65.08 21.47
CA THR T 85 -11.22 -64.14 20.36
C THR T 85 -12.43 -63.23 20.53
N TYR T 86 -12.19 -61.92 20.43
CA TYR T 86 -13.23 -60.92 20.67
C TYR T 86 -13.42 -60.09 19.42
N TYR T 87 -14.68 -59.87 19.04
CA TYR T 87 -15.01 -59.21 17.79
C TYR T 87 -15.97 -58.06 18.09
N CYS T 88 -16.10 -57.13 17.14
CA CYS T 88 -17.06 -56.04 17.26
C CYS T 88 -18.04 -56.07 16.09
N GLN T 89 -19.30 -55.72 16.38
CA GLN T 89 -20.37 -55.79 15.40
C GLN T 89 -21.19 -54.50 15.43
N HIS T 90 -21.67 -54.08 14.27
CA HIS T 90 -22.51 -52.90 14.15
C HIS T 90 -23.89 -53.31 13.66
N TYR T 91 -24.90 -52.53 14.06
CA TYR T 91 -26.26 -52.74 13.61
C TYR T 91 -26.92 -51.40 13.27
N ASN T 92 -26.18 -50.55 12.56
CA ASN T 92 -26.69 -49.24 12.19
C ASN T 92 -27.88 -49.37 11.25
N SER T 93 -28.88 -48.51 11.45
CA SER T 93 -30.07 -48.52 10.62
C SER T 93 -29.72 -48.16 9.18
N TYR T 94 -30.47 -48.73 8.24
CA TYR T 94 -30.25 -48.60 6.80
C TYR T 94 -28.89 -49.15 6.38
N SER T 95 -28.26 -49.99 7.20
CA SER T 95 -27.00 -50.63 6.87
C SER T 95 -27.07 -52.10 7.26
N ARG T 96 -26.40 -52.93 6.47
CA ARG T 96 -26.41 -54.38 6.69
C ARG T 96 -25.40 -54.76 7.76
N ILE T 97 -25.63 -55.93 8.38
CA ILE T 97 -24.75 -56.40 9.43
C ILE T 97 -23.49 -56.97 8.81
N THR T 98 -22.36 -56.31 9.08
CA THR T 98 -21.04 -56.85 8.77
C THR T 98 -20.26 -56.93 10.08
N PHE T 99 -19.09 -57.56 10.02
CA PHE T 99 -18.44 -58.01 11.24
C PHE T 99 -16.94 -57.73 11.14
N GLY T 100 -16.28 -57.66 12.29
CA GLY T 100 -14.90 -57.21 12.35
C GLY T 100 -13.89 -58.30 12.06
N GLN T 101 -12.60 -57.91 12.16
CA GLN T 101 -11.51 -58.84 11.88
C GLN T 101 -11.09 -59.62 13.12
N GLY T 102 -10.80 -58.95 14.23
CA GLY T 102 -10.57 -59.65 15.47
C GLY T 102 -9.30 -59.39 16.24
N THR T 103 -9.47 -59.09 17.54
CA THR T 103 -8.34 -59.05 18.46
C THR T 103 -8.32 -60.32 19.31
N ARG T 104 -7.15 -60.93 19.41
CA ARG T 104 -6.96 -62.17 20.17
C ARG T 104 -6.11 -61.88 21.39
N LEU T 105 -6.55 -62.37 22.55
CA LEU T 105 -5.79 -62.27 23.79
C LEU T 105 -5.07 -63.60 24.02
N GLU T 106 -3.75 -63.54 24.15
CA GLU T 106 -2.92 -64.72 24.29
C GLU T 106 -2.16 -64.65 25.62
N ILE T 107 -1.94 -65.81 26.24
CA ILE T 107 -1.27 -65.84 27.53
C ILE T 107 0.19 -65.43 27.37
N LYS T 108 0.67 -64.61 28.31
CA LYS T 108 2.02 -64.04 28.32
C LYS T 108 2.57 -63.71 26.93
N GLN U 1 -33.43 -74.35 28.70
CA GLN U 1 -32.61 -73.16 28.87
C GLN U 1 -32.43 -72.43 27.54
N VAL U 2 -33.20 -72.87 26.54
CA VAL U 2 -33.21 -72.30 25.19
C VAL U 2 -31.93 -72.73 24.48
N GLN U 3 -32.00 -73.81 23.72
CA GLN U 3 -30.86 -74.37 23.01
C GLN U 3 -31.27 -74.56 21.56
N LEU U 4 -30.37 -74.24 20.63
CA LEU U 4 -30.68 -74.24 19.21
C LEU U 4 -29.76 -75.23 18.51
N VAL U 5 -30.35 -76.16 17.75
CA VAL U 5 -29.61 -77.24 17.09
C VAL U 5 -29.74 -77.07 15.58
N GLU U 6 -28.62 -77.03 14.88
CA GLU U 6 -28.61 -77.02 13.43
C GLU U 6 -28.33 -78.41 12.88
N SER U 7 -28.73 -78.63 11.64
CA SER U 7 -28.53 -79.92 10.98
C SER U 7 -28.67 -79.73 9.48
N GLY U 8 -28.41 -80.81 8.75
CA GLY U 8 -28.58 -80.80 7.31
C GLY U 8 -27.33 -80.50 6.50
N GLY U 9 -26.16 -80.63 7.10
CA GLY U 9 -24.92 -80.32 6.41
C GLY U 9 -24.43 -81.44 5.53
N GLY U 10 -23.22 -81.25 5.00
CA GLY U 10 -22.58 -82.19 4.11
C GLY U 10 -21.66 -81.48 3.17
N VAL U 11 -21.20 -82.20 2.14
CA VAL U 11 -20.32 -81.65 1.11
C VAL U 11 -21.03 -81.77 -0.23
N VAL U 12 -21.05 -80.67 -0.98
CA VAL U 12 -21.72 -80.62 -2.27
C VAL U 12 -20.79 -79.99 -3.29
N GLN U 13 -21.05 -80.29 -4.56
CA GLN U 13 -20.30 -79.70 -5.66
C GLN U 13 -20.78 -78.28 -5.93
N PRO U 14 -19.94 -77.45 -6.54
CA PRO U 14 -20.39 -76.09 -6.89
C PRO U 14 -21.59 -76.12 -7.82
N GLY U 15 -22.53 -75.20 -7.58
CA GLY U 15 -23.76 -75.15 -8.34
C GLY U 15 -24.87 -76.02 -7.81
N ARG U 16 -24.61 -76.82 -6.78
CA ARG U 16 -25.62 -77.71 -6.22
C ARG U 16 -26.37 -77.03 -5.07
N SER U 17 -27.47 -77.65 -4.66
CA SER U 17 -28.34 -77.11 -3.64
C SER U 17 -28.20 -77.87 -2.34
N LEU U 18 -28.63 -77.25 -1.24
CA LEU U 18 -28.59 -77.86 0.08
C LEU U 18 -29.52 -77.11 1.03
N ARG U 19 -30.18 -77.84 1.92
CA ARG U 19 -31.11 -77.26 2.87
C ARG U 19 -30.51 -77.33 4.28
N LEU U 20 -30.58 -76.24 5.02
CA LEU U 20 -30.09 -76.16 6.38
C LEU U 20 -31.23 -75.75 7.31
N SER U 21 -31.34 -76.46 8.43
CA SER U 21 -32.38 -76.19 9.42
C SER U 21 -31.76 -76.08 10.81
N CYS U 22 -32.33 -75.20 11.62
CA CYS U 22 -31.90 -75.00 13.00
C CYS U 22 -33.12 -75.04 13.91
N ALA U 23 -33.90 -76.12 13.80
CA ALA U 23 -35.06 -76.33 14.66
C ALA U 23 -34.73 -76.04 16.12
N ALA U 24 -35.57 -75.22 16.74
CA ALA U 24 -35.33 -74.70 18.09
C ALA U 24 -35.78 -75.70 19.14
N SER U 25 -35.50 -75.35 20.40
CA SER U 25 -35.87 -76.17 21.55
C SER U 25 -36.06 -75.24 22.74
N ARG U 26 -37.25 -75.30 23.34
CA ARG U 26 -37.68 -74.51 24.51
C ARG U 26 -37.70 -73.01 24.20
N LEU U 27 -37.59 -72.62 22.94
CA LEU U 27 -37.61 -71.22 22.56
C LEU U 27 -39.02 -70.86 22.09
N THR U 28 -39.50 -69.69 22.48
CA THR U 28 -40.75 -69.19 21.93
C THR U 28 -40.48 -68.70 20.50
N PHE U 29 -40.46 -69.65 19.56
CA PHE U 29 -39.97 -69.37 18.21
C PHE U 29 -40.93 -68.47 17.45
N ARG U 30 -42.22 -68.50 17.80
CA ARG U 30 -43.24 -67.81 17.02
C ARG U 30 -43.09 -66.30 17.02
N ASN U 31 -42.86 -65.67 18.17
CA ASN U 31 -43.02 -64.23 18.30
C ASN U 31 -41.72 -63.46 18.15
N PHE U 32 -40.62 -64.12 17.84
CA PHE U 32 -39.32 -63.48 18.02
C PHE U 32 -38.41 -63.85 16.84
N GLY U 33 -37.64 -62.89 16.34
CA GLY U 33 -36.90 -63.04 15.09
C GLY U 33 -35.65 -63.90 15.12
N MET U 34 -35.17 -64.33 13.94
CA MET U 34 -34.02 -65.22 13.82
C MET U 34 -33.00 -64.64 12.85
N HIS U 35 -31.74 -65.06 13.02
CA HIS U 35 -30.62 -64.58 12.22
C HIS U 35 -29.77 -65.74 11.74
N TRP U 36 -29.18 -65.58 10.56
CA TRP U 36 -28.28 -66.55 9.97
C TRP U 36 -26.93 -65.88 9.71
N VAL U 37 -25.88 -66.41 10.32
CA VAL U 37 -24.56 -65.80 10.30
C VAL U 37 -23.54 -66.87 9.90
N ARG U 38 -22.61 -66.50 9.03
CA ARG U 38 -21.62 -67.42 8.47
C ARG U 38 -20.24 -67.08 9.02
N GLN U 39 -19.51 -68.11 9.44
CA GLN U 39 -18.14 -67.95 9.94
C GLN U 39 -17.20 -68.74 9.03
N THR U 40 -16.45 -68.02 8.20
CA THR U 40 -15.55 -68.63 7.23
C THR U 40 -14.35 -69.25 7.94
N PRO U 41 -13.69 -70.22 7.29
CA PRO U 41 -12.45 -70.76 7.87
C PRO U 41 -11.39 -69.72 8.16
N GLY U 42 -11.50 -68.51 7.59
CA GLY U 42 -10.64 -67.41 7.94
C GLY U 42 -11.00 -66.71 9.23
N LYS U 43 -11.91 -67.30 10.01
CA LYS U 43 -12.36 -66.78 11.30
C LYS U 43 -13.11 -65.46 11.19
N GLY U 44 -13.56 -65.11 9.98
CA GLY U 44 -14.41 -63.96 9.82
C GLY U 44 -15.88 -64.34 9.89
N LEU U 45 -16.68 -63.47 10.49
CA LEU U 45 -18.12 -63.67 10.60
C LEU U 45 -18.80 -62.81 9.55
N GLU U 46 -19.81 -63.37 8.89
CA GLU U 46 -20.59 -62.66 7.90
C GLU U 46 -22.07 -62.96 8.10
N TRP U 47 -22.86 -61.92 8.34
CA TRP U 47 -24.29 -62.09 8.45
C TRP U 47 -24.90 -62.44 7.10
N VAL U 48 -25.86 -63.35 7.11
CA VAL U 48 -26.45 -63.89 5.89
C VAL U 48 -27.86 -63.35 5.65
N ALA U 49 -28.78 -63.61 6.57
CA ALA U 49 -30.18 -63.27 6.33
C ALA U 49 -30.90 -63.10 7.65
N VAL U 50 -32.08 -62.47 7.58
CA VAL U 50 -32.94 -62.26 8.73
C VAL U 50 -34.38 -62.50 8.30
N ILE U 51 -35.17 -63.14 9.17
CA ILE U 51 -36.60 -63.33 8.95
C ILE U 51 -37.34 -62.84 10.18
N TRP U 52 -38.46 -62.15 9.96
CA TRP U 52 -39.21 -61.51 11.02
C TRP U 52 -40.14 -62.50 11.70
N HIS U 53 -40.89 -62.02 12.70
CA HIS U 53 -41.66 -62.89 13.58
C HIS U 53 -42.67 -63.72 12.80
N ASP U 54 -43.38 -63.10 11.86
CA ASP U 54 -44.33 -63.80 11.01
C ASP U 54 -43.79 -64.13 9.63
N GLY U 55 -42.51 -63.86 9.38
CA GLY U 55 -41.93 -64.11 8.09
C GLY U 55 -42.44 -63.20 6.98
N SER U 56 -42.88 -61.99 7.32
CA SER U 56 -43.44 -61.09 6.32
C SER U 56 -42.39 -60.69 5.29
N ASN U 57 -41.17 -60.40 5.74
CA ASN U 57 -40.13 -59.86 4.87
C ASN U 57 -38.86 -60.70 4.99
N LYS U 58 -38.04 -60.66 3.94
CA LYS U 58 -36.72 -61.28 3.95
C LYS U 58 -35.68 -60.24 3.59
N PHE U 59 -34.69 -60.04 4.46
CA PHE U 59 -33.52 -59.24 4.13
C PHE U 59 -32.27 -60.09 4.16
N TYR U 60 -31.51 -60.02 3.07
CA TYR U 60 -30.36 -60.87 2.82
C TYR U 60 -29.12 -59.99 2.64
N ALA U 61 -27.95 -60.61 2.82
CA ALA U 61 -26.71 -59.92 2.49
C ALA U 61 -26.55 -59.86 0.97
N ASP U 62 -25.74 -58.90 0.51
CA ASP U 62 -25.54 -58.75 -0.92
C ASP U 62 -24.82 -59.94 -1.53
N SER U 63 -23.94 -60.60 -0.77
CA SER U 63 -23.23 -61.77 -1.27
C SER U 63 -24.14 -62.99 -1.37
N VAL U 64 -25.28 -62.99 -0.67
CA VAL U 64 -26.20 -64.12 -0.69
C VAL U 64 -27.54 -63.74 -1.32
N GLU U 65 -27.60 -62.63 -2.04
CA GLU U 65 -28.84 -62.21 -2.67
C GLU U 65 -29.13 -63.05 -3.90
N GLY U 66 -30.22 -63.82 -3.86
CA GLY U 66 -30.62 -64.67 -4.96
C GLY U 66 -30.04 -66.06 -4.95
N ARG U 67 -29.00 -66.31 -4.16
CA ARG U 67 -28.40 -67.63 -4.04
C ARG U 67 -28.85 -68.36 -2.78
N PHE U 68 -29.27 -67.63 -1.76
CA PHE U 68 -29.86 -68.19 -0.55
C PHE U 68 -31.32 -67.79 -0.46
N THR U 69 -32.12 -68.64 0.16
CA THR U 69 -33.51 -68.33 0.46
C THR U 69 -33.86 -68.94 1.81
N ILE U 70 -34.41 -68.11 2.71
CA ILE U 70 -34.75 -68.55 4.06
C ILE U 70 -36.26 -68.57 4.20
N SER U 71 -36.73 -69.48 5.05
CA SER U 71 -38.15 -69.61 5.32
C SER U 71 -38.33 -69.93 6.80
N ARG U 72 -39.51 -69.61 7.32
CA ARG U 72 -39.81 -69.82 8.73
C ARG U 72 -41.08 -70.64 8.85
N ASP U 73 -41.03 -71.65 9.72
CA ASP U 73 -42.19 -72.50 10.01
C ASP U 73 -42.35 -72.44 11.53
N ASN U 74 -43.28 -71.62 12.00
CA ASN U 74 -43.48 -71.44 13.44
C ASN U 74 -44.14 -72.65 14.08
N SER U 75 -44.94 -73.39 13.30
CA SER U 75 -45.70 -74.50 13.86
C SER U 75 -44.80 -75.60 14.39
N LYS U 76 -43.72 -75.91 13.66
CA LYS U 76 -42.82 -76.99 14.04
C LYS U 76 -41.58 -76.50 14.78
N ASN U 77 -41.58 -75.24 15.23
CA ASN U 77 -40.50 -74.69 16.05
C ASN U 77 -39.15 -74.78 15.34
N THR U 78 -39.14 -74.50 14.05
CA THR U 78 -37.95 -74.72 13.24
C THR U 78 -37.73 -73.56 12.27
N LEU U 79 -36.47 -73.36 11.91
CA LEU U 79 -36.04 -72.33 10.97
C LEU U 79 -35.30 -72.99 9.81
N TYR U 80 -35.54 -72.52 8.60
CA TYR U 80 -34.95 -73.12 7.40
C TYR U 80 -34.07 -72.10 6.69
N LEU U 81 -33.08 -72.63 5.97
CA LEU U 81 -32.28 -71.85 5.02
C LEU U 81 -31.97 -72.76 3.84
N GLN U 82 -32.35 -72.33 2.65
CA GLN U 82 -32.09 -73.07 1.43
C GLN U 82 -31.02 -72.35 0.62
N MET U 83 -30.21 -73.13 -0.10
CA MET U 83 -29.02 -72.63 -0.78
C MET U 83 -28.97 -73.18 -2.20
N ASN U 84 -28.59 -72.33 -3.15
CA ASN U 84 -28.47 -72.69 -4.56
C ASN U 84 -27.24 -72.02 -5.17
N SER U 85 -26.79 -72.56 -6.31
CA SER U 85 -25.73 -71.96 -7.11
C SER U 85 -24.48 -71.72 -6.29
N LEU U 86 -23.98 -72.79 -5.67
CA LEU U 86 -22.92 -72.67 -4.68
C LEU U 86 -21.55 -72.58 -5.34
N ARG U 87 -20.60 -72.00 -4.60
CA ARG U 87 -19.23 -71.88 -5.09
C ARG U 87 -18.27 -71.92 -3.90
N ASP U 88 -16.98 -71.78 -4.21
CA ASP U 88 -15.95 -72.04 -3.21
C ASP U 88 -15.96 -71.03 -2.07
N GLU U 89 -16.30 -69.77 -2.35
CA GLU U 89 -16.26 -68.76 -1.30
C GLU U 89 -17.35 -68.96 -0.25
N ASP U 90 -18.32 -69.85 -0.49
CA ASP U 90 -19.38 -70.11 0.46
C ASP U 90 -19.12 -71.32 1.35
N THR U 91 -17.86 -71.68 1.56
CA THR U 91 -17.54 -72.77 2.48
C THR U 91 -17.29 -72.20 3.87
N ALA U 92 -17.96 -72.78 4.87
CA ALA U 92 -17.92 -72.29 6.24
C ALA U 92 -18.75 -73.23 7.11
N ILE U 93 -18.69 -72.98 8.42
CA ILE U 93 -19.58 -73.62 9.38
C ILE U 93 -20.77 -72.70 9.59
N TYR U 94 -21.97 -73.17 9.28
CA TYR U 94 -23.17 -72.34 9.26
C TYR U 94 -23.80 -72.34 10.65
N TYR U 95 -24.09 -71.15 11.15
CA TYR U 95 -24.51 -70.92 12.52
C TYR U 95 -25.85 -70.19 12.54
N CYS U 96 -26.88 -70.87 13.05
CA CYS U 96 -28.14 -70.18 13.28
C CYS U 96 -27.98 -69.25 14.48
N ALA U 97 -28.65 -68.11 14.44
CA ALA U 97 -28.43 -67.07 15.43
C ALA U 97 -29.79 -66.60 15.93
N LYS U 98 -29.78 -65.95 17.10
CA LYS U 98 -31.04 -65.53 17.70
C LYS U 98 -30.85 -64.14 18.28
N ASP U 99 -31.75 -63.22 17.94
CA ASP U 99 -31.63 -61.83 18.32
C ASP U 99 -31.81 -61.67 19.82
N TRP U 100 -31.62 -60.45 20.33
CA TRP U 100 -31.93 -60.18 21.73
C TRP U 100 -33.40 -59.84 21.95
N GLY U 101 -34.03 -59.16 21.00
CA GLY U 101 -35.39 -58.69 21.17
C GLY U 101 -35.55 -57.24 21.53
N GLY U 102 -34.48 -56.46 21.49
CA GLY U 102 -34.59 -55.05 21.80
C GLY U 102 -35.35 -54.27 20.75
N ALA U 103 -35.80 -53.08 21.14
CA ALA U 103 -36.57 -52.23 20.23
C ALA U 103 -35.76 -51.85 19.00
N SER U 104 -34.49 -51.48 19.20
CA SER U 104 -33.60 -51.12 18.11
C SER U 104 -32.28 -51.87 18.17
N ASP U 105 -32.22 -53.01 18.85
CA ASP U 105 -30.98 -53.75 19.06
C ASP U 105 -30.99 -55.01 18.21
N ARG U 106 -30.07 -55.08 17.24
CA ARG U 106 -29.85 -56.31 16.48
C ARG U 106 -28.59 -56.98 17.02
N VAL U 107 -28.74 -57.60 18.20
CA VAL U 107 -27.65 -58.29 18.87
C VAL U 107 -28.13 -59.69 19.24
N PHE U 108 -27.17 -60.61 19.37
CA PHE U 108 -27.46 -62.03 19.51
C PHE U 108 -27.25 -62.47 20.96
N ASP U 109 -28.14 -63.35 21.44
CA ASP U 109 -28.01 -63.85 22.81
C ASP U 109 -27.70 -65.35 22.83
N TYR U 110 -28.60 -66.15 22.27
CA TYR U 110 -28.48 -67.60 22.27
C TYR U 110 -27.96 -68.04 20.91
N TRP U 111 -26.66 -68.29 20.87
CA TRP U 111 -25.96 -68.50 19.61
C TRP U 111 -25.98 -69.99 19.26
N GLY U 112 -25.81 -70.29 17.97
CA GLY U 112 -25.90 -71.66 17.52
C GLY U 112 -24.64 -72.47 17.76
N ARG U 113 -24.80 -73.80 17.66
CA ARG U 113 -23.65 -74.70 17.71
C ARG U 113 -22.84 -74.65 16.43
N GLY U 114 -23.51 -74.65 15.28
CA GLY U 114 -22.83 -74.62 14.00
C GLY U 114 -22.91 -75.93 13.22
N THR U 115 -23.08 -75.84 11.90
CA THR U 115 -23.11 -76.99 11.02
C THR U 115 -22.19 -76.72 9.83
N LEU U 116 -21.41 -77.73 9.47
CA LEU U 116 -20.39 -77.60 8.43
C LEU U 116 -20.95 -78.00 7.07
N VAL U 117 -20.81 -77.12 6.09
CA VAL U 117 -21.17 -77.39 4.71
C VAL U 117 -19.94 -77.08 3.86
N ILE U 118 -19.54 -78.03 3.02
CA ILE U 118 -18.32 -77.93 2.22
C ILE U 118 -18.69 -77.89 0.74
N VAL U 119 -18.11 -76.94 0.02
CA VAL U 119 -18.22 -76.87 -1.43
C VAL U 119 -16.90 -77.37 -2.02
N SER U 120 -16.94 -78.53 -2.63
CA SER U 120 -15.73 -79.17 -3.14
C SER U 120 -16.10 -80.09 -4.30
N SER U 121 -15.13 -80.85 -4.77
CA SER U 121 -15.34 -81.79 -5.87
C SER U 121 -14.28 -82.88 -5.85
#